data_4FIQ
#
_entry.id   4FIQ
#
_cell.length_a   59.295
_cell.length_b   178.558
_cell.length_c   109.227
_cell.angle_alpha   90.00
_cell.angle_beta   102.97
_cell.angle_gamma   90.00
#
_symmetry.space_group_name_H-M   'P 1 21 1'
#
loop_
_entity.id
_entity.type
_entity.pdbx_description
1 polymer 'Pyridoxal biosynthesis lyase pdxS'
2 water water
#
_entity_poly.entity_id   1
_entity_poly.type   'polypeptide(L)'
_entity_poly.pdbx_seq_one_letter_code
;MDKLKIIMEKGTERLKRGFAKMVKGGVIMDVTNAEQARIAEEAGAVAVMALHKVPADIRKAGGVARMAPVEKIQEIMDAV
TIPVMAKCRIGHEAEARILEALGVDMIDESEVLTPADPFFHIYKKKFTAPFVCGARNLGEAVRRIWEGAAMIRTKGEAGT
GNIIEAVRHVRLVNENIRLIQRMTDEEIYGVAEKFAEPYLRLAFSVKEISGLPKRVLENEPIYEGFTYREIVEDIYKILL
EIKKLGRLPVVNFAAGGVATPADAALMMAMGMDGVFVGSGIFKSSNPPKMARAIVEAVNHWDEPDVLAEISREIGEPMRG
QAIEELQVRMEERGI
;
_entity_poly.pdbx_strand_id   A,B,C,D,E,F
#
# COMPACT_ATOMS: atom_id res chain seq x y z
N ASP A 2 44.52 34.56 -25.62
CA ASP A 2 43.33 35.39 -25.36
C ASP A 2 42.40 35.42 -26.55
N LYS A 3 42.63 36.36 -27.46
CA LYS A 3 41.68 36.60 -28.54
C LYS A 3 41.75 35.46 -29.53
N LEU A 4 42.90 34.80 -29.56
CA LEU A 4 43.06 33.62 -30.39
C LEU A 4 42.35 32.45 -29.73
N LYS A 5 42.19 32.52 -28.41
CA LYS A 5 41.42 31.52 -27.69
C LYS A 5 39.97 31.49 -28.20
N ILE A 6 39.29 32.63 -28.16
CA ILE A 6 37.93 32.75 -28.73
C ILE A 6 37.87 32.14 -30.14
N ILE A 7 38.69 32.64 -31.06
CA ILE A 7 38.75 32.12 -32.42
C ILE A 7 38.86 30.59 -32.43
N MET A 8 39.66 30.04 -31.53
CA MET A 8 39.76 28.59 -31.39
C MET A 8 38.44 27.92 -30.99
N GLU A 9 37.84 28.42 -29.92
CA GLU A 9 36.62 27.84 -29.39
C GLU A 9 35.55 27.86 -30.47
N LYS A 10 35.52 28.96 -31.23
CA LYS A 10 34.55 29.09 -32.31
C LYS A 10 34.80 28.12 -33.45
N GLY A 11 36.06 27.97 -33.83
CA GLY A 11 36.42 27.08 -34.91
C GLY A 11 36.22 25.61 -34.58
N THR A 12 36.52 25.24 -33.34
CA THR A 12 36.35 23.85 -32.90
C THR A 12 34.86 23.50 -32.76
N GLU A 13 34.10 24.38 -32.14
CA GLU A 13 32.66 24.26 -32.12
C GLU A 13 32.19 23.98 -33.55
N ARG A 14 32.39 24.96 -34.43
CA ARG A 14 31.94 24.84 -35.81
C ARG A 14 32.40 23.54 -36.52
N LEU A 15 33.64 23.13 -36.30
CA LEU A 15 34.10 21.85 -36.82
C LEU A 15 33.25 20.68 -36.31
N LYS A 16 32.95 20.67 -35.00
CA LYS A 16 32.10 19.64 -34.40
C LYS A 16 30.67 19.68 -34.89
N ARG A 17 30.07 20.87 -34.87
CA ARG A 17 28.71 21.04 -35.37
C ARG A 17 28.63 20.64 -36.84
N GLY A 18 29.67 20.96 -37.60
CA GLY A 18 29.74 20.55 -38.98
C GLY A 18 29.55 19.06 -39.20
N PHE A 19 30.19 18.24 -38.37
CA PHE A 19 30.02 16.79 -38.52
C PHE A 19 28.55 16.41 -38.42
N ALA A 20 27.84 17.03 -37.49
CA ALA A 20 26.46 16.65 -37.25
C ALA A 20 25.59 16.99 -38.46
N LYS A 21 25.95 18.07 -39.16
CA LYS A 21 25.19 18.50 -40.32
C LYS A 21 25.16 17.43 -41.40
N MET A 22 26.18 16.59 -41.46
CA MET A 22 26.23 15.55 -42.49
C MET A 22 25.19 14.44 -42.33
N VAL A 23 24.67 14.26 -41.12
CA VAL A 23 23.59 13.28 -40.89
C VAL A 23 22.20 13.92 -40.99
N LYS A 24 22.15 15.25 -41.04
CA LYS A 24 20.90 15.98 -41.24
C LYS A 24 20.03 15.36 -42.33
N GLY A 25 18.79 15.05 -41.98
CA GLY A 25 17.81 14.61 -42.95
C GLY A 25 17.73 13.12 -43.15
N GLY A 26 18.42 12.38 -42.29
CA GLY A 26 18.45 10.93 -42.40
C GLY A 26 18.02 10.16 -41.15
N VAL A 27 18.05 8.85 -41.25
CA VAL A 27 17.70 7.99 -40.13
C VAL A 27 18.96 7.36 -39.57
N ILE A 28 19.23 7.57 -38.28
CA ILE A 28 20.30 6.85 -37.60
C ILE A 28 19.75 5.63 -36.88
N MET A 29 20.38 4.48 -37.10
CA MET A 29 19.83 3.20 -36.64
C MET A 29 20.69 2.57 -35.56
N ASP A 30 20.03 1.97 -34.58
CA ASP A 30 20.69 1.22 -33.50
C ASP A 30 20.99 -0.21 -33.98
N VAL A 31 22.22 -0.65 -33.84
CA VAL A 31 22.54 -2.00 -34.31
C VAL A 31 23.31 -2.77 -33.25
N THR A 32 23.03 -4.06 -33.16
CA THR A 32 23.74 -4.91 -32.21
C THR A 32 24.75 -5.89 -32.80
N ASN A 33 25.15 -5.71 -34.06
CA ASN A 33 26.12 -6.60 -34.67
C ASN A 33 26.46 -6.23 -36.12
N ALA A 34 27.49 -6.85 -36.68
CA ALA A 34 27.96 -6.43 -38.00
C ALA A 34 26.89 -6.70 -39.05
N GLU A 35 26.09 -7.72 -38.81
CA GLU A 35 25.05 -8.05 -39.77
C GLU A 35 24.00 -6.94 -39.83
N GLN A 36 23.60 -6.46 -38.67
CA GLN A 36 22.60 -5.42 -38.56
C GLN A 36 23.08 -4.07 -39.11
N ALA A 37 24.33 -3.71 -38.83
CA ALA A 37 24.93 -2.47 -39.33
C ALA A 37 25.01 -2.51 -40.85
N ARG A 38 25.04 -3.72 -41.39
CA ARG A 38 25.07 -3.90 -42.82
C ARG A 38 23.69 -3.66 -43.37
N ILE A 39 22.70 -4.30 -42.75
CA ILE A 39 21.31 -4.08 -43.13
C ILE A 39 20.99 -2.58 -43.15
N ALA A 40 21.50 -1.85 -42.18
CA ALA A 40 21.20 -0.43 -42.06
C ALA A 40 21.83 0.39 -43.20
N GLU A 41 23.12 0.16 -43.45
CA GLU A 41 23.79 0.91 -44.50
C GLU A 41 23.14 0.65 -45.85
N GLU A 42 22.75 -0.59 -46.10
CA GLU A 42 22.04 -0.95 -47.33
C GLU A 42 20.69 -0.23 -47.45
N ALA A 43 20.03 -0.07 -46.30
CA ALA A 43 18.71 0.55 -46.25
C ALA A 43 18.74 2.07 -46.42
N GLY A 44 19.88 2.70 -46.19
CA GLY A 44 19.96 4.13 -46.42
C GLY A 44 20.21 4.94 -45.16
N ALA A 45 20.46 4.27 -44.04
CA ALA A 45 20.87 4.95 -42.82
C ALA A 45 22.07 5.86 -43.06
N VAL A 46 22.09 7.01 -42.41
CA VAL A 46 23.13 7.99 -42.63
C VAL A 46 24.26 7.76 -41.65
N ALA A 47 23.93 7.07 -40.56
CA ALA A 47 24.92 6.64 -39.57
C ALA A 47 24.27 5.52 -38.79
N VAL A 48 25.04 4.82 -37.97
CA VAL A 48 24.49 3.82 -37.06
C VAL A 48 24.99 4.01 -35.63
N MET A 49 24.13 3.67 -34.67
CA MET A 49 24.50 3.71 -33.26
C MET A 49 24.81 2.27 -32.80
N ALA A 50 26.01 2.08 -32.27
CA ALA A 50 26.48 0.76 -31.86
C ALA A 50 26.12 0.40 -30.42
N LEU A 51 25.55 -0.79 -30.28
CA LEU A 51 25.39 -1.35 -28.95
C LEU A 51 25.51 -2.88 -28.98
N HIS A 52 25.65 -3.50 -27.83
CA HIS A 52 25.84 -4.94 -27.74
C HIS A 52 24.52 -5.57 -27.31
N LYS A 53 24.04 -5.12 -26.17
CA LYS A 53 22.75 -5.54 -25.67
C LYS A 53 21.93 -4.27 -25.60
N VAL A 54 20.60 -4.39 -25.66
CA VAL A 54 19.77 -3.19 -25.62
C VAL A 54 19.57 -2.68 -24.18
N PRO A 55 20.05 -1.46 -23.92
CA PRO A 55 19.92 -0.82 -22.60
C PRO A 55 18.49 -0.90 -22.04
N ALA A 56 17.49 -0.68 -22.87
CA ALA A 56 16.09 -0.76 -22.44
C ALA A 56 15.79 -2.13 -21.84
N ASP A 57 16.37 -3.16 -22.47
CA ASP A 57 16.27 -4.53 -21.98
C ASP A 57 17.01 -4.74 -20.66
N ILE A 58 18.24 -4.22 -20.58
CA ILE A 58 19.07 -4.41 -19.40
C ILE A 58 18.35 -3.86 -18.16
N ARG A 59 17.68 -2.73 -18.33
CA ARG A 59 17.09 -2.01 -17.21
C ARG A 59 15.63 -2.38 -16.93
N LYS A 60 15.01 -3.16 -17.80
CA LYS A 60 13.75 -3.80 -17.45
C LYS A 60 14.07 -4.98 -16.52
N ALA A 61 15.19 -5.65 -16.82
CA ALA A 61 15.74 -6.68 -15.93
C ALA A 61 16.54 -6.05 -14.77
N GLY A 62 16.57 -4.72 -14.71
CA GLY A 62 17.18 -4.01 -13.60
C GLY A 62 18.69 -4.17 -13.49
N GLY A 63 19.35 -4.24 -14.64
CA GLY A 63 20.79 -4.27 -14.66
C GLY A 63 21.42 -2.90 -14.71
N VAL A 64 22.73 -2.84 -14.50
CA VAL A 64 23.53 -1.67 -14.80
C VAL A 64 23.87 -1.66 -16.29
N ALA A 65 23.68 -0.54 -16.96
CA ALA A 65 24.01 -0.46 -18.39
C ALA A 65 25.22 0.44 -18.65
N ARG A 66 26.29 -0.15 -19.16
CA ARG A 66 27.54 0.56 -19.38
C ARG A 66 27.75 0.72 -20.86
N MET A 67 28.88 1.30 -21.25
CA MET A 67 29.22 1.32 -22.68
C MET A 67 29.42 -0.10 -23.24
N ALA A 68 29.06 -0.30 -24.50
CA ALA A 68 29.20 -1.61 -25.13
C ALA A 68 30.67 -2.07 -25.07
N PRO A 69 30.89 -3.38 -25.22
CA PRO A 69 32.25 -3.92 -25.22
C PRO A 69 33.05 -3.42 -26.42
N VAL A 70 34.27 -2.95 -26.19
CA VAL A 70 35.11 -2.39 -27.23
C VAL A 70 35.20 -3.24 -28.49
N GLU A 71 35.46 -4.53 -28.33
CA GLU A 71 35.62 -5.40 -29.47
C GLU A 71 34.36 -5.39 -30.29
N LYS A 72 33.25 -5.16 -29.64
CA LYS A 72 31.97 -5.19 -30.34
C LYS A 72 31.72 -3.91 -31.11
N ILE A 73 32.11 -2.78 -30.54
CA ILE A 73 32.02 -1.52 -31.25
C ILE A 73 32.85 -1.64 -32.51
N GLN A 74 34.06 -2.17 -32.36
CA GLN A 74 34.99 -2.33 -33.49
C GLN A 74 34.47 -3.26 -34.61
N GLU A 75 33.69 -4.28 -34.25
CA GLU A 75 33.08 -5.14 -35.27
C GLU A 75 32.12 -4.36 -36.17
N ILE A 76 31.37 -3.45 -35.57
CA ILE A 76 30.43 -2.62 -36.32
C ILE A 76 31.14 -1.59 -37.18
N MET A 77 32.14 -0.91 -36.63
CA MET A 77 33.00 -0.03 -37.43
C MET A 77 33.62 -0.76 -38.63
N ASP A 78 34.01 -2.03 -38.46
CA ASP A 78 34.62 -2.79 -39.54
C ASP A 78 33.59 -3.34 -40.53
N ALA A 79 32.32 -3.09 -40.28
CA ALA A 79 31.30 -3.57 -41.19
C ALA A 79 30.78 -2.50 -42.13
N VAL A 80 30.89 -1.23 -41.73
CA VAL A 80 30.23 -0.16 -42.49
C VAL A 80 31.13 1.00 -42.87
N THR A 81 30.71 1.73 -43.89
CA THR A 81 31.42 2.88 -44.38
C THR A 81 30.88 4.15 -43.77
N ILE A 82 29.60 4.15 -43.40
CA ILE A 82 28.93 5.30 -42.77
C ILE A 82 29.40 5.47 -41.35
N PRO A 83 29.25 6.68 -40.79
CA PRO A 83 29.65 7.01 -39.42
C PRO A 83 29.08 6.04 -38.38
N VAL A 84 29.91 5.70 -37.40
CA VAL A 84 29.47 4.86 -36.30
C VAL A 84 29.44 5.69 -35.05
N MET A 85 28.36 5.56 -34.28
CA MET A 85 28.22 6.23 -32.98
C MET A 85 28.22 5.21 -31.83
N ALA A 86 28.51 5.66 -30.62
CA ALA A 86 28.47 4.78 -29.44
C ALA A 86 28.03 5.54 -28.20
N LYS A 87 27.46 4.82 -27.25
CA LYS A 87 26.95 5.46 -26.03
C LYS A 87 27.90 5.36 -24.86
N CYS A 88 27.93 6.40 -24.04
CA CYS A 88 28.56 6.29 -22.73
C CYS A 88 27.58 6.80 -21.66
N ARG A 89 27.85 6.44 -20.42
CA ARG A 89 26.99 6.81 -19.32
C ARG A 89 27.20 8.28 -18.95
N ILE A 90 26.13 8.93 -18.51
CA ILE A 90 26.22 10.33 -18.16
C ILE A 90 27.36 10.60 -17.17
N GLY A 91 28.28 11.48 -17.54
CA GLY A 91 29.38 11.87 -16.68
C GLY A 91 30.60 10.96 -16.73
N HIS A 92 30.52 9.88 -17.51
CA HIS A 92 31.62 8.92 -17.57
C HIS A 92 32.73 9.38 -18.50
N GLU A 93 33.51 10.33 -18.00
CA GLU A 93 34.62 10.89 -18.73
C GLU A 93 35.48 9.80 -19.38
N ALA A 94 35.90 8.83 -18.57
CA ALA A 94 36.75 7.74 -19.04
C ALA A 94 36.12 6.84 -20.11
N GLU A 95 34.86 6.46 -19.96
CA GLU A 95 34.25 5.69 -21.05
C GLU A 95 34.30 6.48 -22.34
N ALA A 96 34.19 7.80 -22.25
CA ALA A 96 34.11 8.63 -23.43
C ALA A 96 35.48 8.83 -24.09
N ARG A 97 36.52 8.99 -23.26
CA ARG A 97 37.89 9.09 -23.77
C ARG A 97 38.27 7.78 -24.48
N ILE A 98 37.78 6.67 -23.95
CA ILE A 98 37.99 5.37 -24.59
C ILE A 98 37.34 5.28 -25.96
N LEU A 99 36.10 5.71 -26.06
CA LEU A 99 35.39 5.64 -27.33
C LEU A 99 36.02 6.58 -28.35
N GLU A 100 36.49 7.72 -27.87
CA GLU A 100 37.13 8.67 -28.76
C GLU A 100 38.45 8.09 -29.28
N ALA A 101 39.21 7.46 -28.40
CA ALA A 101 40.48 6.86 -28.81
C ALA A 101 40.26 5.63 -29.67
N LEU A 102 39.09 5.02 -29.55
CA LEU A 102 38.79 3.85 -30.35
C LEU A 102 38.46 4.32 -31.74
N GLY A 103 38.13 5.61 -31.84
CA GLY A 103 37.90 6.25 -33.12
C GLY A 103 36.45 6.24 -33.60
N VAL A 104 35.49 6.20 -32.68
CA VAL A 104 34.10 6.33 -33.11
C VAL A 104 33.86 7.76 -33.57
N ASP A 105 32.85 7.94 -34.39
CA ASP A 105 32.60 9.22 -35.04
C ASP A 105 31.87 10.19 -34.15
N MET A 106 30.92 9.69 -33.36
CA MET A 106 30.20 10.54 -32.44
C MET A 106 29.81 9.79 -31.18
N ILE A 107 29.95 10.46 -30.05
CA ILE A 107 29.61 9.85 -28.77
C ILE A 107 28.26 10.34 -28.23
N ASP A 108 27.38 9.40 -27.88
CA ASP A 108 26.09 9.74 -27.26
C ASP A 108 26.17 9.61 -25.76
N GLU A 109 26.25 10.73 -25.06
CA GLU A 109 26.24 10.70 -23.61
C GLU A 109 24.78 10.45 -23.24
N SER A 110 24.45 9.22 -22.88
CA SER A 110 23.08 8.74 -22.95
C SER A 110 22.40 8.44 -21.62
N GLU A 111 21.13 8.80 -21.51
CA GLU A 111 20.38 8.62 -20.25
C GLU A 111 19.67 7.27 -20.16
N VAL A 112 19.79 6.42 -21.19
CA VAL A 112 19.30 5.06 -21.08
C VAL A 112 20.35 4.13 -20.50
N LEU A 113 21.62 4.47 -20.69
CA LEU A 113 22.65 3.81 -19.91
C LEU A 113 22.47 4.27 -18.47
N THR A 114 23.12 3.59 -17.54
CA THR A 114 23.01 3.96 -16.14
C THR A 114 23.92 5.13 -15.83
N PRO A 115 23.33 6.25 -15.38
CA PRO A 115 24.16 7.42 -15.08
C PRO A 115 25.32 7.07 -14.18
N ALA A 116 26.43 7.76 -14.34
CA ALA A 116 27.65 7.48 -13.59
C ALA A 116 27.95 8.65 -12.68
N ASP A 117 27.33 9.79 -12.97
CA ASP A 117 27.54 11.00 -12.17
C ASP A 117 26.17 11.54 -11.81
N PRO A 118 25.93 11.77 -10.52
CA PRO A 118 24.59 12.22 -10.14
C PRO A 118 24.49 13.74 -10.19
N PHE A 119 25.61 14.42 -10.40
CA PHE A 119 25.63 15.89 -10.35
C PHE A 119 25.93 16.57 -11.70
N PHE A 120 26.79 15.96 -12.50
CA PHE A 120 27.39 16.66 -13.64
C PHE A 120 27.51 15.77 -14.85
N HIS A 121 27.30 16.33 -16.03
CA HIS A 121 27.60 15.63 -17.26
C HIS A 121 29.06 15.89 -17.65
N ILE A 122 29.55 15.15 -18.63
CA ILE A 122 30.87 15.38 -19.17
C ILE A 122 31.03 16.80 -19.69
N TYR A 123 32.20 17.40 -19.45
CA TYR A 123 32.53 18.68 -20.09
C TYR A 123 33.03 18.36 -21.46
N LYS A 124 32.10 18.22 -22.39
CA LYS A 124 32.36 17.87 -23.76
C LYS A 124 33.40 18.76 -24.51
N LYS A 125 33.48 20.05 -24.18
CA LYS A 125 34.40 20.99 -24.83
C LYS A 125 35.83 20.49 -24.89
N LYS A 126 36.27 19.77 -23.86
CA LYS A 126 37.62 19.19 -23.80
C LYS A 126 37.93 18.09 -24.82
N PHE A 127 36.90 17.52 -25.44
CA PHE A 127 37.07 16.36 -26.33
C PHE A 127 37.25 16.78 -27.77
N THR A 128 37.96 15.99 -28.57
CA THR A 128 38.00 16.33 -29.99
C THR A 128 36.86 15.61 -30.70
N ALA A 129 36.41 14.47 -30.16
CA ALA A 129 35.22 13.80 -30.68
C ALA A 129 33.94 14.59 -30.37
N PRO A 130 33.00 14.60 -31.31
CA PRO A 130 31.73 15.31 -31.09
C PRO A 130 30.69 14.47 -30.33
N PHE A 131 29.87 15.14 -29.53
CA PHE A 131 28.84 14.48 -28.73
C PHE A 131 27.43 14.80 -29.18
N VAL A 132 26.54 13.82 -28.99
CA VAL A 132 25.10 14.06 -29.05
C VAL A 132 24.51 13.82 -27.64
N CYS A 133 23.63 14.71 -27.19
CA CYS A 133 23.00 14.59 -25.87
C CYS A 133 21.49 14.67 -25.97
N GLY A 134 20.81 14.18 -24.94
CA GLY A 134 19.36 14.26 -24.89
C GLY A 134 18.87 15.56 -24.30
N ALA A 135 17.61 15.90 -24.58
CA ALA A 135 16.96 17.05 -23.99
C ALA A 135 15.48 16.75 -23.81
N ARG A 136 14.92 17.09 -22.65
CA ARG A 136 13.48 17.00 -22.45
C ARG A 136 12.83 18.38 -22.66
N ASN A 137 13.63 19.43 -22.56
CA ASN A 137 13.13 20.78 -22.71
C ASN A 137 14.27 21.72 -23.05
N LEU A 138 13.93 22.94 -23.42
CA LEU A 138 14.93 23.88 -23.89
C LEU A 138 15.99 24.08 -22.83
N GLY A 139 15.61 23.93 -21.57
CA GLY A 139 16.55 24.15 -20.47
C GLY A 139 17.68 23.12 -20.47
N GLU A 140 17.33 21.86 -20.67
CA GLU A 140 18.31 20.78 -20.76
C GLU A 140 19.20 21.00 -21.97
N ALA A 141 18.57 21.39 -23.08
CA ALA A 141 19.24 21.43 -24.38
C ALA A 141 20.35 22.45 -24.39
N VAL A 142 20.08 23.57 -23.72
CA VAL A 142 20.99 24.70 -23.67
C VAL A 142 22.13 24.39 -22.72
N ARG A 143 21.80 23.78 -21.58
CA ARG A 143 22.81 23.23 -20.70
C ARG A 143 23.76 22.25 -21.44
N ARG A 144 23.18 21.33 -22.20
CA ARG A 144 24.04 20.42 -22.96
C ARG A 144 24.89 21.17 -24.00
N ILE A 145 24.26 22.08 -24.74
CA ILE A 145 25.01 22.83 -25.75
C ILE A 145 26.14 23.59 -25.08
N TRP A 146 25.85 24.25 -23.98
CA TRP A 146 26.92 24.96 -23.30
C TRP A 146 28.08 24.03 -22.89
N GLU A 147 27.75 22.84 -22.41
CA GLU A 147 28.77 21.86 -22.05
C GLU A 147 29.52 21.35 -23.28
N GLY A 148 29.02 21.72 -24.45
CA GLY A 148 29.72 21.37 -25.66
C GLY A 148 29.10 20.30 -26.53
N ALA A 149 27.82 20.00 -26.32
CA ALA A 149 27.19 19.04 -27.22
C ALA A 149 27.24 19.59 -28.65
N ALA A 150 27.41 18.71 -29.63
CA ALA A 150 27.44 19.12 -31.02
C ALA A 150 26.07 18.90 -31.67
N MET A 151 25.22 18.19 -30.95
CA MET A 151 23.98 17.69 -31.50
C MET A 151 23.06 17.39 -30.34
N ILE A 152 21.78 17.70 -30.50
CA ILE A 152 20.77 17.39 -29.52
C ILE A 152 19.74 16.43 -30.11
N ARG A 153 19.31 15.46 -29.32
CA ARG A 153 18.10 14.69 -29.64
C ARG A 153 17.11 14.77 -28.46
N THR A 154 15.88 14.32 -28.70
CA THR A 154 14.89 14.25 -27.64
C THR A 154 15.19 13.02 -26.81
N LYS A 155 14.79 13.05 -25.54
CA LYS A 155 14.96 11.87 -24.70
C LYS A 155 13.92 10.85 -25.06
N GLY A 156 12.69 11.31 -25.23
CA GLY A 156 11.59 10.42 -25.53
C GLY A 156 11.39 9.37 -24.44
N GLU A 157 10.90 8.21 -24.86
CA GLU A 157 10.60 7.08 -23.99
C GLU A 157 11.18 5.88 -24.73
N ALA A 158 12.35 5.41 -24.29
CA ALA A 158 13.02 4.37 -25.06
C ALA A 158 12.47 2.98 -24.78
N GLY A 159 12.38 2.17 -25.83
CA GLY A 159 11.86 0.82 -25.73
C GLY A 159 10.38 0.70 -25.41
N THR A 160 9.56 1.65 -25.84
CA THR A 160 8.13 1.48 -25.67
C THR A 160 7.40 1.43 -27.00
N GLY A 161 7.95 2.10 -27.99
CA GLY A 161 7.26 2.26 -29.26
C GLY A 161 6.25 3.39 -29.20
N ASN A 162 6.22 4.10 -28.09
CA ASN A 162 5.28 5.19 -27.93
C ASN A 162 5.93 6.49 -28.36
N ILE A 163 5.29 7.19 -29.28
CA ILE A 163 5.83 8.43 -29.82
C ILE A 163 5.57 9.62 -28.88
N ILE A 164 4.67 9.44 -27.92
CA ILE A 164 4.15 10.56 -27.16
C ILE A 164 5.23 11.37 -26.48
N GLU A 165 6.21 10.70 -25.87
CA GLU A 165 7.24 11.41 -25.10
C GLU A 165 8.21 12.20 -25.98
N ALA A 166 8.49 11.72 -27.17
CA ALA A 166 9.27 12.53 -28.07
C ALA A 166 8.51 13.80 -28.42
N VAL A 167 7.22 13.66 -28.73
CA VAL A 167 6.41 14.80 -29.13
C VAL A 167 6.36 15.84 -28.02
N ARG A 168 6.15 15.39 -26.78
CA ARG A 168 6.20 16.30 -25.64
C ARG A 168 7.48 17.14 -25.62
N HIS A 169 8.63 16.48 -25.76
CA HIS A 169 9.89 17.21 -25.72
C HIS A 169 10.12 18.19 -26.86
N VAL A 170 9.70 17.83 -28.05
CA VAL A 170 9.78 18.71 -29.21
C VAL A 170 8.87 19.94 -29.03
N ARG A 171 7.66 19.69 -28.58
CA ARG A 171 6.74 20.75 -28.23
C ARG A 171 7.25 21.61 -27.06
N LEU A 172 8.01 21.01 -26.14
CA LEU A 172 8.50 21.78 -25.00
C LEU A 172 9.66 22.65 -25.44
N VAL A 173 10.49 22.13 -26.32
CA VAL A 173 11.58 22.94 -26.83
C VAL A 173 11.05 23.98 -27.80
N ASN A 174 10.25 23.57 -28.76
CA ASN A 174 9.76 24.50 -29.75
C ASN A 174 8.99 25.70 -29.19
N GLU A 175 8.05 25.45 -28.29
CA GLU A 175 7.29 26.57 -27.71
C GLU A 175 8.19 27.49 -26.93
N ASN A 176 9.20 26.92 -26.26
CA ASN A 176 10.12 27.71 -25.44
C ASN A 176 10.99 28.66 -26.27
N ILE A 177 11.27 28.25 -27.51
CA ILE A 177 12.02 29.07 -28.44
C ILE A 177 11.17 30.21 -28.94
N ARG A 178 9.93 29.92 -29.31
CA ARG A 178 9.02 30.96 -29.77
C ARG A 178 8.80 31.97 -28.66
N LEU A 179 8.71 31.47 -27.44
CA LEU A 179 8.67 32.34 -26.28
C LEU A 179 9.89 33.27 -26.21
N ILE A 180 11.08 32.68 -26.35
CA ILE A 180 12.31 33.45 -26.37
C ILE A 180 12.27 34.56 -27.40
N GLN A 181 11.74 34.25 -28.59
CA GLN A 181 11.68 35.24 -29.66
C GLN A 181 10.70 36.38 -29.37
N ARG A 182 9.78 36.19 -28.42
CA ARG A 182 8.88 37.27 -28.02
C ARG A 182 9.43 38.04 -26.83
N MET A 183 10.71 37.92 -26.54
CA MET A 183 11.22 38.51 -25.32
C MET A 183 12.25 39.63 -25.51
N THR A 184 12.34 40.49 -24.51
CA THR A 184 13.38 41.51 -24.47
C THR A 184 14.64 40.83 -23.97
N ASP A 185 15.77 41.41 -24.33
CA ASP A 185 17.03 40.87 -23.85
C ASP A 185 17.12 40.80 -22.32
N GLU A 186 16.46 41.70 -21.61
CA GLU A 186 16.47 41.61 -20.14
C GLU A 186 15.73 40.37 -19.66
N GLU A 187 14.51 40.21 -20.13
CA GLU A 187 13.68 39.06 -19.77
C GLU A 187 14.38 37.74 -20.06
N ILE A 188 15.21 37.70 -21.09
CA ILE A 188 15.90 36.48 -21.44
C ILE A 188 16.98 36.17 -20.42
N TYR A 189 17.64 37.21 -19.92
CA TYR A 189 18.70 37.03 -18.93
C TYR A 189 18.14 36.22 -17.75
N GLY A 190 16.88 36.48 -17.42
CA GLY A 190 16.24 35.77 -16.33
C GLY A 190 16.06 34.29 -16.60
N VAL A 191 15.71 33.94 -17.83
CA VAL A 191 15.55 32.54 -18.20
C VAL A 191 16.89 31.85 -18.08
N ALA A 192 17.92 32.52 -18.60
CA ALA A 192 19.30 32.10 -18.39
C ALA A 192 19.60 31.80 -16.89
N GLU A 193 19.27 32.75 -16.02
CA GLU A 193 19.43 32.54 -14.60
C GLU A 193 18.73 31.27 -14.14
N LYS A 194 17.56 31.00 -14.73
CA LYS A 194 16.83 29.78 -14.42
C LYS A 194 17.54 28.50 -14.95
N PHE A 195 18.05 28.56 -16.17
CA PHE A 195 18.64 27.38 -16.82
C PHE A 195 20.01 26.96 -16.25
N ALA A 196 20.64 27.87 -15.51
CA ALA A 196 21.91 27.56 -14.87
C ALA A 196 21.73 27.00 -13.45
N GLU A 197 20.51 27.06 -12.91
CA GLU A 197 20.23 26.66 -11.53
C GLU A 197 20.68 25.24 -11.18
N PRO A 198 20.44 24.28 -12.09
CA PRO A 198 20.84 22.88 -11.89
C PRO A 198 22.29 22.67 -11.55
N TYR A 199 23.21 23.53 -11.99
CA TYR A 199 24.63 23.39 -11.67
C TYR A 199 24.94 23.64 -10.19
N LEU A 200 23.92 23.88 -9.37
CA LEU A 200 24.15 24.28 -8.00
C LEU A 200 23.85 23.12 -7.06
N ARG A 201 23.46 21.99 -7.62
CA ARG A 201 23.00 20.89 -6.78
C ARG A 201 24.13 20.40 -5.87
N LEU A 202 25.31 20.20 -6.43
CA LEU A 202 26.45 19.76 -5.62
C LEU A 202 26.83 20.73 -4.50
N ALA A 203 27.12 21.98 -4.85
CA ALA A 203 27.35 23.02 -3.85
C ALA A 203 26.28 23.07 -2.75
N PHE A 204 25.01 22.96 -3.12
CA PHE A 204 23.93 23.03 -2.12
C PHE A 204 23.89 21.81 -1.20
N SER A 205 24.06 20.61 -1.77
CA SER A 205 24.18 19.40 -0.95
C SER A 205 25.31 19.52 0.08
N VAL A 206 26.49 19.90 -0.37
CA VAL A 206 27.60 20.09 0.53
C VAL A 206 27.29 21.09 1.64
N LYS A 207 26.66 22.21 1.30
CA LYS A 207 26.32 23.20 2.31
C LYS A 207 25.32 22.65 3.33
N GLU A 208 24.46 21.73 2.91
CA GLU A 208 23.56 21.11 3.87
C GLU A 208 24.35 20.19 4.80
N ILE A 209 25.26 19.41 4.22
CA ILE A 209 26.14 18.54 4.99
C ILE A 209 27.01 19.34 6.00
N SER A 210 27.17 20.64 5.74
CA SER A 210 28.04 21.46 6.57
C SER A 210 27.28 22.40 7.49
N GLY A 211 25.98 22.22 7.58
CA GLY A 211 25.23 23.09 8.47
C GLY A 211 25.13 24.53 7.99
N LEU A 212 25.50 24.78 6.74
CA LEU A 212 25.33 26.09 6.12
C LEU A 212 24.00 26.22 5.36
N PRO A 213 23.56 27.46 5.10
CA PRO A 213 22.34 27.71 4.31
C PRO A 213 22.59 27.60 2.81
N LYS A 214 21.61 27.12 2.06
CA LYS A 214 21.82 26.89 0.63
C LYS A 214 21.75 28.16 -0.21
N ARG A 215 22.84 28.92 -0.24
CA ARG A 215 22.87 30.16 -1.00
C ARG A 215 23.95 30.14 -2.06
N VAL A 216 23.72 30.86 -3.15
CA VAL A 216 24.75 31.04 -4.16
C VAL A 216 25.76 32.01 -3.61
N LEU A 217 27.02 31.85 -4.01
CA LEU A 217 28.06 32.80 -3.64
C LEU A 217 28.63 33.37 -4.93
N GLU A 218 29.14 34.59 -4.86
CA GLU A 218 29.48 35.34 -6.07
C GLU A 218 30.66 34.75 -6.85
N ASN A 219 31.69 34.32 -6.15
CA ASN A 219 32.90 33.88 -6.84
C ASN A 219 33.19 32.40 -6.65
N GLU A 220 32.22 31.70 -6.09
CA GLU A 220 32.32 30.26 -5.83
C GLU A 220 32.33 29.46 -7.13
N PRO A 221 33.48 28.88 -7.48
CA PRO A 221 33.46 28.05 -8.70
C PRO A 221 32.65 26.79 -8.46
N ILE A 222 31.73 26.53 -9.37
CA ILE A 222 30.75 25.48 -9.21
C ILE A 222 30.99 24.34 -10.19
N TYR A 223 31.41 24.67 -11.41
CA TYR A 223 31.58 23.63 -12.43
C TYR A 223 32.70 23.94 -13.41
N GLU A 224 33.70 23.08 -13.42
CA GLU A 224 34.83 23.17 -14.34
C GLU A 224 35.48 24.55 -14.31
N GLY A 225 35.47 25.18 -13.13
CA GLY A 225 36.11 26.47 -12.96
C GLY A 225 35.17 27.64 -13.06
N PHE A 226 33.98 27.43 -13.62
CA PHE A 226 33.01 28.51 -13.82
C PHE A 226 32.17 28.76 -12.59
N THR A 227 32.01 30.02 -12.23
CA THR A 227 31.03 30.39 -11.19
C THR A 227 29.62 30.50 -11.77
N TYR A 228 28.61 30.47 -10.92
CA TYR A 228 27.22 30.46 -11.38
C TYR A 228 26.91 31.63 -12.32
N ARG A 229 27.33 32.84 -11.92
CA ARG A 229 27.16 34.01 -12.75
C ARG A 229 27.84 33.86 -14.11
N GLU A 230 29.00 33.23 -14.13
CA GLU A 230 29.72 32.97 -15.38
C GLU A 230 28.95 32.05 -16.32
N ILE A 231 28.30 31.03 -15.75
CA ILE A 231 27.52 30.10 -16.57
C ILE A 231 26.28 30.81 -17.09
N VAL A 232 25.69 31.65 -16.24
CA VAL A 232 24.53 32.40 -16.68
C VAL A 232 24.87 33.29 -17.87
N GLU A 233 26.01 33.97 -17.79
CA GLU A 233 26.48 34.80 -18.90
C GLU A 233 26.54 34.00 -20.19
N ASP A 234 27.31 32.92 -20.17
CA ASP A 234 27.47 32.07 -21.35
C ASP A 234 26.12 31.56 -21.87
N ILE A 235 25.29 31.05 -20.98
CA ILE A 235 23.98 30.55 -21.39
C ILE A 235 23.16 31.64 -22.03
N TYR A 236 23.25 32.84 -21.48
CA TYR A 236 22.57 33.99 -22.04
C TYR A 236 22.97 34.22 -23.50
N LYS A 237 24.27 34.20 -23.77
CA LYS A 237 24.73 34.32 -25.16
C LYS A 237 24.05 33.25 -26.04
N ILE A 238 24.05 32.02 -25.58
CA ILE A 238 23.40 30.95 -26.33
C ILE A 238 21.90 31.23 -26.57
N LEU A 239 21.24 31.75 -25.55
CA LEU A 239 19.83 32.12 -25.72
C LEU A 239 19.66 33.20 -26.80
N LEU A 240 20.57 34.17 -26.84
CA LEU A 240 20.53 35.23 -27.85
C LEU A 240 20.73 34.71 -29.28
N GLU A 241 21.63 33.76 -29.44
CA GLU A 241 21.89 33.14 -30.73
C GLU A 241 20.58 32.44 -31.11
N ILE A 242 19.90 31.86 -30.13
CA ILE A 242 18.71 31.09 -30.43
C ILE A 242 17.60 32.03 -30.91
N LYS A 243 17.48 33.18 -30.27
CA LYS A 243 16.51 34.16 -30.69
C LYS A 243 16.68 34.55 -32.15
N LYS A 244 17.92 34.82 -32.58
CA LYS A 244 18.17 35.14 -33.99
C LYS A 244 17.77 33.99 -34.91
N LEU A 245 18.21 32.77 -34.60
CA LEU A 245 17.94 31.60 -35.45
C LEU A 245 16.50 31.07 -35.42
N GLY A 246 15.81 31.24 -34.31
CA GLY A 246 14.48 30.70 -34.20
C GLY A 246 14.47 29.18 -34.23
N ARG A 247 15.56 28.59 -33.74
CA ARG A 247 15.69 27.14 -33.66
C ARG A 247 16.97 26.93 -32.85
N LEU A 248 17.31 25.68 -32.55
CA LEU A 248 18.58 25.40 -31.89
C LEU A 248 19.73 25.63 -32.85
N PRO A 249 20.91 25.98 -32.34
CA PRO A 249 22.11 26.21 -33.18
C PRO A 249 22.88 24.93 -33.47
N VAL A 250 22.23 23.78 -33.33
CA VAL A 250 22.90 22.52 -33.60
C VAL A 250 21.87 21.58 -34.17
N VAL A 251 22.35 20.57 -34.88
CA VAL A 251 21.47 19.58 -35.46
C VAL A 251 20.62 18.99 -34.35
N ASN A 252 19.35 18.78 -34.64
CA ASN A 252 18.36 18.41 -33.64
C ASN A 252 17.41 17.31 -34.13
N PHE A 253 17.51 16.14 -33.49
CA PHE A 253 16.86 14.93 -33.99
C PHE A 253 15.80 14.41 -33.05
N ALA A 254 14.80 13.73 -33.60
CA ALA A 254 13.86 12.97 -32.78
C ALA A 254 14.40 11.57 -32.43
N ALA A 255 14.04 11.11 -31.25
CA ALA A 255 14.45 9.79 -30.75
C ALA A 255 13.49 9.35 -29.64
N GLY A 256 13.23 8.06 -29.57
CA GLY A 256 12.43 7.54 -28.47
C GLY A 256 11.02 7.25 -28.92
N GLY A 257 10.80 6.02 -29.36
CA GLY A 257 9.47 5.59 -29.74
C GLY A 257 9.15 5.76 -31.21
N VAL A 258 10.12 6.17 -32.02
CA VAL A 258 9.84 6.25 -33.46
C VAL A 258 9.74 4.87 -34.07
N ALA A 259 8.51 4.36 -34.16
CA ALA A 259 8.25 2.97 -34.54
C ALA A 259 7.56 2.77 -35.90
N THR A 260 7.07 3.83 -36.54
CA THR A 260 6.46 3.64 -37.85
C THR A 260 6.84 4.72 -38.86
N PRO A 261 6.77 4.38 -40.16
CA PRO A 261 6.96 5.42 -41.15
C PRO A 261 6.13 6.63 -40.77
N ALA A 262 4.87 6.40 -40.39
CA ALA A 262 4.00 7.46 -39.88
C ALA A 262 4.69 8.33 -38.81
N ASP A 263 5.24 7.69 -37.77
CA ASP A 263 5.93 8.40 -36.69
C ASP A 263 7.07 9.21 -37.25
N ALA A 264 7.84 8.60 -38.16
CA ALA A 264 9.02 9.25 -38.69
C ALA A 264 8.63 10.54 -39.38
N ALA A 265 7.59 10.47 -40.21
CA ALA A 265 7.07 11.64 -40.91
C ALA A 265 6.62 12.73 -39.93
N LEU A 266 5.84 12.35 -38.93
CA LEU A 266 5.36 13.28 -37.91
C LEU A 266 6.49 14.14 -37.36
N MET A 267 7.58 13.52 -36.94
CA MET A 267 8.67 14.29 -36.35
C MET A 267 9.26 15.26 -37.38
N MET A 268 9.42 14.81 -38.62
CA MET A 268 9.97 15.70 -39.64
C MET A 268 9.03 16.88 -39.89
N ALA A 269 7.73 16.64 -39.77
CA ALA A 269 6.75 17.69 -39.92
C ALA A 269 6.80 18.67 -38.75
N MET A 270 7.42 18.28 -37.64
CA MET A 270 7.55 19.17 -36.49
C MET A 270 8.86 19.92 -36.47
N GLY A 271 9.60 19.85 -37.58
CA GLY A 271 10.82 20.63 -37.72
C GLY A 271 12.11 19.97 -37.27
N MET A 272 12.03 18.69 -36.95
CA MET A 272 13.22 17.96 -36.54
C MET A 272 14.08 17.73 -37.77
N ASP A 273 15.39 17.75 -37.55
CA ASP A 273 16.35 17.56 -38.63
C ASP A 273 16.53 16.09 -39.02
N GLY A 274 15.96 15.17 -38.25
CA GLY A 274 16.14 13.75 -38.51
C GLY A 274 15.64 12.82 -37.41
N VAL A 275 15.83 11.52 -37.62
CA VAL A 275 15.23 10.56 -36.72
C VAL A 275 16.23 9.49 -36.26
N PHE A 276 16.24 9.19 -34.95
CA PHE A 276 16.89 7.99 -34.41
C PHE A 276 15.86 6.86 -34.28
N VAL A 277 16.19 5.66 -34.74
CA VAL A 277 15.35 4.48 -34.50
C VAL A 277 16.13 3.35 -33.83
N GLY A 278 15.45 2.52 -33.05
CA GLY A 278 16.08 1.48 -32.24
C GLY A 278 15.96 0.05 -32.75
N SER A 279 16.51 -0.89 -32.00
CA SER A 279 16.54 -2.31 -32.35
C SER A 279 15.19 -2.85 -32.79
N GLY A 280 14.14 -2.13 -32.44
CA GLY A 280 12.80 -2.55 -32.79
C GLY A 280 12.71 -3.04 -34.21
N ILE A 281 13.38 -2.31 -35.10
CA ILE A 281 13.37 -2.61 -36.54
C ILE A 281 13.74 -4.05 -36.89
N PHE A 282 14.62 -4.66 -36.09
CA PHE A 282 15.16 -5.99 -36.37
C PHE A 282 14.37 -7.15 -35.77
N LYS A 283 13.50 -6.85 -34.82
CA LYS A 283 12.42 -7.75 -34.50
C LYS A 283 11.44 -7.48 -35.62
N SER A 284 10.66 -8.48 -36.01
CA SER A 284 9.67 -8.30 -37.08
C SER A 284 10.05 -8.94 -38.41
N SER A 285 9.03 -9.24 -39.20
CA SER A 285 9.18 -10.12 -40.35
C SER A 285 10.34 -9.80 -41.28
N ASN A 286 10.51 -8.53 -41.65
CA ASN A 286 11.46 -8.15 -42.70
C ASN A 286 12.20 -6.86 -42.35
N PRO A 287 13.31 -6.96 -41.60
CA PRO A 287 14.04 -5.80 -41.08
C PRO A 287 14.60 -4.84 -42.13
N PRO A 288 15.40 -5.34 -43.10
CA PRO A 288 15.63 -4.45 -44.24
C PRO A 288 14.24 -4.21 -44.78
N LYS A 289 14.03 -3.32 -45.72
CA LYS A 289 12.63 -3.06 -46.10
C LYS A 289 11.89 -2.19 -45.06
N MET A 290 11.76 -2.67 -43.83
CA MET A 290 11.19 -1.82 -42.78
C MET A 290 12.17 -0.70 -42.49
N ALA A 291 13.45 -1.05 -42.47
CA ALA A 291 14.47 -0.04 -42.34
C ALA A 291 14.40 0.92 -43.53
N ARG A 292 14.22 0.37 -44.73
CA ARG A 292 14.11 1.20 -45.92
C ARG A 292 12.82 2.04 -45.90
N ALA A 293 11.78 1.49 -45.27
CA ALA A 293 10.53 2.21 -45.13
C ALA A 293 10.73 3.45 -44.26
N ILE A 294 11.50 3.33 -43.18
CA ILE A 294 11.77 4.47 -42.30
C ILE A 294 12.61 5.54 -43.00
N VAL A 295 13.69 5.10 -43.61
CA VAL A 295 14.56 6.00 -44.37
C VAL A 295 13.76 6.78 -45.43
N GLU A 296 12.89 6.08 -46.16
CA GLU A 296 12.07 6.72 -47.20
C GLU A 296 11.00 7.65 -46.63
N ALA A 297 10.33 7.22 -45.57
CA ALA A 297 9.47 8.11 -44.81
C ALA A 297 10.17 9.42 -44.45
N VAL A 298 11.45 9.36 -44.08
CA VAL A 298 12.13 10.60 -43.73
C VAL A 298 12.44 11.41 -44.98
N ASN A 299 12.52 10.74 -46.12
CA ASN A 299 12.73 11.45 -47.39
C ASN A 299 11.45 11.99 -48.04
N HIS A 300 10.29 11.50 -47.61
CA HIS A 300 9.02 11.89 -48.23
C HIS A 300 7.95 12.30 -47.23
N TRP A 301 8.38 12.90 -46.13
CA TRP A 301 7.48 13.20 -45.02
C TRP A 301 6.42 14.21 -45.36
N ASP A 302 6.64 14.94 -46.44
CA ASP A 302 5.73 16.00 -46.83
C ASP A 302 4.77 15.57 -47.94
N GLU A 303 4.74 14.28 -48.25
CA GLU A 303 3.81 13.79 -49.27
C GLU A 303 3.13 12.45 -48.94
N PRO A 304 1.93 12.55 -48.39
CA PRO A 304 1.07 11.51 -47.83
C PRO A 304 0.79 10.37 -48.80
N ASP A 305 0.59 10.72 -50.06
CA ASP A 305 0.40 9.69 -51.07
C ASP A 305 1.56 8.67 -51.03
N VAL A 306 2.78 9.18 -50.98
CA VAL A 306 3.97 8.35 -50.90
C VAL A 306 4.08 7.58 -49.58
N LEU A 307 3.94 8.29 -48.46
CA LEU A 307 3.93 7.65 -47.14
C LEU A 307 2.94 6.49 -47.10
N ALA A 308 1.78 6.70 -47.72
CA ALA A 308 0.71 5.72 -47.75
C ALA A 308 1.12 4.45 -48.50
N GLU A 309 1.87 4.61 -49.59
CA GLU A 309 2.42 3.46 -50.30
C GLU A 309 3.53 2.80 -49.50
N ILE A 310 4.43 3.61 -48.94
CA ILE A 310 5.47 3.12 -48.06
C ILE A 310 4.87 2.28 -46.92
N SER A 311 3.77 2.75 -46.34
CA SER A 311 3.11 2.01 -45.27
C SER A 311 2.54 0.68 -45.77
N ARG A 312 1.94 0.73 -46.95
CA ARG A 312 1.22 -0.42 -47.53
C ARG A 312 2.03 -1.72 -47.71
N GLU A 313 3.36 -1.66 -47.60
CA GLU A 313 4.17 -2.87 -47.63
C GLU A 313 3.49 -4.03 -46.89
N ILE A 314 3.43 -5.19 -47.57
CA ILE A 314 2.84 -6.40 -46.99
C ILE A 314 3.79 -6.97 -45.92
N GLY A 315 4.98 -7.41 -46.35
CA GLY A 315 5.98 -7.99 -45.45
C GLY A 315 6.54 -9.29 -46.00
N GLU A 316 5.77 -9.94 -46.87
CA GLU A 316 6.16 -11.22 -47.47
C GLU A 316 7.08 -11.05 -48.68
N ASP B 2 -10.77 40.18 -45.97
CA ASP B 2 -11.15 39.87 -47.35
C ASP B 2 -12.62 39.45 -47.39
N LYS B 3 -13.14 39.16 -48.58
CA LYS B 3 -14.54 38.74 -48.74
C LYS B 3 -14.68 37.23 -48.97
N LEU B 4 -13.61 36.61 -49.46
CA LEU B 4 -13.58 35.15 -49.60
C LEU B 4 -12.77 34.53 -48.46
N LYS B 5 -12.63 33.21 -48.49
CA LYS B 5 -12.06 32.46 -47.37
C LYS B 5 -13.07 32.39 -46.23
N ILE B 6 -14.05 33.29 -46.28
CA ILE B 6 -15.18 33.27 -45.35
C ILE B 6 -16.31 32.46 -45.95
N ILE B 7 -16.73 32.80 -47.17
CA ILE B 7 -17.72 32.03 -47.90
C ILE B 7 -17.08 30.74 -48.45
N MET B 8 -15.75 30.70 -48.44
CA MET B 8 -15.00 29.50 -48.79
C MET B 8 -14.81 28.57 -47.60
N GLU B 9 -14.31 29.10 -46.47
CA GLU B 9 -14.13 28.28 -45.28
C GLU B 9 -15.48 27.77 -44.81
N LYS B 10 -16.50 28.62 -44.93
CA LYS B 10 -17.87 28.26 -44.57
C LYS B 10 -18.37 27.12 -45.44
N GLY B 11 -18.32 27.32 -46.75
CA GLY B 11 -18.71 26.29 -47.69
C GLY B 11 -17.96 24.98 -47.47
N THR B 12 -16.71 25.06 -47.03
CA THR B 12 -15.90 23.87 -46.76
C THR B 12 -16.32 23.17 -45.46
N GLU B 13 -16.65 23.96 -44.44
CA GLU B 13 -17.16 23.46 -43.17
C GLU B 13 -18.51 22.76 -43.36
N ARG B 14 -19.44 23.45 -44.03
CA ARG B 14 -20.75 22.87 -44.34
C ARG B 14 -20.61 21.57 -45.14
N LEU B 15 -19.75 21.57 -46.15
CA LEU B 15 -19.52 20.35 -46.90
C LEU B 15 -19.20 19.19 -45.96
N LYS B 16 -18.19 19.36 -45.11
CA LYS B 16 -17.75 18.29 -44.21
C LYS B 16 -18.88 17.82 -43.30
N ARG B 17 -19.52 18.77 -42.61
CA ARG B 17 -20.63 18.48 -41.73
C ARG B 17 -21.74 17.76 -42.47
N GLY B 18 -21.96 18.16 -43.72
CA GLY B 18 -22.97 17.56 -44.56
C GLY B 18 -22.70 16.08 -44.78
N PHE B 19 -21.45 15.74 -45.09
CA PHE B 19 -21.08 14.35 -45.22
C PHE B 19 -21.63 13.57 -44.04
N ALA B 20 -21.19 13.94 -42.83
CA ALA B 20 -21.63 13.27 -41.62
C ALA B 20 -23.15 13.09 -41.52
N LYS B 21 -23.91 14.00 -42.14
CA LYS B 21 -25.37 13.98 -42.05
C LYS B 21 -25.96 12.68 -42.60
N MET B 22 -25.40 12.18 -43.69
CA MET B 22 -26.03 11.02 -44.32
C MET B 22 -25.91 9.71 -43.54
N VAL B 23 -25.09 9.69 -42.49
CA VAL B 23 -24.96 8.51 -41.64
C VAL B 23 -25.91 8.61 -40.44
N LYS B 24 -26.55 9.77 -40.31
CA LYS B 24 -27.54 9.97 -39.27
C LYS B 24 -28.61 8.86 -39.25
N GLY B 25 -29.16 8.61 -38.07
CA GLY B 25 -30.23 7.63 -37.90
C GLY B 25 -29.75 6.20 -38.06
N GLY B 26 -28.45 5.99 -38.14
CA GLY B 26 -27.92 4.65 -38.32
C GLY B 26 -26.95 4.11 -37.27
N VAL B 27 -26.36 2.95 -37.59
CA VAL B 27 -25.43 2.27 -36.71
C VAL B 27 -24.08 2.16 -37.43
N ILE B 28 -23.02 2.69 -36.82
CA ILE B 28 -21.69 2.50 -37.38
C ILE B 28 -21.00 1.38 -36.63
N MET B 29 -20.60 0.34 -37.36
CA MET B 29 -20.06 -0.87 -36.74
C MET B 29 -18.54 -1.05 -36.91
N ASP B 30 -17.90 -1.57 -35.87
CA ASP B 30 -16.47 -1.75 -35.88
C ASP B 30 -16.16 -3.13 -36.42
N VAL B 31 -15.26 -3.18 -37.41
CA VAL B 31 -14.91 -4.44 -38.06
C VAL B 31 -13.41 -4.62 -38.05
N THR B 32 -12.97 -5.88 -37.96
CA THR B 32 -11.55 -6.21 -37.91
C THR B 32 -11.01 -6.78 -39.23
N ASN B 33 -11.90 -7.47 -39.97
CA ASN B 33 -11.58 -8.05 -41.28
C ASN B 33 -12.71 -7.83 -42.28
N ALA B 34 -12.43 -8.00 -43.56
CA ALA B 34 -13.46 -7.79 -44.58
C ALA B 34 -14.64 -8.74 -44.41
N GLU B 35 -14.39 -9.92 -43.85
CA GLU B 35 -15.47 -10.86 -43.53
C GLU B 35 -16.51 -10.09 -42.74
N GLN B 36 -16.09 -9.58 -41.59
CA GLN B 36 -16.94 -8.76 -40.72
C GLN B 36 -17.57 -7.57 -41.45
N ALA B 37 -16.76 -6.82 -42.19
CA ALA B 37 -17.27 -5.67 -42.94
C ALA B 37 -18.47 -6.07 -43.79
N ARG B 38 -18.46 -7.29 -44.29
CA ARG B 38 -19.57 -7.81 -45.11
C ARG B 38 -20.84 -8.09 -44.27
N ILE B 39 -20.70 -8.91 -43.23
CA ILE B 39 -21.79 -9.12 -42.28
C ILE B 39 -22.43 -7.78 -41.95
N ALA B 40 -21.61 -6.82 -41.57
CA ALA B 40 -22.06 -5.50 -41.16
C ALA B 40 -22.92 -4.77 -42.21
N GLU B 41 -22.43 -4.69 -43.45
CA GLU B 41 -23.22 -4.05 -44.49
C GLU B 41 -24.50 -4.85 -44.67
N GLU B 42 -24.36 -6.17 -44.65
CA GLU B 42 -25.51 -7.05 -44.82
C GLU B 42 -26.51 -6.86 -43.68
N ALA B 43 -26.04 -6.29 -42.57
CA ALA B 43 -26.89 -6.12 -41.40
C ALA B 43 -27.60 -4.77 -41.34
N GLY B 44 -27.01 -3.74 -41.92
CA GLY B 44 -27.69 -2.45 -42.02
C GLY B 44 -26.86 -1.30 -41.49
N ALA B 45 -25.59 -1.55 -41.28
CA ALA B 45 -24.69 -0.51 -40.82
C ALA B 45 -24.65 0.60 -41.86
N VAL B 46 -24.85 1.85 -41.44
CA VAL B 46 -24.72 2.94 -42.41
C VAL B 46 -23.26 3.23 -42.67
N ALA B 47 -22.38 2.56 -41.92
CA ALA B 47 -20.93 2.70 -42.11
C ALA B 47 -20.13 1.70 -41.27
N VAL B 48 -18.86 1.55 -41.59
CA VAL B 48 -18.01 0.65 -40.84
C VAL B 48 -16.80 1.43 -40.36
N MET B 49 -16.14 0.85 -39.36
CA MET B 49 -15.00 1.45 -38.70
C MET B 49 -13.86 0.44 -38.77
N ALA B 50 -12.88 0.70 -39.63
CA ALA B 50 -11.76 -0.23 -39.86
C ALA B 50 -10.79 -0.39 -38.68
N LEU B 51 -10.61 -1.64 -38.24
CA LEU B 51 -9.72 -2.01 -37.13
C LEU B 51 -8.95 -3.29 -37.50
N HIS B 52 -7.76 -3.47 -36.92
CA HIS B 52 -7.02 -4.73 -37.11
C HIS B 52 -7.13 -5.61 -35.85
N LYS B 53 -6.60 -5.10 -34.75
CA LYS B 53 -6.85 -5.69 -33.45
C LYS B 53 -7.76 -4.71 -32.74
N VAL B 54 -8.43 -5.16 -31.68
CA VAL B 54 -9.26 -4.23 -30.92
C VAL B 54 -8.38 -3.46 -29.94
N PRO B 55 -8.29 -2.14 -30.16
CA PRO B 55 -7.49 -1.19 -29.39
C PRO B 55 -7.67 -1.32 -27.90
N ALA B 56 -8.70 -2.04 -27.46
CA ALA B 56 -9.12 -2.07 -26.06
C ALA B 56 -8.30 -3.03 -25.21
N ASP B 57 -7.52 -3.86 -25.90
CA ASP B 57 -6.67 -4.83 -25.24
C ASP B 57 -5.52 -4.96 -26.21
N ILE B 58 -4.30 -4.79 -25.70
CA ILE B 58 -3.13 -4.61 -26.57
C ILE B 58 -3.44 -3.57 -27.65
N ARG B 59 -3.23 -2.29 -27.32
CA ARG B 59 -2.47 -1.86 -26.13
C ARG B 59 -2.84 -2.39 -24.73
N LYS B 60 -4.11 -2.37 -24.34
CA LYS B 60 -4.48 -2.67 -22.94
C LYS B 60 -4.27 -4.11 -22.49
N ALA B 61 -3.12 -4.65 -22.89
CA ALA B 61 -2.48 -5.76 -22.21
C ALA B 61 -1.00 -5.38 -22.19
N GLY B 62 -0.76 -4.07 -22.21
CA GLY B 62 0.58 -3.50 -22.08
C GLY B 62 1.19 -2.89 -23.33
N GLY B 63 0.38 -2.57 -24.33
CA GLY B 63 0.91 -2.16 -25.61
C GLY B 63 0.69 -0.73 -26.08
N VAL B 64 1.09 -0.50 -27.33
CA VAL B 64 0.80 0.75 -28.01
C VAL B 64 -0.13 0.47 -29.17
N ALA B 65 -1.28 1.13 -29.16
CA ALA B 65 -2.28 0.98 -30.21
C ALA B 65 -2.17 2.14 -31.19
N ARG B 66 -1.83 1.83 -32.43
CA ARG B 66 -1.61 2.86 -33.43
C ARG B 66 -2.62 2.75 -34.52
N MET B 67 -2.39 3.52 -35.58
CA MET B 67 -3.18 3.42 -36.79
C MET B 67 -3.20 1.98 -37.24
N ALA B 68 -4.35 1.52 -37.70
CA ALA B 68 -4.44 0.17 -38.25
C ALA B 68 -3.52 0.09 -39.45
N PRO B 69 -2.98 -1.11 -39.73
CA PRO B 69 -2.16 -1.27 -40.93
C PRO B 69 -2.92 -0.87 -42.21
N VAL B 70 -2.25 -0.15 -43.10
CA VAL B 70 -2.87 0.40 -44.29
C VAL B 70 -3.52 -0.64 -45.22
N GLU B 71 -2.83 -1.74 -45.48
CA GLU B 71 -3.40 -2.78 -46.35
C GLU B 71 -4.65 -3.38 -45.73
N LYS B 72 -4.63 -3.61 -44.43
CA LYS B 72 -5.79 -4.14 -43.73
C LYS B 72 -7.01 -3.20 -43.86
N ILE B 73 -6.75 -1.89 -43.98
CA ILE B 73 -7.82 -0.92 -44.17
C ILE B 73 -8.33 -0.96 -45.60
N GLN B 74 -7.39 -0.93 -46.56
CA GLN B 74 -7.70 -1.04 -47.97
C GLN B 74 -8.70 -2.20 -48.18
N GLU B 75 -8.31 -3.37 -47.72
CA GLU B 75 -9.16 -4.55 -47.81
C GLU B 75 -10.61 -4.30 -47.39
N ILE B 76 -10.82 -3.47 -46.36
CA ILE B 76 -12.16 -3.24 -45.85
C ILE B 76 -12.93 -2.24 -46.70
N MET B 77 -12.23 -1.26 -47.26
CA MET B 77 -12.87 -0.29 -48.15
C MET B 77 -13.36 -0.98 -49.43
N ASP B 78 -12.65 -2.02 -49.82
CA ASP B 78 -12.96 -2.76 -51.02
C ASP B 78 -14.21 -3.59 -50.84
N ALA B 79 -14.28 -4.28 -49.70
CA ALA B 79 -15.33 -5.27 -49.46
C ALA B 79 -16.74 -4.70 -49.33
N VAL B 80 -16.85 -3.37 -49.20
CA VAL B 80 -18.14 -2.76 -48.94
C VAL B 80 -18.34 -1.41 -49.62
N THR B 81 -19.61 -1.01 -49.76
CA THR B 81 -19.97 0.16 -50.54
C THR B 81 -20.41 1.31 -49.63
N ILE B 82 -20.81 0.97 -48.41
CA ILE B 82 -21.08 1.97 -47.36
C ILE B 82 -19.74 2.61 -46.97
N PRO B 83 -19.78 3.85 -46.46
CA PRO B 83 -18.54 4.55 -46.09
C PRO B 83 -17.70 3.78 -45.07
N VAL B 84 -16.39 4.01 -45.10
CA VAL B 84 -15.48 3.28 -44.26
C VAL B 84 -14.62 4.27 -43.49
N MET B 85 -14.49 4.04 -42.19
CA MET B 85 -13.71 4.93 -41.33
C MET B 85 -12.49 4.23 -40.75
N ALA B 86 -11.52 5.03 -40.32
CA ALA B 86 -10.32 4.48 -39.70
C ALA B 86 -9.90 5.39 -38.56
N LYS B 87 -9.37 4.78 -37.50
CA LYS B 87 -8.93 5.54 -36.35
C LYS B 87 -7.50 6.04 -36.50
N CYS B 88 -7.22 7.19 -35.90
CA CYS B 88 -5.83 7.58 -35.69
C CYS B 88 -5.62 8.01 -34.24
N ARG B 89 -4.35 8.17 -33.89
CA ARG B 89 -3.95 8.53 -32.55
C ARG B 89 -4.15 10.02 -32.35
N ILE B 90 -4.63 10.41 -31.18
CA ILE B 90 -4.78 11.81 -30.87
C ILE B 90 -3.53 12.61 -31.23
N GLY B 91 -3.67 13.58 -32.13
CA GLY B 91 -2.59 14.50 -32.45
C GLY B 91 -1.63 14.01 -33.53
N HIS B 92 -1.82 12.80 -34.01
CA HIS B 92 -0.89 12.22 -34.99
C HIS B 92 -1.25 12.61 -36.43
N GLU B 93 -0.66 13.72 -36.90
CA GLU B 93 -1.01 14.31 -38.18
C GLU B 93 -0.57 13.44 -39.39
N ALA B 94 0.56 12.78 -39.25
CA ALA B 94 0.99 11.88 -40.32
C ALA B 94 0.02 10.73 -40.51
N GLU B 95 -0.36 10.06 -39.43
CA GLU B 95 -1.33 8.99 -39.56
C GLU B 95 -2.58 9.51 -40.27
N ALA B 96 -3.12 10.63 -39.80
CA ALA B 96 -4.34 11.19 -40.36
C ALA B 96 -4.21 11.41 -41.87
N ARG B 97 -3.20 12.17 -42.30
CA ARG B 97 -2.92 12.35 -43.71
C ARG B 97 -2.83 11.03 -44.47
N ILE B 98 -2.08 10.08 -43.94
CA ILE B 98 -1.98 8.78 -44.60
C ILE B 98 -3.38 8.20 -44.80
N LEU B 99 -4.22 8.32 -43.78
CA LEU B 99 -5.54 7.74 -43.85
C LEU B 99 -6.38 8.47 -44.88
N GLU B 100 -5.98 9.70 -45.16
CA GLU B 100 -6.73 10.57 -46.06
C GLU B 100 -6.26 10.39 -47.52
N ALA B 101 -4.96 10.20 -47.72
CA ALA B 101 -4.41 9.86 -49.02
C ALA B 101 -4.93 8.48 -49.44
N LEU B 102 -5.15 7.63 -48.45
CA LEU B 102 -5.65 6.30 -48.67
C LEU B 102 -7.10 6.38 -49.16
N GLY B 103 -7.74 7.52 -48.89
CA GLY B 103 -9.11 7.74 -49.26
C GLY B 103 -10.22 7.22 -48.35
N VAL B 104 -9.97 7.09 -47.04
CA VAL B 104 -11.06 6.81 -46.09
C VAL B 104 -12.06 7.95 -46.12
N ASP B 105 -13.28 7.66 -45.70
CA ASP B 105 -14.35 8.66 -45.73
C ASP B 105 -14.35 9.55 -44.50
N MET B 106 -13.97 8.97 -43.37
CA MET B 106 -13.94 9.72 -42.12
C MET B 106 -12.89 9.17 -41.18
N ILE B 107 -12.19 10.09 -40.52
CA ILE B 107 -11.15 9.75 -39.57
C ILE B 107 -11.62 9.94 -38.11
N ASP B 108 -11.42 8.91 -37.29
CA ASP B 108 -11.68 9.00 -35.84
C ASP B 108 -10.38 9.36 -35.12
N GLU B 109 -10.31 10.57 -34.58
CA GLU B 109 -9.19 10.94 -33.72
C GLU B 109 -9.54 10.42 -32.33
N SER B 110 -8.94 9.30 -31.95
CA SER B 110 -9.54 8.42 -30.95
C SER B 110 -8.73 8.23 -29.68
N GLU B 111 -9.38 8.55 -28.56
CA GLU B 111 -8.83 8.31 -27.24
C GLU B 111 -8.58 6.82 -26.97
N VAL B 112 -9.21 5.94 -27.76
CA VAL B 112 -9.02 4.50 -27.55
C VAL B 112 -7.66 4.02 -28.06
N LEU B 113 -7.07 4.77 -28.98
CA LEU B 113 -5.69 4.52 -29.39
C LEU B 113 -4.73 5.22 -28.44
N THR B 114 -3.45 4.87 -28.52
CA THR B 114 -2.49 5.48 -27.63
C THR B 114 -2.18 6.89 -28.09
N PRO B 115 -2.53 7.88 -27.27
CA PRO B 115 -2.35 9.29 -27.64
C PRO B 115 -0.91 9.58 -28.03
N ALA B 116 -0.72 10.46 -29.00
CA ALA B 116 0.60 10.68 -29.58
C ALA B 116 1.15 12.08 -29.32
N ASP B 117 0.28 12.99 -28.90
CA ASP B 117 0.68 14.35 -28.56
C ASP B 117 -0.04 14.63 -27.25
N PRO B 118 0.71 14.95 -26.18
CA PRO B 118 0.06 15.10 -24.89
C PRO B 118 -0.50 16.51 -24.69
N PHE B 119 -0.35 17.40 -25.68
CA PHE B 119 -0.85 18.77 -25.53
C PHE B 119 -2.01 19.12 -26.44
N PHE B 120 -2.01 18.56 -27.65
CA PHE B 120 -2.80 19.12 -28.75
C PHE B 120 -3.41 18.05 -29.61
N HIS B 121 -4.67 18.25 -29.99
CA HIS B 121 -5.30 17.45 -31.01
C HIS B 121 -4.92 17.95 -32.42
N ILE B 122 -5.29 17.17 -33.42
CA ILE B 122 -5.04 17.53 -34.82
C ILE B 122 -5.87 18.75 -35.21
N TYR B 123 -5.26 19.71 -35.92
CA TYR B 123 -6.05 20.82 -36.42
C TYR B 123 -6.75 20.33 -37.68
N LYS B 124 -7.98 19.89 -37.48
CA LYS B 124 -8.71 19.17 -38.51
C LYS B 124 -9.19 20.07 -39.65
N LYS B 125 -9.28 21.37 -39.39
CA LYS B 125 -9.75 22.35 -40.37
C LYS B 125 -8.82 22.45 -41.57
N LYS B 126 -7.66 21.81 -41.46
CA LYS B 126 -6.63 21.88 -42.47
C LYS B 126 -6.69 20.66 -43.37
N PHE B 127 -7.55 19.71 -43.04
CA PHE B 127 -7.69 18.48 -43.80
C PHE B 127 -8.89 18.55 -44.73
N THR B 128 -8.96 17.63 -45.70
CA THR B 128 -10.18 17.50 -46.50
C THR B 128 -11.04 16.37 -45.97
N ALA B 129 -10.43 15.26 -45.57
CA ALA B 129 -11.21 14.21 -44.93
C ALA B 129 -11.93 14.83 -43.73
N PRO B 130 -13.17 14.41 -43.48
CA PRO B 130 -13.88 14.89 -42.29
C PRO B 130 -13.53 14.02 -41.08
N PHE B 131 -13.59 14.59 -39.88
CA PHE B 131 -13.17 13.90 -38.67
C PHE B 131 -14.35 13.69 -37.73
N VAL B 132 -14.32 12.59 -36.99
CA VAL B 132 -15.17 12.42 -35.81
C VAL B 132 -14.30 12.39 -34.53
N CYS B 133 -14.77 13.01 -33.47
CA CYS B 133 -14.01 13.07 -32.22
C CYS B 133 -14.87 12.83 -30.99
N GLY B 134 -14.27 12.30 -29.93
CA GLY B 134 -15.03 11.99 -28.73
C GLY B 134 -15.13 13.20 -27.83
N ALA B 135 -16.17 13.22 -27.00
CA ALA B 135 -16.31 14.24 -25.98
C ALA B 135 -16.93 13.61 -24.74
N ARG B 136 -16.40 13.95 -23.56
CA ARG B 136 -16.96 13.52 -22.29
C ARG B 136 -17.94 14.55 -21.76
N ASN B 137 -17.78 15.80 -22.20
CA ASN B 137 -18.67 16.88 -21.77
C ASN B 137 -18.73 18.01 -22.79
N LEU B 138 -19.54 19.03 -22.54
CA LEU B 138 -19.73 20.05 -23.56
C LEU B 138 -18.41 20.74 -23.94
N GLY B 139 -17.59 21.09 -22.95
CA GLY B 139 -16.29 21.69 -23.22
C GLY B 139 -15.48 20.90 -24.23
N GLU B 140 -15.36 19.59 -24.01
CA GLU B 140 -14.70 18.74 -24.99
C GLU B 140 -15.35 18.84 -26.38
N ALA B 141 -16.67 18.66 -26.46
CA ALA B 141 -17.38 18.71 -27.75
C ALA B 141 -17.07 20.00 -28.51
N VAL B 142 -17.14 21.11 -27.81
CA VAL B 142 -16.91 22.41 -28.42
C VAL B 142 -15.45 22.63 -28.84
N ARG B 143 -14.52 22.18 -28.01
CA ARG B 143 -13.10 22.21 -28.41
C ARG B 143 -12.88 21.40 -29.67
N ARG B 144 -13.30 20.15 -29.67
CA ARG B 144 -13.18 19.35 -30.88
C ARG B 144 -13.82 20.02 -32.13
N ILE B 145 -14.99 20.62 -31.93
CA ILE B 145 -15.71 21.25 -33.04
C ILE B 145 -14.88 22.44 -33.55
N TRP B 146 -14.45 23.31 -32.66
CA TRP B 146 -13.64 24.44 -33.06
C TRP B 146 -12.42 23.99 -33.86
N GLU B 147 -11.84 22.86 -33.45
CA GLU B 147 -10.64 22.32 -34.09
C GLU B 147 -10.97 21.85 -35.49
N GLY B 148 -12.25 21.58 -35.73
CA GLY B 148 -12.72 21.24 -37.05
C GLY B 148 -13.50 19.95 -37.11
N ALA B 149 -13.78 19.37 -35.96
CA ALA B 149 -14.51 18.11 -35.95
C ALA B 149 -15.82 18.27 -36.71
N ALA B 150 -16.16 17.27 -37.51
CA ALA B 150 -17.34 17.32 -38.36
C ALA B 150 -18.44 16.47 -37.77
N MET B 151 -18.08 15.71 -36.75
CA MET B 151 -19.00 14.80 -36.07
C MET B 151 -18.48 14.55 -34.63
N ILE B 152 -19.39 14.29 -33.70
CA ILE B 152 -19.05 14.10 -32.29
C ILE B 152 -19.72 12.87 -31.74
N ARG B 153 -18.95 12.02 -31.05
CA ARG B 153 -19.55 10.91 -30.33
C ARG B 153 -19.14 10.99 -28.87
N THR B 154 -19.84 10.25 -28.02
CA THR B 154 -19.45 10.15 -26.63
C THR B 154 -18.19 9.31 -26.52
N LYS B 155 -17.35 9.59 -25.54
CA LYS B 155 -16.19 8.77 -25.31
C LYS B 155 -16.69 7.45 -24.73
N GLY B 156 -17.52 7.57 -23.70
CA GLY B 156 -18.06 6.39 -23.05
C GLY B 156 -16.97 5.57 -22.38
N GLU B 157 -17.16 4.26 -22.36
CA GLU B 157 -16.25 3.33 -21.69
C GLU B 157 -16.00 2.14 -22.60
N ALA B 158 -14.93 2.20 -23.39
CA ALA B 158 -14.68 1.18 -24.40
C ALA B 158 -14.17 -0.12 -23.80
N GLY B 159 -14.43 -1.22 -24.51
CA GLY B 159 -13.96 -2.53 -24.11
C GLY B 159 -14.67 -3.15 -22.92
N THR B 160 -15.64 -2.45 -22.33
CA THR B 160 -16.29 -2.95 -21.13
C THR B 160 -17.74 -3.40 -21.35
N GLY B 161 -18.36 -2.94 -22.43
CA GLY B 161 -19.75 -3.25 -22.67
C GLY B 161 -20.70 -2.69 -21.63
N ASN B 162 -20.28 -1.62 -20.96
CA ASN B 162 -21.06 -0.98 -19.92
C ASN B 162 -21.52 0.41 -20.36
N ILE B 163 -22.82 0.63 -20.38
CA ILE B 163 -23.40 1.82 -21.00
C ILE B 163 -23.26 3.08 -20.14
N ILE B 164 -23.02 2.90 -18.84
CA ILE B 164 -23.06 4.00 -17.89
C ILE B 164 -22.29 5.23 -18.38
N GLU B 165 -21.03 5.07 -18.76
CA GLU B 165 -20.23 6.24 -19.09
C GLU B 165 -20.80 7.03 -20.26
N ALA B 166 -21.23 6.33 -21.30
CA ALA B 166 -21.96 6.93 -22.42
C ALA B 166 -23.15 7.79 -21.95
N VAL B 167 -23.98 7.23 -21.07
CA VAL B 167 -25.08 7.98 -20.51
C VAL B 167 -24.60 9.21 -19.75
N ARG B 168 -23.53 9.09 -18.97
CA ARG B 168 -23.00 10.25 -18.27
C ARG B 168 -22.63 11.37 -19.23
N HIS B 169 -21.96 11.01 -20.31
CA HIS B 169 -21.48 12.00 -21.26
C HIS B 169 -22.62 12.68 -21.97
N VAL B 170 -23.61 11.91 -22.37
CA VAL B 170 -24.78 12.48 -23.01
C VAL B 170 -25.41 13.48 -22.07
N ARG B 171 -25.61 13.07 -20.81
CA ARG B 171 -26.26 13.95 -19.85
C ARG B 171 -25.45 15.20 -19.53
N LEU B 172 -24.14 15.03 -19.45
CA LEU B 172 -23.28 16.14 -19.13
C LEU B 172 -23.34 17.18 -20.24
N VAL B 173 -23.43 16.69 -21.48
CA VAL B 173 -23.50 17.55 -22.65
C VAL B 173 -24.86 18.29 -22.73
N ASN B 174 -25.95 17.54 -22.57
CA ASN B 174 -27.30 18.12 -22.56
C ASN B 174 -27.60 19.09 -21.42
N GLU B 175 -27.26 18.71 -20.20
CA GLU B 175 -27.44 19.64 -19.10
C GLU B 175 -26.62 20.91 -19.36
N ASN B 176 -25.40 20.78 -19.88
CA ASN B 176 -24.61 21.98 -20.17
C ASN B 176 -25.23 22.85 -21.29
N ILE B 177 -25.95 22.23 -22.20
CA ILE B 177 -26.68 22.98 -23.21
C ILE B 177 -27.89 23.69 -22.59
N ARG B 178 -28.73 22.97 -21.88
CA ARG B 178 -29.86 23.61 -21.21
C ARG B 178 -29.40 24.77 -20.32
N LEU B 179 -28.24 24.63 -19.68
CA LEU B 179 -27.69 25.73 -18.89
C LEU B 179 -27.33 26.96 -19.74
N ILE B 180 -26.67 26.71 -20.87
CA ILE B 180 -26.29 27.78 -21.78
C ILE B 180 -27.52 28.56 -22.26
N GLN B 181 -28.64 27.85 -22.37
CA GLN B 181 -29.86 28.48 -22.84
C GLN B 181 -30.51 29.38 -21.81
N ARG B 182 -30.30 29.07 -20.52
CA ARG B 182 -30.78 29.93 -19.45
C ARG B 182 -29.83 31.11 -19.24
N MET B 183 -28.88 31.29 -20.14
CA MET B 183 -27.80 32.21 -19.84
C MET B 183 -27.79 33.47 -20.67
N THR B 184 -27.29 34.54 -20.07
CA THR B 184 -27.05 35.80 -20.78
C THR B 184 -25.81 35.65 -21.65
N ASP B 185 -25.72 36.46 -22.70
CA ASP B 185 -24.56 36.47 -23.59
C ASP B 185 -23.22 36.67 -22.87
N GLU B 186 -23.18 37.50 -21.83
CA GLU B 186 -21.92 37.72 -21.11
C GLU B 186 -21.60 36.56 -20.17
N GLU B 187 -22.63 35.82 -19.76
CA GLU B 187 -22.39 34.64 -18.95
C GLU B 187 -21.76 33.58 -19.84
N ILE B 188 -22.39 33.38 -21.00
CA ILE B 188 -21.88 32.43 -21.98
C ILE B 188 -20.40 32.67 -22.32
N TYR B 189 -19.98 33.93 -22.36
CA TYR B 189 -18.58 34.26 -22.65
C TYR B 189 -17.67 33.81 -21.52
N GLY B 190 -18.23 33.73 -20.31
CA GLY B 190 -17.51 33.19 -19.18
C GLY B 190 -17.25 31.73 -19.44
N VAL B 191 -18.29 31.00 -19.83
CA VAL B 191 -18.11 29.59 -20.14
C VAL B 191 -17.04 29.38 -21.24
N ALA B 192 -17.04 30.25 -22.24
CA ALA B 192 -16.06 30.19 -23.33
C ALA B 192 -14.62 30.33 -22.81
N GLU B 193 -14.41 31.21 -21.85
CA GLU B 193 -13.07 31.36 -21.28
C GLU B 193 -12.58 30.05 -20.62
N LYS B 194 -13.45 29.46 -19.82
CA LYS B 194 -13.15 28.23 -19.12
C LYS B 194 -12.90 27.11 -20.13
N PHE B 195 -13.76 27.05 -21.15
CA PHE B 195 -13.67 26.00 -22.14
C PHE B 195 -12.41 26.11 -22.96
N ALA B 196 -11.77 27.28 -22.92
CA ALA B 196 -10.56 27.49 -23.71
C ALA B 196 -9.29 27.31 -22.88
N GLU B 197 -9.43 27.08 -21.58
CA GLU B 197 -8.27 26.93 -20.71
C GLU B 197 -7.32 25.79 -21.13
N PRO B 198 -7.87 24.64 -21.58
CA PRO B 198 -6.96 23.54 -21.92
C PRO B 198 -5.88 23.86 -22.96
N TYR B 199 -6.16 24.76 -23.89
CA TYR B 199 -5.14 25.18 -24.86
C TYR B 199 -3.93 25.86 -24.24
N LEU B 200 -4.02 26.19 -22.95
CA LEU B 200 -2.94 26.93 -22.32
C LEU B 200 -1.83 25.98 -21.80
N ARG B 201 -2.13 24.70 -21.78
CA ARG B 201 -1.33 23.75 -21.04
C ARG B 201 0.15 23.80 -21.44
N LEU B 202 0.44 23.84 -22.73
CA LEU B 202 1.83 23.87 -23.17
C LEU B 202 2.53 25.19 -22.80
N ALA B 203 1.85 26.31 -22.99
CA ALA B 203 2.43 27.62 -22.66
C ALA B 203 2.84 27.70 -21.18
N PHE B 204 1.98 27.15 -20.33
CA PHE B 204 2.17 27.20 -18.89
C PHE B 204 3.32 26.32 -18.39
N SER B 205 3.49 25.15 -19.01
CA SER B 205 4.58 24.25 -18.70
C SER B 205 5.89 24.92 -19.03
N VAL B 206 5.92 25.56 -20.20
CA VAL B 206 7.12 26.25 -20.65
C VAL B 206 7.40 27.47 -19.76
N LYS B 207 6.37 28.18 -19.31
CA LYS B 207 6.58 29.26 -18.34
C LYS B 207 7.30 28.73 -17.10
N GLU B 208 6.78 27.65 -16.55
CA GLU B 208 7.37 27.07 -15.36
C GLU B 208 8.80 26.57 -15.59
N ILE B 209 9.04 25.95 -16.75
CA ILE B 209 10.42 25.56 -17.11
C ILE B 209 11.32 26.80 -17.18
N SER B 210 10.75 27.91 -17.67
CA SER B 210 11.51 29.16 -17.81
C SER B 210 11.55 30.04 -16.58
N GLY B 211 10.87 29.63 -15.51
CA GLY B 211 10.92 30.40 -14.29
C GLY B 211 9.99 31.61 -14.25
N LEU B 212 9.10 31.70 -15.23
CA LEU B 212 8.11 32.78 -15.30
C LEU B 212 6.77 32.37 -14.70
N PRO B 213 5.94 33.35 -14.34
CA PRO B 213 4.61 33.02 -13.80
C PRO B 213 3.64 32.50 -14.86
N LYS B 214 2.86 31.48 -14.49
CA LYS B 214 1.89 30.82 -15.38
C LYS B 214 0.65 31.67 -15.59
N ARG B 215 0.75 32.76 -16.35
CA ARG B 215 -0.44 33.57 -16.63
C ARG B 215 -0.59 33.89 -18.11
N VAL B 216 -1.81 34.21 -18.51
CA VAL B 216 -2.09 34.47 -19.92
C VAL B 216 -1.49 35.80 -20.41
N LEU B 217 -0.95 35.80 -21.62
CA LEU B 217 -0.39 37.02 -22.22
C LEU B 217 -1.20 37.34 -23.44
N GLU B 218 -1.53 38.61 -23.62
CA GLU B 218 -2.55 39.05 -24.58
C GLU B 218 -2.31 38.64 -26.05
N ASN B 219 -1.08 38.78 -26.51
CA ASN B 219 -0.78 38.70 -27.93
C ASN B 219 -0.08 37.42 -28.34
N GLU B 220 -0.04 36.48 -27.41
CA GLU B 220 0.79 35.29 -27.52
C GLU B 220 0.01 34.13 -28.13
N PRO B 221 0.49 33.60 -29.26
CA PRO B 221 -0.11 32.45 -29.97
C PRO B 221 0.02 31.15 -29.16
N ILE B 222 -1.11 30.49 -28.98
CA ILE B 222 -1.23 29.36 -28.06
C ILE B 222 -1.38 28.08 -28.87
N TYR B 223 -2.07 28.16 -29.99
CA TYR B 223 -2.34 26.99 -30.83
C TYR B 223 -2.56 27.41 -32.25
N GLU B 224 -1.75 26.85 -33.13
CA GLU B 224 -1.94 27.03 -34.56
C GLU B 224 -2.11 28.52 -34.89
N GLY B 225 -1.26 29.36 -34.30
CA GLY B 225 -1.26 30.79 -34.57
C GLY B 225 -2.30 31.63 -33.87
N PHE B 226 -3.23 30.99 -33.15
CA PHE B 226 -4.30 31.71 -32.44
C PHE B 226 -3.92 32.11 -31.05
N THR B 227 -4.35 33.31 -30.70
CA THR B 227 -4.18 33.87 -29.37
C THR B 227 -5.25 33.23 -28.45
N TYR B 228 -5.06 33.31 -27.14
CA TYR B 228 -6.06 32.76 -26.22
C TYR B 228 -7.41 33.44 -26.42
N ARG B 229 -7.40 34.77 -26.51
CA ARG B 229 -8.61 35.53 -26.76
C ARG B 229 -9.30 35.10 -28.05
N GLU B 230 -8.53 34.95 -29.11
CA GLU B 230 -9.08 34.53 -30.39
C GLU B 230 -9.77 33.17 -30.29
N ILE B 231 -9.24 32.27 -29.46
CA ILE B 231 -9.90 30.98 -29.27
C ILE B 231 -11.17 31.17 -28.47
N VAL B 232 -11.13 31.99 -27.43
CA VAL B 232 -12.34 32.23 -26.65
C VAL B 232 -13.46 32.74 -27.55
N GLU B 233 -13.16 33.81 -28.28
CA GLU B 233 -14.12 34.39 -29.23
C GLU B 233 -14.75 33.36 -30.17
N ASP B 234 -13.94 32.56 -30.84
CA ASP B 234 -14.46 31.52 -31.75
C ASP B 234 -15.34 30.52 -31.00
N ILE B 235 -14.94 30.15 -29.78
CA ILE B 235 -15.70 29.20 -28.95
C ILE B 235 -17.04 29.81 -28.49
N TYR B 236 -16.97 31.04 -28.00
CA TYR B 236 -18.15 31.88 -27.81
C TYR B 236 -19.16 31.83 -28.98
N LYS B 237 -18.73 32.14 -30.19
CA LYS B 237 -19.64 32.05 -31.34
C LYS B 237 -20.26 30.66 -31.43
N ILE B 238 -19.45 29.61 -31.24
CA ILE B 238 -19.96 28.24 -31.30
C ILE B 238 -20.96 28.01 -30.18
N LEU B 239 -20.74 28.68 -29.05
CA LEU B 239 -21.64 28.57 -27.91
C LEU B 239 -23.00 29.26 -28.14
N LEU B 240 -23.00 30.42 -28.82
CA LEU B 240 -24.24 31.07 -29.22
C LEU B 240 -24.98 30.23 -30.25
N GLU B 241 -24.25 29.64 -31.19
CA GLU B 241 -24.90 28.80 -32.19
C GLU B 241 -25.62 27.63 -31.51
N ILE B 242 -24.99 27.05 -30.50
CA ILE B 242 -25.58 25.96 -29.71
C ILE B 242 -26.77 26.46 -28.87
N LYS B 243 -26.64 27.66 -28.30
CA LYS B 243 -27.76 28.26 -27.59
C LYS B 243 -29.00 28.28 -28.45
N LYS B 244 -28.85 28.74 -29.69
CA LYS B 244 -29.97 28.84 -30.64
C LYS B 244 -30.52 27.49 -31.08
N LEU B 245 -29.65 26.52 -31.35
CA LEU B 245 -30.10 25.22 -31.85
C LEU B 245 -30.58 24.28 -30.75
N GLY B 246 -29.99 24.37 -29.56
CA GLY B 246 -30.38 23.50 -28.47
C GLY B 246 -29.80 22.11 -28.59
N ARG B 247 -28.79 21.97 -29.44
CA ARG B 247 -28.06 20.73 -29.58
C ARG B 247 -26.73 21.07 -30.22
N LEU B 248 -25.87 20.10 -30.44
CA LEU B 248 -24.59 20.38 -31.08
C LEU B 248 -24.83 20.73 -32.53
N PRO B 249 -24.00 21.63 -33.10
CA PRO B 249 -24.17 22.04 -34.48
C PRO B 249 -23.63 20.97 -35.44
N VAL B 250 -23.37 19.77 -34.94
CA VAL B 250 -22.93 18.67 -35.78
C VAL B 250 -23.65 17.38 -35.42
N VAL B 251 -23.57 16.41 -36.31
CA VAL B 251 -24.05 15.06 -36.05
C VAL B 251 -23.41 14.54 -34.76
N ASN B 252 -24.23 13.96 -33.87
CA ASN B 252 -23.77 13.56 -32.54
C ASN B 252 -24.21 12.15 -32.15
N PHE B 253 -23.24 11.23 -32.09
CA PHE B 253 -23.50 9.81 -31.86
C PHE B 253 -23.17 9.32 -30.46
N ALA B 254 -23.75 8.20 -30.09
CA ALA B 254 -23.41 7.54 -28.85
C ALA B 254 -22.38 6.45 -29.14
N ALA B 255 -21.38 6.34 -28.28
CA ALA B 255 -20.32 5.34 -28.43
C ALA B 255 -19.83 4.88 -27.06
N GLY B 256 -19.54 3.58 -26.95
CA GLY B 256 -18.91 3.07 -25.75
C GLY B 256 -19.88 2.31 -24.88
N GLY B 257 -19.81 0.99 -24.95
CA GLY B 257 -20.55 0.15 -24.04
C GLY B 257 -21.93 -0.22 -24.52
N VAL B 258 -22.26 0.12 -25.76
CA VAL B 258 -23.59 -0.14 -26.30
C VAL B 258 -23.69 -1.59 -26.73
N ALA B 259 -24.26 -2.42 -25.85
CA ALA B 259 -24.12 -3.87 -25.96
C ALA B 259 -25.39 -4.65 -26.31
N THR B 260 -26.54 -3.98 -26.35
CA THR B 260 -27.81 -4.66 -26.61
C THR B 260 -28.80 -3.74 -27.31
N PRO B 261 -29.77 -4.33 -28.03
CA PRO B 261 -30.79 -3.49 -28.63
C PRO B 261 -31.35 -2.47 -27.64
N ALA B 262 -31.56 -2.88 -26.39
CA ALA B 262 -32.07 -1.92 -25.40
C ALA B 262 -31.10 -0.74 -25.20
N ASP B 263 -29.81 -1.07 -25.09
CA ASP B 263 -28.77 -0.05 -24.95
C ASP B 263 -28.87 0.94 -26.08
N ALA B 264 -29.02 0.41 -27.31
CA ALA B 264 -29.07 1.24 -28.50
C ALA B 264 -30.31 2.13 -28.47
N ALA B 265 -31.45 1.56 -28.11
CA ALA B 265 -32.70 2.31 -28.02
C ALA B 265 -32.59 3.46 -27.02
N LEU B 266 -31.84 3.22 -25.95
CA LEU B 266 -31.71 4.18 -24.87
C LEU B 266 -31.03 5.47 -25.31
N MET B 267 -29.94 5.34 -26.06
CA MET B 267 -29.26 6.54 -26.53
C MET B 267 -30.16 7.32 -27.51
N MET B 268 -30.84 6.60 -28.40
CA MET B 268 -31.76 7.30 -29.31
C MET B 268 -32.80 8.08 -28.47
N ALA B 269 -33.38 7.41 -27.48
CA ALA B 269 -34.33 8.08 -26.58
C ALA B 269 -33.74 9.34 -25.93
N MET B 270 -32.43 9.40 -25.78
CA MET B 270 -31.79 10.54 -25.14
C MET B 270 -31.48 11.60 -26.16
N GLY B 271 -31.88 11.33 -27.40
CA GLY B 271 -31.81 12.31 -28.46
C GLY B 271 -30.58 12.19 -29.33
N MET B 272 -29.91 11.04 -29.30
CA MET B 272 -28.73 10.87 -30.14
C MET B 272 -29.10 10.65 -31.61
N ASP B 273 -28.19 10.99 -32.51
CA ASP B 273 -28.44 10.77 -33.93
C ASP B 273 -28.08 9.36 -34.34
N GLY B 274 -27.30 8.68 -33.53
CA GLY B 274 -26.90 7.34 -33.90
C GLY B 274 -25.99 6.62 -32.93
N VAL B 275 -25.46 5.50 -33.36
CA VAL B 275 -24.77 4.59 -32.46
C VAL B 275 -23.58 3.93 -33.12
N PHE B 276 -22.43 4.01 -32.45
CA PHE B 276 -21.25 3.23 -32.79
C PHE B 276 -21.26 1.99 -31.93
N VAL B 277 -20.96 0.83 -32.49
CA VAL B 277 -20.73 -0.34 -31.65
C VAL B 277 -19.66 -1.22 -32.26
N GLY B 278 -18.79 -1.79 -31.42
CA GLY B 278 -17.63 -2.52 -31.91
C GLY B 278 -17.51 -3.94 -31.40
N SER B 279 -17.07 -4.07 -30.16
CA SER B 279 -16.99 -5.37 -29.49
C SER B 279 -18.36 -6.04 -29.52
N GLY B 280 -19.30 -5.43 -28.79
CA GLY B 280 -20.65 -5.91 -28.62
C GLY B 280 -21.14 -6.97 -29.59
N ILE B 281 -21.08 -6.66 -30.88
CA ILE B 281 -21.60 -7.52 -31.94
C ILE B 281 -20.83 -8.85 -32.09
N PHE B 282 -19.71 -8.81 -32.79
CA PHE B 282 -18.93 -10.02 -33.02
C PHE B 282 -18.52 -10.62 -31.67
N LYS B 283 -18.82 -11.91 -31.54
CA LYS B 283 -19.06 -12.59 -30.26
C LYS B 283 -20.50 -13.06 -30.37
N SER B 284 -20.92 -13.98 -29.51
CA SER B 284 -22.26 -14.59 -29.60
C SER B 284 -22.30 -15.68 -30.68
N SER B 285 -23.33 -16.51 -30.63
CA SER B 285 -23.43 -17.70 -31.48
C SER B 285 -24.12 -17.50 -32.85
N ASN B 286 -24.46 -16.24 -33.17
CA ASN B 286 -25.05 -15.89 -34.46
C ASN B 286 -25.04 -14.39 -34.67
N PRO B 287 -23.90 -13.73 -34.39
CA PRO B 287 -23.79 -12.27 -34.41
C PRO B 287 -24.53 -11.56 -35.55
N PRO B 288 -24.48 -12.09 -36.77
CA PRO B 288 -25.27 -11.49 -37.85
C PRO B 288 -26.68 -11.10 -37.39
N LYS B 289 -27.20 -11.78 -36.38
CA LYS B 289 -28.53 -11.50 -35.86
C LYS B 289 -28.44 -10.36 -34.86
N MET B 290 -27.40 -10.39 -34.03
CA MET B 290 -27.10 -9.34 -33.09
C MET B 290 -26.88 -8.03 -33.81
N ALA B 291 -26.03 -8.07 -34.83
CA ALA B 291 -25.77 -6.90 -35.66
C ALA B 291 -27.07 -6.38 -36.21
N ARG B 292 -27.94 -7.29 -36.63
CA ARG B 292 -29.23 -6.92 -37.23
C ARG B 292 -30.16 -6.36 -36.17
N ALA B 293 -30.16 -6.99 -34.99
CA ALA B 293 -30.92 -6.49 -33.87
C ALA B 293 -30.57 -5.03 -33.60
N ILE B 294 -29.29 -4.73 -33.42
CA ILE B 294 -28.83 -3.37 -33.17
C ILE B 294 -29.41 -2.41 -34.21
N VAL B 295 -29.23 -2.76 -35.49
CA VAL B 295 -29.74 -1.96 -36.58
C VAL B 295 -31.24 -1.68 -36.44
N GLU B 296 -31.99 -2.70 -36.03
CA GLU B 296 -33.44 -2.55 -35.94
C GLU B 296 -33.88 -1.76 -34.72
N ALA B 297 -33.16 -1.92 -33.61
CA ALA B 297 -33.49 -1.20 -32.39
C ALA B 297 -33.40 0.30 -32.62
N VAL B 298 -32.40 0.71 -33.40
CA VAL B 298 -32.21 2.12 -33.75
C VAL B 298 -33.35 2.68 -34.62
N ASN B 299 -33.79 1.91 -35.60
CA ASN B 299 -34.90 2.34 -36.44
C ASN B 299 -36.22 2.46 -35.67
N HIS B 300 -36.44 1.52 -34.75
CA HIS B 300 -37.70 1.47 -34.02
C HIS B 300 -37.55 1.73 -32.52
N TRP B 301 -36.66 2.65 -32.16
CA TRP B 301 -36.35 2.94 -30.76
C TRP B 301 -37.52 3.41 -29.90
N ASP B 302 -38.58 3.92 -30.52
CA ASP B 302 -39.74 4.38 -29.74
C ASP B 302 -40.85 3.34 -29.56
N GLU B 303 -40.68 2.16 -30.16
CA GLU B 303 -41.71 1.14 -30.13
C GLU B 303 -41.32 -0.09 -29.30
N PRO B 304 -41.66 -0.06 -28.01
CA PRO B 304 -41.34 -1.06 -27.00
C PRO B 304 -41.68 -2.47 -27.44
N ASP B 305 -42.86 -2.63 -28.03
CA ASP B 305 -43.36 -3.94 -28.44
C ASP B 305 -42.48 -4.53 -29.52
N VAL B 306 -41.84 -3.66 -30.28
CA VAL B 306 -40.96 -4.09 -31.37
C VAL B 306 -39.56 -4.44 -30.84
N LEU B 307 -39.06 -3.65 -29.89
CA LEU B 307 -37.78 -3.90 -29.25
C LEU B 307 -37.81 -5.24 -28.53
N ALA B 308 -38.95 -5.53 -27.90
CA ALA B 308 -39.15 -6.84 -27.28
C ALA B 308 -39.04 -7.98 -28.29
N GLU B 309 -39.48 -7.73 -29.51
CA GLU B 309 -39.40 -8.75 -30.56
C GLU B 309 -37.98 -8.90 -31.05
N ILE B 310 -37.36 -7.77 -31.36
CA ILE B 310 -35.98 -7.78 -31.81
C ILE B 310 -35.09 -8.53 -30.84
N SER B 311 -35.39 -8.42 -29.55
CA SER B 311 -34.57 -9.00 -28.51
C SER B 311 -34.64 -10.52 -28.45
N ARG B 312 -35.78 -11.08 -28.83
CA ARG B 312 -35.98 -12.53 -28.74
C ARG B 312 -34.82 -13.28 -29.39
N GLU B 313 -34.14 -14.10 -28.59
CA GLU B 313 -33.02 -14.92 -29.05
C GLU B 313 -32.12 -14.16 -30.02
N ILE B 314 -31.00 -13.68 -29.53
CA ILE B 314 -30.09 -12.88 -30.37
C ILE B 314 -28.61 -13.26 -30.17
N GLY B 315 -28.34 -14.13 -29.21
CA GLY B 315 -26.99 -14.61 -28.99
C GLY B 315 -26.53 -14.52 -27.54
N GLU B 316 -25.29 -14.06 -27.37
CA GLU B 316 -24.71 -13.91 -26.04
C GLU B 316 -23.79 -12.68 -25.96
N PRO B 317 -24.31 -11.56 -25.42
CA PRO B 317 -23.54 -10.33 -25.28
C PRO B 317 -22.28 -10.52 -24.42
N MET B 318 -21.18 -9.89 -24.82
CA MET B 318 -19.87 -10.09 -24.20
C MET B 318 -19.83 -9.89 -22.69
N ARG B 319 -18.95 -10.64 -22.02
CA ARG B 319 -18.64 -10.40 -20.62
C ARG B 319 -17.82 -9.11 -20.54
N GLY B 320 -18.40 -8.09 -19.91
CA GLY B 320 -17.79 -6.78 -19.89
C GLY B 320 -16.77 -6.59 -18.78
N GLN B 321 -16.72 -5.38 -18.23
CA GLN B 321 -15.82 -5.05 -17.12
C GLN B 321 -16.45 -3.97 -16.22
N ALA B 322 -16.52 -4.25 -14.92
CA ALA B 322 -17.14 -3.34 -13.96
C ALA B 322 -16.30 -2.10 -13.68
N ASP C 2 -57.51 16.40 -20.61
CA ASP C 2 -57.36 17.56 -19.74
C ASP C 2 -57.65 17.23 -18.26
N LYS C 3 -58.86 17.52 -17.80
CA LYS C 3 -59.24 17.21 -16.43
C LYS C 3 -59.48 15.70 -16.28
N LEU C 4 -59.72 15.03 -17.41
CA LEU C 4 -59.93 13.58 -17.39
C LEU C 4 -58.60 12.85 -17.28
N LYS C 5 -57.61 13.27 -18.07
CA LYS C 5 -56.26 12.72 -17.97
C LYS C 5 -55.64 13.05 -16.62
N ILE C 6 -55.80 14.30 -16.19
CA ILE C 6 -55.36 14.69 -14.85
C ILE C 6 -55.95 13.72 -13.83
N ILE C 7 -57.28 13.57 -13.88
CA ILE C 7 -57.98 12.66 -12.97
C ILE C 7 -57.40 11.23 -13.06
N MET C 8 -57.61 10.56 -14.20
CA MET C 8 -57.20 9.16 -14.31
C MET C 8 -55.72 8.92 -14.00
N GLU C 9 -54.93 9.99 -13.94
CA GLU C 9 -53.51 9.88 -13.66
C GLU C 9 -53.20 9.87 -12.16
N LYS C 10 -53.81 10.79 -11.41
CA LYS C 10 -53.67 10.81 -9.95
C LYS C 10 -54.31 9.57 -9.34
N GLY C 11 -54.95 8.76 -10.19
CA GLY C 11 -55.63 7.56 -9.72
C GLY C 11 -54.97 6.27 -10.15
N THR C 12 -54.04 6.36 -11.09
CA THR C 12 -53.27 5.19 -11.51
C THR C 12 -52.12 4.94 -10.53
N GLU C 13 -51.70 6.00 -9.85
CA GLU C 13 -50.74 5.92 -8.76
C GLU C 13 -51.34 5.14 -7.59
N ARG C 14 -52.48 5.62 -7.10
CA ARG C 14 -53.25 4.91 -6.07
C ARG C 14 -53.52 3.47 -6.50
N LEU C 15 -53.64 3.27 -7.81
CA LEU C 15 -53.91 1.96 -8.40
C LEU C 15 -52.73 1.00 -8.30
N LYS C 16 -51.54 1.48 -8.67
CA LYS C 16 -50.32 0.66 -8.66
C LYS C 16 -49.93 0.22 -7.25
N ARG C 17 -50.01 1.15 -6.31
CA ARG C 17 -49.82 0.82 -4.91
C ARG C 17 -50.79 -0.30 -4.53
N GLY C 18 -52.05 -0.15 -4.93
CA GLY C 18 -53.03 -1.21 -4.75
C GLY C 18 -52.49 -2.57 -5.15
N PHE C 19 -51.93 -2.66 -6.36
CA PHE C 19 -51.41 -3.94 -6.85
C PHE C 19 -50.50 -4.60 -5.82
N ALA C 20 -49.58 -3.82 -5.26
CA ALA C 20 -48.57 -4.36 -4.35
C ALA C 20 -49.21 -5.08 -3.15
N LYS C 21 -50.37 -4.60 -2.73
CA LYS C 21 -51.05 -5.17 -1.57
C LYS C 21 -51.27 -6.67 -1.76
N MET C 22 -51.37 -7.11 -3.01
CA MET C 22 -51.62 -8.51 -3.29
C MET C 22 -50.51 -9.37 -2.70
N VAL C 23 -49.26 -8.92 -2.84
CA VAL C 23 -48.12 -9.74 -2.47
C VAL C 23 -47.82 -9.72 -0.97
N LYS C 24 -48.42 -8.76 -0.26
CA LYS C 24 -48.24 -8.64 1.20
C LYS C 24 -48.30 -9.98 1.95
N GLY C 25 -47.64 -10.03 3.11
CA GLY C 25 -47.57 -11.23 3.94
C GLY C 25 -46.96 -12.48 3.29
N GLY C 26 -46.22 -12.31 2.21
CA GLY C 26 -45.68 -13.47 1.52
C GLY C 26 -44.18 -13.44 1.21
N VAL C 27 -43.77 -14.35 0.32
CA VAL C 27 -42.39 -14.52 -0.05
C VAL C 27 -42.20 -14.40 -1.56
N ILE C 28 -41.20 -13.64 -1.98
CA ILE C 28 -40.88 -13.55 -3.41
C ILE C 28 -39.52 -14.19 -3.67
N MET C 29 -39.44 -15.08 -4.67
CA MET C 29 -38.23 -15.85 -4.88
C MET C 29 -37.55 -15.61 -6.21
N ASP C 30 -36.24 -15.42 -6.19
CA ASP C 30 -35.47 -15.27 -7.42
C ASP C 30 -35.37 -16.64 -8.08
N VAL C 31 -35.81 -16.73 -9.33
CA VAL C 31 -35.71 -17.99 -10.08
C VAL C 31 -34.90 -17.80 -11.38
N THR C 32 -34.30 -18.88 -11.88
CA THR C 32 -33.43 -18.77 -13.03
C THR C 32 -33.87 -19.62 -14.21
N ASN C 33 -34.86 -20.48 -14.00
CA ASN C 33 -35.41 -21.25 -15.09
C ASN C 33 -36.83 -21.72 -14.78
N ALA C 34 -37.47 -22.41 -15.72
CA ALA C 34 -38.85 -22.84 -15.54
C ALA C 34 -38.97 -23.84 -14.39
N GLU C 35 -38.03 -24.78 -14.33
CA GLU C 35 -38.05 -25.77 -13.27
C GLU C 35 -38.22 -25.06 -11.93
N GLN C 36 -37.37 -24.08 -11.68
CA GLN C 36 -37.33 -23.39 -10.40
C GLN C 36 -38.59 -22.58 -10.13
N ALA C 37 -39.16 -22.01 -11.19
CA ALA C 37 -40.41 -21.27 -11.06
C ALA C 37 -41.46 -22.15 -10.40
N ARG C 38 -41.61 -23.37 -10.91
CA ARG C 38 -42.58 -24.33 -10.36
C ARG C 38 -42.33 -24.63 -8.88
N ILE C 39 -41.16 -25.18 -8.60
CA ILE C 39 -40.76 -25.46 -7.24
C ILE C 39 -41.19 -24.32 -6.30
N ALA C 40 -41.08 -23.09 -6.79
CA ALA C 40 -41.39 -21.90 -5.98
C ALA C 40 -42.88 -21.51 -5.90
N GLU C 41 -43.65 -21.83 -6.94
CA GLU C 41 -45.10 -21.65 -6.84
C GLU C 41 -45.69 -22.77 -5.97
N GLU C 42 -45.19 -23.99 -6.17
CA GLU C 42 -45.65 -25.15 -5.41
C GLU C 42 -45.29 -25.00 -3.94
N ALA C 43 -44.17 -24.34 -3.68
CA ALA C 43 -43.72 -24.12 -2.32
C ALA C 43 -44.52 -23.00 -1.64
N GLY C 44 -45.11 -22.11 -2.44
CA GLY C 44 -46.00 -21.10 -1.90
C GLY C 44 -45.53 -19.67 -2.02
N ALA C 45 -44.69 -19.42 -3.01
CA ALA C 45 -44.29 -18.04 -3.29
C ALA C 45 -45.47 -17.22 -3.80
N VAL C 46 -45.67 -16.05 -3.23
CA VAL C 46 -46.71 -15.17 -3.73
C VAL C 46 -46.27 -14.51 -5.04
N ALA C 47 -45.06 -14.82 -5.48
CA ALA C 47 -44.50 -14.18 -6.66
C ALA C 47 -43.08 -14.68 -6.86
N VAL C 48 -42.60 -14.66 -8.09
CA VAL C 48 -41.22 -15.07 -8.32
C VAL C 48 -40.46 -13.95 -8.99
N MET C 49 -39.14 -13.89 -8.76
CA MET C 49 -38.28 -12.93 -9.45
C MET C 49 -37.39 -13.65 -10.47
N ALA C 50 -37.40 -13.14 -11.70
CA ALA C 50 -36.79 -13.82 -12.84
C ALA C 50 -35.40 -13.30 -13.25
N LEU C 51 -34.44 -14.21 -13.31
CA LEU C 51 -33.12 -13.95 -13.88
C LEU C 51 -32.75 -15.11 -14.79
N HIS C 52 -31.70 -14.91 -15.60
CA HIS C 52 -31.09 -16.01 -16.31
C HIS C 52 -29.90 -16.43 -15.48
N LYS C 53 -29.14 -15.44 -15.00
CA LYS C 53 -28.04 -15.71 -14.09
C LYS C 53 -28.18 -14.80 -12.89
N VAL C 54 -27.37 -15.05 -11.86
CA VAL C 54 -27.40 -14.22 -10.68
C VAL C 54 -26.43 -13.04 -10.88
N PRO C 55 -26.97 -11.81 -10.76
CA PRO C 55 -26.19 -10.57 -10.83
C PRO C 55 -25.01 -10.63 -9.88
N ALA C 56 -25.23 -11.07 -8.65
CA ALA C 56 -24.17 -11.22 -7.65
C ALA C 56 -22.99 -12.00 -8.22
N ASP C 57 -23.28 -13.22 -8.67
CA ASP C 57 -22.28 -14.07 -9.30
C ASP C 57 -21.57 -13.35 -10.45
N ILE C 58 -22.34 -12.61 -11.23
CA ILE C 58 -21.82 -11.86 -12.37
C ILE C 58 -20.84 -10.77 -11.92
N ARG C 59 -21.14 -10.15 -10.79
CA ARG C 59 -20.36 -9.00 -10.33
C ARG C 59 -19.23 -9.43 -9.39
N LYS C 60 -19.44 -10.51 -8.66
CA LYS C 60 -18.32 -11.21 -8.04
C LYS C 60 -17.66 -12.04 -9.15
N ALA C 61 -16.87 -11.36 -9.97
CA ALA C 61 -16.31 -11.88 -11.22
C ALA C 61 -16.23 -10.72 -12.20
N GLY C 62 -16.67 -9.55 -11.73
CA GLY C 62 -16.48 -8.29 -12.43
C GLY C 62 -16.94 -8.26 -13.88
N GLY C 63 -18.22 -8.55 -14.10
CA GLY C 63 -18.81 -8.41 -15.42
C GLY C 63 -19.95 -7.40 -15.36
N VAL C 64 -20.68 -7.27 -16.47
CA VAL C 64 -21.79 -6.33 -16.53
C VAL C 64 -23.15 -7.02 -16.43
N ALA C 65 -23.88 -6.74 -15.36
CA ALA C 65 -25.15 -7.38 -15.12
C ALA C 65 -26.25 -6.60 -15.81
N ARG C 66 -26.89 -7.23 -16.79
CA ARG C 66 -27.97 -6.59 -17.52
C ARG C 66 -29.30 -7.27 -17.26
N MET C 67 -30.36 -6.70 -17.83
CA MET C 67 -31.65 -7.35 -17.96
C MET C 67 -31.46 -8.81 -18.36
N ALA C 68 -32.34 -9.69 -17.89
CA ALA C 68 -32.28 -11.07 -18.33
C ALA C 68 -32.71 -11.14 -19.79
N PRO C 69 -32.42 -12.26 -20.47
CA PRO C 69 -32.92 -12.52 -21.83
C PRO C 69 -34.44 -12.60 -21.90
N VAL C 70 -35.03 -12.10 -22.97
CA VAL C 70 -36.47 -12.15 -23.15
C VAL C 70 -36.99 -13.59 -23.21
N GLU C 71 -36.23 -14.48 -23.84
CA GLU C 71 -36.57 -15.89 -23.77
C GLU C 71 -36.79 -16.36 -22.33
N LYS C 72 -35.73 -16.31 -21.53
CA LYS C 72 -35.79 -16.81 -20.15
C LYS C 72 -36.95 -16.22 -19.37
N ILE C 73 -37.16 -14.91 -19.50
CA ILE C 73 -38.31 -14.27 -18.85
C ILE C 73 -39.62 -14.87 -19.35
N GLN C 74 -39.72 -15.10 -20.65
CA GLN C 74 -40.92 -15.67 -21.26
C GLN C 74 -41.19 -17.05 -20.68
N GLU C 75 -40.22 -17.94 -20.81
CA GLU C 75 -40.38 -19.30 -20.30
C GLU C 75 -40.86 -19.33 -18.84
N ILE C 76 -40.22 -18.53 -17.99
CA ILE C 76 -40.66 -18.40 -16.61
C ILE C 76 -42.12 -17.96 -16.50
N MET C 77 -42.50 -16.88 -17.18
CA MET C 77 -43.87 -16.40 -17.17
C MET C 77 -44.83 -17.49 -17.61
N ASP C 78 -44.33 -18.39 -18.46
CA ASP C 78 -45.12 -19.48 -19.01
C ASP C 78 -45.28 -20.64 -18.03
N ALA C 79 -44.54 -20.59 -16.93
CA ALA C 79 -44.44 -21.73 -16.05
C ALA C 79 -45.24 -21.58 -14.76
N VAL C 80 -45.82 -20.40 -14.53
CA VAL C 80 -46.52 -20.13 -13.28
C VAL C 80 -47.67 -19.17 -13.48
N THR C 81 -48.51 -19.08 -12.46
CA THR C 81 -49.69 -18.21 -12.51
C THR C 81 -49.58 -17.09 -11.48
N ILE C 82 -48.69 -17.28 -10.50
CA ILE C 82 -48.34 -16.20 -9.57
C ILE C 82 -47.63 -15.09 -10.35
N PRO C 83 -47.79 -13.83 -9.91
CA PRO C 83 -47.22 -12.66 -10.59
C PRO C 83 -45.72 -12.82 -10.79
N VAL C 84 -45.24 -12.51 -11.99
CA VAL C 84 -43.81 -12.65 -12.30
C VAL C 84 -43.11 -11.29 -12.45
N MET C 85 -41.95 -11.17 -11.80
CA MET C 85 -41.16 -9.94 -11.82
C MET C 85 -39.81 -10.08 -12.55
N ALA C 86 -39.32 -8.96 -13.06
CA ALA C 86 -37.98 -8.92 -13.63
C ALA C 86 -37.22 -7.69 -13.17
N LYS C 87 -35.89 -7.80 -13.15
CA LYS C 87 -35.04 -6.70 -12.75
C LYS C 87 -34.57 -5.93 -13.98
N CYS C 88 -34.44 -4.62 -13.84
CA CYS C 88 -33.72 -3.85 -14.86
C CYS C 88 -32.66 -3.00 -14.18
N ARG C 89 -31.75 -2.45 -14.97
CA ARG C 89 -30.66 -1.62 -14.49
C ARG C 89 -31.16 -0.25 -14.12
N ILE C 90 -30.61 0.31 -13.04
CA ILE C 90 -30.99 1.65 -12.63
C ILE C 90 -30.84 2.66 -13.77
N GLY C 91 -31.92 3.37 -14.08
CA GLY C 91 -31.91 4.42 -15.07
C GLY C 91 -32.15 3.93 -16.48
N HIS C 92 -32.26 2.61 -16.66
CA HIS C 92 -32.37 2.06 -18.01
C HIS C 92 -33.81 2.07 -18.55
N GLU C 93 -34.29 3.28 -18.83
CA GLU C 93 -35.60 3.50 -19.46
C GLU C 93 -36.01 2.41 -20.45
N ALA C 94 -35.07 1.98 -21.28
CA ALA C 94 -35.37 1.07 -22.37
C ALA C 94 -35.56 -0.37 -21.92
N GLU C 95 -34.70 -0.82 -21.02
CA GLU C 95 -34.84 -2.17 -20.46
C GLU C 95 -36.22 -2.32 -19.81
N ALA C 96 -36.73 -1.24 -19.24
CA ALA C 96 -38.00 -1.31 -18.52
C ALA C 96 -39.18 -1.38 -19.48
N ARG C 97 -39.30 -0.38 -20.35
CA ARG C 97 -40.30 -0.38 -21.42
C ARG C 97 -40.45 -1.74 -22.12
N ILE C 98 -39.34 -2.43 -22.35
CA ILE C 98 -39.41 -3.77 -22.92
C ILE C 98 -40.08 -4.75 -21.98
N LEU C 99 -39.64 -4.78 -20.72
CA LEU C 99 -40.21 -5.69 -19.73
C LEU C 99 -41.73 -5.51 -19.59
N GLU C 100 -42.15 -4.24 -19.46
CA GLU C 100 -43.55 -3.88 -19.45
C GLU C 100 -44.28 -4.36 -20.71
N ALA C 101 -43.73 -3.97 -21.86
CA ALA C 101 -44.23 -4.40 -23.16
C ALA C 101 -44.08 -5.90 -23.40
N LEU C 102 -43.64 -6.62 -22.38
CA LEU C 102 -43.44 -8.06 -22.51
C LEU C 102 -44.40 -8.80 -21.58
N GLY C 103 -45.10 -8.04 -20.73
CA GLY C 103 -46.12 -8.64 -19.89
C GLY C 103 -45.84 -8.76 -18.40
N VAL C 104 -44.59 -8.52 -17.98
CA VAL C 104 -44.22 -8.68 -16.58
C VAL C 104 -45.13 -7.88 -15.65
N ASP C 105 -45.40 -8.44 -14.48
CA ASP C 105 -46.33 -7.85 -13.54
C ASP C 105 -45.72 -6.69 -12.76
N MET C 106 -44.43 -6.76 -12.48
CA MET C 106 -43.74 -5.71 -11.73
C MET C 106 -42.27 -5.61 -12.15
N ILE C 107 -41.77 -4.39 -12.29
CA ILE C 107 -40.35 -4.20 -12.62
C ILE C 107 -39.53 -3.83 -11.39
N ASP C 108 -38.41 -4.53 -11.17
CA ASP C 108 -37.49 -4.15 -10.10
C ASP C 108 -36.33 -3.33 -10.64
N GLU C 109 -36.30 -2.04 -10.32
CA GLU C 109 -35.18 -1.20 -10.72
C GLU C 109 -34.08 -1.45 -9.72
N SER C 110 -33.26 -2.44 -10.01
CA SER C 110 -32.41 -3.08 -9.02
C SER C 110 -30.97 -2.61 -9.03
N GLU C 111 -30.44 -2.35 -7.85
CA GLU C 111 -29.07 -1.92 -7.71
C GLU C 111 -28.07 -3.06 -7.86
N VAL C 112 -28.55 -4.29 -8.06
CA VAL C 112 -27.63 -5.42 -8.17
C VAL C 112 -27.26 -5.69 -9.62
N LEU C 113 -28.02 -5.09 -10.53
CA LEU C 113 -27.58 -5.01 -11.92
C LEU C 113 -26.68 -3.79 -12.07
N THR C 114 -25.77 -3.85 -13.02
CA THR C 114 -24.87 -2.74 -13.24
C THR C 114 -25.67 -1.50 -13.61
N PRO C 115 -25.61 -0.45 -12.78
CA PRO C 115 -26.36 0.79 -13.06
C PRO C 115 -26.06 1.35 -14.45
N ALA C 116 -27.04 2.02 -15.06
CA ALA C 116 -26.95 2.48 -16.44
C ALA C 116 -26.88 4.00 -16.52
N ASP C 117 -27.44 4.67 -15.52
CA ASP C 117 -27.42 6.13 -15.42
C ASP C 117 -26.76 6.53 -14.10
N PRO C 118 -25.72 7.38 -14.16
CA PRO C 118 -25.02 7.70 -12.91
C PRO C 118 -25.65 8.87 -12.19
N PHE C 119 -26.69 9.47 -12.75
CA PHE C 119 -27.32 10.63 -12.12
C PHE C 119 -28.76 10.40 -11.63
N PHE C 120 -29.58 9.77 -12.47
CA PHE C 120 -31.02 9.71 -12.23
C PHE C 120 -31.57 8.31 -12.35
N HIS C 121 -32.59 8.00 -11.56
CA HIS C 121 -33.38 6.78 -11.76
C HIS C 121 -34.49 7.02 -12.79
N ILE C 122 -35.01 5.92 -13.34
CA ILE C 122 -36.17 5.99 -14.22
C ILE C 122 -37.30 6.82 -13.59
N TYR C 123 -37.97 7.66 -14.39
CA TYR C 123 -39.18 8.31 -13.90
C TYR C 123 -40.33 7.32 -14.02
N LYS C 124 -40.66 6.66 -12.92
CA LYS C 124 -41.56 5.52 -12.99
C LYS C 124 -43.03 5.90 -13.15
N LYS C 125 -43.35 7.15 -12.83
CA LYS C 125 -44.71 7.66 -13.03
C LYS C 125 -45.19 7.64 -14.50
N LYS C 126 -44.27 7.84 -15.45
CA LYS C 126 -44.56 7.75 -16.89
C LYS C 126 -44.83 6.33 -17.35
N PHE C 127 -44.77 5.38 -16.43
CA PHE C 127 -44.85 3.98 -16.81
C PHE C 127 -46.23 3.43 -16.49
N THR C 128 -46.57 2.33 -17.15
CA THR C 128 -47.84 1.69 -16.85
C THR C 128 -47.62 0.64 -15.78
N ALA C 129 -46.63 -0.21 -15.99
CA ALA C 129 -46.25 -1.20 -14.98
C ALA C 129 -45.90 -0.55 -13.64
N PRO C 130 -46.11 -1.31 -12.55
CA PRO C 130 -45.66 -0.95 -11.20
C PRO C 130 -44.18 -1.30 -10.98
N PHE C 131 -43.47 -0.42 -10.27
CA PHE C 131 -42.06 -0.60 -9.97
C PHE C 131 -41.79 -0.85 -8.48
N VAL C 132 -40.89 -1.78 -8.18
CA VAL C 132 -40.29 -1.89 -6.83
C VAL C 132 -38.89 -1.29 -6.87
N CYS C 133 -38.52 -0.57 -5.81
CA CYS C 133 -37.20 0.04 -5.68
C CYS C 133 -36.58 -0.26 -4.34
N GLY C 134 -35.25 -0.33 -4.30
CA GLY C 134 -34.54 -0.56 -3.05
C GLY C 134 -34.25 0.73 -2.30
N ALA C 135 -34.26 0.64 -0.96
CA ALA C 135 -33.92 1.78 -0.11
C ALA C 135 -32.97 1.40 1.04
N ARG C 136 -32.04 2.31 1.36
CA ARG C 136 -31.10 2.12 2.47
C ARG C 136 -31.56 2.93 3.66
N ASN C 137 -32.19 4.07 3.38
CA ASN C 137 -32.73 4.92 4.45
C ASN C 137 -33.95 5.69 3.96
N LEU C 138 -34.57 6.46 4.85
CA LEU C 138 -35.84 7.09 4.55
C LEU C 138 -35.77 8.03 3.35
N GLY C 139 -34.76 8.88 3.33
CA GLY C 139 -34.56 9.80 2.22
C GLY C 139 -34.53 9.06 0.89
N GLU C 140 -33.91 7.90 0.86
CA GLU C 140 -33.79 7.14 -0.37
C GLU C 140 -35.17 6.58 -0.74
N ALA C 141 -35.86 6.04 0.26
CA ALA C 141 -37.21 5.51 0.06
C ALA C 141 -38.18 6.58 -0.45
N VAL C 142 -38.18 7.73 0.19
CA VAL C 142 -39.03 8.84 -0.21
C VAL C 142 -38.70 9.32 -1.63
N ARG C 143 -37.41 9.35 -1.97
CA ARG C 143 -37.00 9.65 -3.34
C ARG C 143 -37.55 8.64 -4.37
N ARG C 144 -37.35 7.34 -4.18
CA ARG C 144 -37.92 6.33 -5.08
C ARG C 144 -39.45 6.38 -5.08
N ILE C 145 -40.05 6.97 -4.05
CA ILE C 145 -41.51 7.04 -4.00
C ILE C 145 -42.01 8.24 -4.80
N TRP C 146 -41.37 9.40 -4.62
CA TRP C 146 -41.68 10.56 -5.46
C TRP C 146 -41.51 10.29 -6.94
N GLU C 147 -40.62 9.35 -7.29
CA GLU C 147 -40.36 9.01 -8.68
C GLU C 147 -41.36 7.99 -9.19
N GLY C 148 -42.16 7.43 -8.27
CA GLY C 148 -43.27 6.59 -8.66
C GLY C 148 -43.24 5.12 -8.32
N ALA C 149 -42.31 4.70 -7.48
CA ALA C 149 -42.24 3.30 -7.05
C ALA C 149 -43.51 2.86 -6.36
N ALA C 150 -43.99 1.68 -6.68
CA ALA C 150 -45.24 1.17 -6.14
C ALA C 150 -44.98 0.44 -4.83
N MET C 151 -43.82 -0.22 -4.76
CA MET C 151 -43.36 -0.92 -3.57
C MET C 151 -41.87 -0.66 -3.30
N ILE C 152 -41.48 -0.68 -2.02
CA ILE C 152 -40.08 -0.49 -1.60
C ILE C 152 -39.50 -1.74 -0.91
N ARG C 153 -38.26 -2.09 -1.21
CA ARG C 153 -37.56 -3.10 -0.42
C ARG C 153 -36.28 -2.54 0.17
N THR C 154 -35.71 -3.24 1.14
CA THR C 154 -34.40 -2.85 1.65
C THR C 154 -33.39 -3.27 0.59
N LYS C 155 -32.24 -2.61 0.56
CA LYS C 155 -31.19 -3.03 -0.37
C LYS C 155 -30.44 -4.20 0.25
N GLY C 156 -30.31 -4.17 1.57
CA GLY C 156 -29.52 -5.17 2.27
C GLY C 156 -28.19 -5.42 1.58
N GLU C 157 -27.91 -6.69 1.31
CA GLU C 157 -26.65 -7.05 0.67
C GLU C 157 -26.86 -8.39 -0.02
N ALA C 158 -26.73 -8.40 -1.35
CA ALA C 158 -27.05 -9.60 -2.12
C ALA C 158 -25.83 -10.48 -2.31
N GLY C 159 -26.08 -11.78 -2.39
CA GLY C 159 -25.02 -12.74 -2.65
C GLY C 159 -24.12 -13.00 -1.46
N THR C 160 -24.52 -12.49 -0.29
CA THR C 160 -23.70 -12.64 0.91
C THR C 160 -24.35 -13.54 1.97
N GLY C 161 -25.66 -13.75 1.88
CA GLY C 161 -26.36 -14.52 2.88
C GLY C 161 -26.27 -13.87 4.24
N ASN C 162 -25.85 -12.61 4.26
CA ASN C 162 -25.71 -11.87 5.51
C ASN C 162 -26.86 -10.91 5.74
N ILE C 163 -27.58 -11.10 6.83
CA ILE C 163 -28.82 -10.38 7.04
C ILE C 163 -28.64 -9.01 7.67
N ILE C 164 -27.42 -8.67 8.08
CA ILE C 164 -27.23 -7.47 8.90
C ILE C 164 -27.45 -6.15 8.15
N GLU C 165 -27.26 -6.14 6.84
CA GLU C 165 -27.51 -4.91 6.09
C GLU C 165 -29.00 -4.59 5.90
N ALA C 166 -29.79 -5.62 5.57
CA ALA C 166 -31.25 -5.49 5.61
C ALA C 166 -31.75 -4.91 6.93
N VAL C 167 -31.22 -5.43 8.05
CA VAL C 167 -31.65 -5.00 9.37
C VAL C 167 -31.32 -3.52 9.64
N ARG C 168 -30.16 -3.08 9.18
CA ARG C 168 -29.72 -1.69 9.37
C ARG C 168 -30.61 -0.74 8.59
N HIS C 169 -30.85 -1.09 7.34
CA HIS C 169 -31.74 -0.30 6.50
C HIS C 169 -33.15 -0.22 7.10
N VAL C 170 -33.64 -1.32 7.64
CA VAL C 170 -34.95 -1.29 8.29
C VAL C 170 -34.91 -0.35 9.49
N ARG C 171 -33.88 -0.46 10.31
CA ARG C 171 -33.80 0.38 11.49
C ARG C 171 -33.63 1.84 11.15
N LEU C 172 -32.89 2.10 10.07
CA LEU C 172 -32.63 3.48 9.69
C LEU C 172 -33.92 4.13 9.22
N VAL C 173 -34.72 3.38 8.45
CA VAL C 173 -36.00 3.85 7.98
C VAL C 173 -36.91 4.15 9.18
N ASN C 174 -37.25 3.11 9.94
CA ASN C 174 -38.20 3.25 11.05
C ASN C 174 -37.85 4.36 12.01
N GLU C 175 -36.60 4.42 12.45
CA GLU C 175 -36.19 5.50 13.34
C GLU C 175 -36.40 6.87 12.70
N ASN C 176 -36.15 6.97 11.40
CA ASN C 176 -36.37 8.24 10.71
C ASN C 176 -37.86 8.64 10.70
N ILE C 177 -38.73 7.64 10.54
CA ILE C 177 -40.17 7.88 10.59
C ILE C 177 -40.60 8.31 11.99
N ARG C 178 -40.17 7.55 12.99
CA ARG C 178 -40.46 7.90 14.37
C ARG C 178 -40.03 9.34 14.64
N LEU C 179 -39.01 9.79 13.93
CA LEU C 179 -38.46 11.12 14.14
C LEU C 179 -39.34 12.17 13.45
N ILE C 180 -39.83 11.83 12.26
CA ILE C 180 -40.80 12.68 11.57
C ILE C 180 -42.00 12.92 12.47
N GLN C 181 -42.56 11.83 12.99
CA GLN C 181 -43.71 11.91 13.86
C GLN C 181 -43.48 12.85 15.03
N ARG C 182 -42.22 13.20 15.32
CA ARG C 182 -41.93 14.09 16.44
C ARG C 182 -41.64 15.53 16.03
N MET C 183 -41.73 15.84 14.74
CA MET C 183 -41.36 17.18 14.32
C MET C 183 -42.58 18.03 14.00
N THR C 184 -42.43 19.33 14.19
CA THR C 184 -43.38 20.29 13.67
C THR C 184 -43.24 20.26 12.16
N ASP C 185 -44.25 20.74 11.45
CA ASP C 185 -44.24 20.70 9.98
C ASP C 185 -43.06 21.48 9.37
N GLU C 186 -42.60 22.52 10.05
CA GLU C 186 -41.49 23.34 9.57
C GLU C 186 -40.17 22.58 9.54
N GLU C 187 -39.99 21.70 10.52
CA GLU C 187 -38.78 20.89 10.61
C GLU C 187 -38.81 19.83 9.54
N ILE C 188 -39.99 19.28 9.28
CA ILE C 188 -40.17 18.27 8.24
C ILE C 188 -39.91 18.85 6.87
N TYR C 189 -40.09 20.16 6.73
CA TYR C 189 -39.84 20.80 5.45
C TYR C 189 -38.33 20.79 5.18
N GLY C 190 -37.56 21.16 6.20
CA GLY C 190 -36.11 21.20 6.11
C GLY C 190 -35.51 19.82 5.86
N VAL C 191 -36.09 18.80 6.46
CA VAL C 191 -35.70 17.43 6.14
C VAL C 191 -35.91 17.22 4.65
N ALA C 192 -37.06 17.65 4.16
CA ALA C 192 -37.42 17.48 2.77
C ALA C 192 -36.46 18.22 1.85
N GLU C 193 -35.97 19.37 2.31
CA GLU C 193 -34.98 20.11 1.56
C GLU C 193 -33.74 19.23 1.41
N LYS C 194 -33.39 18.56 2.51
CA LYS C 194 -32.30 17.62 2.52
C LYS C 194 -32.55 16.45 1.57
N PHE C 195 -33.70 15.81 1.70
CA PHE C 195 -33.98 14.61 0.91
C PHE C 195 -33.95 14.82 -0.60
N ALA C 196 -34.00 16.09 -1.02
CA ALA C 196 -34.03 16.42 -2.45
C ALA C 196 -32.66 16.77 -3.04
N GLU C 197 -31.70 17.10 -2.20
CA GLU C 197 -30.35 17.46 -2.67
C GLU C 197 -29.76 16.55 -3.77
N PRO C 198 -29.90 15.22 -3.61
CA PRO C 198 -29.23 14.32 -4.56
C PRO C 198 -29.57 14.61 -6.02
N TYR C 199 -30.74 15.23 -6.26
CA TYR C 199 -31.17 15.60 -7.62
C TYR C 199 -30.33 16.68 -8.28
N LEU C 200 -29.48 17.32 -7.50
CA LEU C 200 -28.64 18.39 -7.98
C LEU C 200 -27.28 17.95 -8.48
N ARG C 201 -27.02 16.64 -8.47
CA ARG C 201 -25.70 16.13 -8.83
C ARG C 201 -25.22 16.56 -10.22
N LEU C 202 -26.03 16.26 -11.24
CA LEU C 202 -25.76 16.66 -12.62
C LEU C 202 -25.61 18.17 -12.80
N ALA C 203 -26.60 18.92 -12.33
CA ALA C 203 -26.54 20.38 -12.39
C ALA C 203 -25.23 20.89 -11.84
N PHE C 204 -24.86 20.35 -10.67
CA PHE C 204 -23.63 20.75 -10.00
C PHE C 204 -22.35 20.34 -10.75
N SER C 205 -22.31 19.10 -11.23
CA SER C 205 -21.21 18.65 -12.08
C SER C 205 -21.06 19.55 -13.29
N VAL C 206 -22.17 19.84 -13.94
CA VAL C 206 -22.13 20.67 -15.12
C VAL C 206 -21.67 22.10 -14.81
N LYS C 207 -22.13 22.67 -13.70
CA LYS C 207 -21.67 24.01 -13.36
C LYS C 207 -20.17 24.07 -13.10
N GLU C 208 -19.63 23.00 -12.51
CA GLU C 208 -18.18 22.93 -12.29
C GLU C 208 -17.39 22.89 -13.62
N ILE C 209 -17.81 22.02 -14.53
CA ILE C 209 -17.29 21.98 -15.90
C ILE C 209 -17.41 23.34 -16.61
N SER C 210 -18.44 24.10 -16.25
CA SER C 210 -18.68 25.39 -16.88
C SER C 210 -17.93 26.52 -16.23
N GLY C 211 -17.28 26.23 -15.11
CA GLY C 211 -16.54 27.23 -14.36
C GLY C 211 -17.39 28.11 -13.44
N LEU C 212 -18.52 27.60 -12.96
CA LEU C 212 -19.43 28.41 -12.16
C LEU C 212 -19.59 27.85 -10.77
N PRO C 213 -19.90 28.73 -9.80
CA PRO C 213 -20.07 28.27 -8.42
C PRO C 213 -21.22 27.29 -8.36
N LYS C 214 -21.05 26.19 -7.64
CA LYS C 214 -22.11 25.20 -7.49
C LYS C 214 -23.21 25.75 -6.59
N ARG C 215 -24.29 26.23 -7.19
CA ARG C 215 -25.38 26.79 -6.41
C ARG C 215 -26.73 26.45 -7.02
N VAL C 216 -27.77 26.54 -6.21
CA VAL C 216 -29.11 26.24 -6.66
C VAL C 216 -29.69 27.47 -7.32
N LEU C 217 -30.48 27.26 -8.37
CA LEU C 217 -31.06 28.36 -9.10
C LEU C 217 -32.58 28.18 -9.17
N GLU C 218 -33.29 29.15 -8.60
CA GLU C 218 -34.72 29.03 -8.30
C GLU C 218 -35.59 28.50 -9.43
N ASN C 219 -35.26 28.88 -10.67
CA ASN C 219 -36.14 28.60 -11.81
C ASN C 219 -35.63 27.56 -12.80
N GLU C 220 -34.57 26.84 -12.48
CA GLU C 220 -34.03 25.91 -13.45
C GLU C 220 -34.48 24.48 -13.21
N PRO C 221 -35.01 23.83 -14.28
CA PRO C 221 -35.44 22.43 -14.20
C PRO C 221 -34.27 21.50 -13.94
N ILE C 222 -34.42 20.59 -12.98
CA ILE C 222 -33.34 19.72 -12.53
C ILE C 222 -33.57 18.29 -13.02
N TYR C 223 -34.79 17.81 -12.85
CA TYR C 223 -35.13 16.45 -13.20
C TYR C 223 -36.55 16.42 -13.77
N GLU C 224 -36.72 15.76 -14.90
CA GLU C 224 -38.02 15.60 -15.54
C GLU C 224 -38.93 16.84 -15.46
N GLY C 225 -38.33 18.01 -15.62
CA GLY C 225 -39.07 19.26 -15.59
C GLY C 225 -39.13 19.98 -14.25
N PHE C 226 -39.02 19.26 -13.15
CA PHE C 226 -39.14 19.89 -11.85
C PHE C 226 -37.88 20.66 -11.48
N THR C 227 -38.05 21.76 -10.75
CA THR C 227 -36.92 22.45 -10.18
C THR C 227 -36.65 21.81 -8.82
N TYR C 228 -35.63 22.27 -8.13
CA TYR C 228 -35.29 21.74 -6.81
C TYR C 228 -36.44 22.03 -5.86
N ARG C 229 -36.81 23.31 -5.78
CA ARG C 229 -37.95 23.76 -4.98
C ARG C 229 -39.22 22.93 -5.23
N GLU C 230 -39.49 22.59 -6.50
CA GLU C 230 -40.68 21.82 -6.81
C GLU C 230 -40.59 20.43 -6.19
N ILE C 231 -39.40 19.85 -6.27
CA ILE C 231 -39.17 18.53 -5.68
C ILE C 231 -39.26 18.59 -4.16
N VAL C 232 -38.61 19.58 -3.55
CA VAL C 232 -38.70 19.74 -2.11
C VAL C 232 -40.15 19.73 -1.63
N GLU C 233 -41.04 20.46 -2.31
CA GLU C 233 -42.45 20.50 -1.94
C GLU C 233 -43.14 19.15 -2.05
N ASP C 234 -42.91 18.44 -3.14
CA ASP C 234 -43.51 17.11 -3.32
C ASP C 234 -43.03 16.12 -2.26
N ILE C 235 -41.74 16.17 -1.94
CA ILE C 235 -41.17 15.27 -0.95
C ILE C 235 -41.68 15.62 0.46
N TYR C 236 -41.92 16.90 0.69
CA TYR C 236 -42.53 17.38 1.93
C TYR C 236 -43.93 16.82 2.13
N LYS C 237 -44.72 16.83 1.07
CA LYS C 237 -46.07 16.27 1.11
C LYS C 237 -46.04 14.77 1.43
N ILE C 238 -45.00 14.08 0.97
CA ILE C 238 -44.86 12.63 1.21
C ILE C 238 -44.44 12.33 2.64
N LEU C 239 -43.55 13.16 3.18
CA LEU C 239 -43.23 13.07 4.60
C LEU C 239 -44.48 13.29 5.43
N LEU C 240 -45.32 14.24 5.02
CA LEU C 240 -46.54 14.54 5.77
C LEU C 240 -47.53 13.36 5.77
N GLU C 241 -47.63 12.66 4.66
CA GLU C 241 -48.49 11.49 4.62
C GLU C 241 -47.91 10.37 5.47
N ILE C 242 -46.58 10.39 5.64
CA ILE C 242 -45.89 9.38 6.44
C ILE C 242 -46.02 9.73 7.93
N LYS C 243 -45.92 11.01 8.25
CA LYS C 243 -46.09 11.48 9.63
C LYS C 243 -47.43 11.03 10.20
N LYS C 244 -48.38 10.75 9.30
CA LYS C 244 -49.72 10.37 9.69
C LYS C 244 -49.92 8.84 9.65
N LEU C 245 -49.33 8.17 8.67
CA LEU C 245 -49.41 6.71 8.64
C LEU C 245 -48.43 6.06 9.64
N GLY C 246 -47.43 6.81 10.07
CA GLY C 246 -46.34 6.26 10.86
C GLY C 246 -45.71 5.08 10.13
N ARG C 247 -45.71 5.16 8.82
CA ARG C 247 -45.34 4.04 7.98
C ARG C 247 -45.06 4.52 6.54
N LEU C 248 -44.45 3.67 5.72
CA LEU C 248 -44.32 3.98 4.30
C LEU C 248 -45.65 3.80 3.56
N PRO C 249 -45.98 4.74 2.66
CA PRO C 249 -47.28 4.79 1.97
C PRO C 249 -47.42 3.71 0.92
N VAL C 250 -46.44 2.81 0.84
CA VAL C 250 -46.56 1.69 -0.09
C VAL C 250 -46.11 0.44 0.63
N VAL C 251 -46.34 -0.71 0.03
CA VAL C 251 -45.85 -1.97 0.57
C VAL C 251 -44.32 -1.93 0.70
N ASN C 252 -43.81 -2.59 1.73
CA ASN C 252 -42.43 -2.44 2.17
C ASN C 252 -41.84 -3.79 2.58
N PHE C 253 -40.95 -4.33 1.75
CA PHE C 253 -40.37 -5.65 1.99
C PHE C 253 -38.92 -5.62 2.43
N ALA C 254 -38.45 -6.78 2.87
CA ALA C 254 -37.06 -6.98 3.20
C ALA C 254 -36.43 -7.71 2.03
N ALA C 255 -35.16 -7.43 1.78
CA ALA C 255 -34.44 -8.02 0.66
C ALA C 255 -32.95 -8.06 0.95
N GLY C 256 -32.30 -9.15 0.52
CA GLY C 256 -30.86 -9.29 0.64
C GLY C 256 -30.36 -9.84 1.96
N GLY C 257 -29.84 -11.06 1.93
CA GLY C 257 -29.28 -11.66 3.12
C GLY C 257 -30.21 -12.55 3.91
N VAL C 258 -31.45 -12.70 3.47
CA VAL C 258 -32.35 -13.68 4.07
C VAL C 258 -31.92 -15.07 3.58
N ALA C 259 -31.68 -15.98 4.52
CA ALA C 259 -31.03 -17.23 4.18
C ALA C 259 -31.56 -18.41 4.98
N THR C 260 -32.28 -18.12 6.06
CA THR C 260 -32.86 -19.16 6.93
C THR C 260 -34.22 -18.70 7.42
N PRO C 261 -35.11 -19.65 7.75
CA PRO C 261 -36.40 -19.32 8.35
C PRO C 261 -36.27 -18.25 9.42
N ALA C 262 -35.31 -18.41 10.31
CA ALA C 262 -35.15 -17.44 11.39
C ALA C 262 -35.00 -16.01 10.85
N ASP C 263 -34.25 -15.84 9.77
CA ASP C 263 -34.05 -14.53 9.16
C ASP C 263 -35.37 -13.97 8.63
N ALA C 264 -36.08 -14.77 7.84
CA ALA C 264 -37.42 -14.40 7.35
C ALA C 264 -38.30 -13.92 8.50
N ALA C 265 -38.40 -14.73 9.56
CA ALA C 265 -39.20 -14.40 10.73
C ALA C 265 -38.76 -13.10 11.39
N LEU C 266 -37.44 -12.92 11.50
CA LEU C 266 -36.89 -11.70 12.09
C LEU C 266 -37.39 -10.46 11.36
N MET C 267 -37.41 -10.52 10.02
CA MET C 267 -37.87 -9.38 9.22
C MET C 267 -39.36 -9.07 9.44
N MET C 268 -40.19 -10.11 9.57
CA MET C 268 -41.61 -9.92 9.90
C MET C 268 -41.75 -9.31 11.29
N ALA C 269 -40.92 -9.76 12.22
CA ALA C 269 -40.95 -9.21 13.56
C ALA C 269 -40.60 -7.72 13.56
N MET C 270 -39.85 -7.27 12.57
CA MET C 270 -39.44 -5.87 12.61
C MET C 270 -40.43 -4.93 11.94
N GLY C 271 -41.48 -5.49 11.35
CA GLY C 271 -42.56 -4.67 10.83
C GLY C 271 -42.70 -4.72 9.33
N MET C 272 -42.02 -5.67 8.69
CA MET C 272 -42.03 -5.75 7.24
C MET C 272 -43.27 -6.44 6.68
N ASP C 273 -43.59 -6.17 5.42
CA ASP C 273 -44.77 -6.76 4.76
C ASP C 273 -44.51 -8.10 4.14
N GLY C 274 -43.26 -8.51 4.05
CA GLY C 274 -42.93 -9.72 3.32
C GLY C 274 -41.48 -9.73 2.97
N VAL C 275 -41.03 -10.81 2.35
CA VAL C 275 -39.61 -11.02 2.14
C VAL C 275 -39.30 -11.37 0.68
N PHE C 276 -38.17 -10.88 0.17
CA PHE C 276 -37.57 -11.42 -1.05
C PHE C 276 -36.53 -12.44 -0.64
N VAL C 277 -36.40 -13.55 -1.37
CA VAL C 277 -35.27 -14.45 -1.16
C VAL C 277 -34.74 -14.86 -2.52
N GLY C 278 -33.42 -14.86 -2.67
CA GLY C 278 -32.82 -15.15 -3.96
C GLY C 278 -31.85 -16.29 -3.95
N SER C 279 -30.69 -16.07 -3.33
CA SER C 279 -29.63 -17.07 -3.25
C SER C 279 -29.98 -18.19 -2.26
N GLY C 280 -30.58 -17.81 -1.13
CA GLY C 280 -30.99 -18.77 -0.13
C GLY C 280 -31.42 -20.13 -0.68
N ILE C 281 -32.48 -20.14 -1.48
CA ILE C 281 -33.03 -21.40 -1.97
C ILE C 281 -32.09 -22.09 -2.94
N PHE C 282 -31.27 -21.28 -3.61
CA PHE C 282 -30.35 -21.77 -4.61
C PHE C 282 -29.36 -22.80 -4.06
N LYS C 283 -29.14 -23.87 -4.84
CA LYS C 283 -28.14 -24.88 -4.51
C LYS C 283 -28.38 -25.56 -3.15
N SER C 284 -29.57 -25.38 -2.61
CA SER C 284 -29.93 -25.96 -1.32
C SER C 284 -30.25 -27.44 -1.45
N SER C 285 -29.58 -28.28 -0.67
CA SER C 285 -29.98 -29.67 -0.56
C SER C 285 -31.49 -29.69 -0.37
N ASN C 286 -32.21 -30.28 -1.33
CA ASN C 286 -33.67 -30.34 -1.26
C ASN C 286 -34.28 -28.94 -1.40
N PRO C 287 -34.32 -28.41 -2.63
CA PRO C 287 -34.86 -27.07 -2.88
C PRO C 287 -36.28 -26.90 -2.36
N PRO C 288 -37.21 -27.78 -2.79
CA PRO C 288 -38.60 -27.61 -2.33
C PRO C 288 -38.74 -27.41 -0.82
N LYS C 289 -37.95 -28.15 -0.03
CA LYS C 289 -38.09 -28.10 1.43
C LYS C 289 -37.69 -26.74 1.95
N MET C 290 -36.54 -26.24 1.51
CA MET C 290 -36.05 -24.96 1.98
C MET C 290 -37.01 -23.85 1.58
N ALA C 291 -37.69 -24.04 0.45
CA ALA C 291 -38.62 -23.05 -0.06
C ALA C 291 -39.86 -22.92 0.84
N ARG C 292 -40.53 -24.05 1.06
CA ARG C 292 -41.72 -24.06 1.90
C ARG C 292 -41.38 -23.61 3.31
N ALA C 293 -40.21 -24.02 3.78
CA ALA C 293 -39.73 -23.66 5.11
C ALA C 293 -39.72 -22.14 5.34
N ILE C 294 -39.18 -21.41 4.37
CA ILE C 294 -39.13 -19.95 4.45
C ILE C 294 -40.52 -19.35 4.40
N VAL C 295 -41.37 -19.87 3.52
CA VAL C 295 -42.76 -19.40 3.44
C VAL C 295 -43.50 -19.63 4.75
N GLU C 296 -43.42 -20.86 5.26
CA GLU C 296 -44.08 -21.19 6.51
C GLU C 296 -43.57 -20.31 7.65
N ALA C 297 -42.28 -19.99 7.60
CA ALA C 297 -41.67 -19.09 8.56
C ALA C 297 -42.39 -17.74 8.58
N VAL C 298 -42.65 -17.19 7.40
CA VAL C 298 -43.30 -15.88 7.29
C VAL C 298 -44.74 -15.94 7.80
N ASN C 299 -45.42 -17.03 7.45
CA ASN C 299 -46.81 -17.23 7.88
C ASN C 299 -46.90 -17.32 9.40
N HIS C 300 -45.93 -17.99 10.01
CA HIS C 300 -45.94 -18.22 11.46
C HIS C 300 -44.71 -17.63 12.14
N TRP C 301 -44.50 -16.33 12.03
CA TRP C 301 -43.29 -15.70 12.53
C TRP C 301 -43.35 -15.28 13.99
N ASP C 302 -44.55 -15.24 14.56
CA ASP C 302 -44.75 -14.83 15.94
C ASP C 302 -45.04 -16.06 16.78
N GLU C 303 -44.67 -17.22 16.25
CA GLU C 303 -44.92 -18.51 16.90
C GLU C 303 -43.66 -19.37 16.93
N PRO C 304 -42.74 -19.01 17.84
CA PRO C 304 -41.42 -19.66 17.94
C PRO C 304 -41.47 -21.18 17.91
N ASP C 305 -42.47 -21.79 18.56
CA ASP C 305 -42.52 -23.24 18.65
C ASP C 305 -42.64 -23.90 17.28
N VAL C 306 -43.28 -23.20 16.35
CA VAL C 306 -43.45 -23.67 14.98
C VAL C 306 -42.17 -23.43 14.16
N LEU C 307 -41.58 -22.25 14.36
CA LEU C 307 -40.33 -21.90 13.69
C LEU C 307 -39.36 -23.04 13.89
N ALA C 308 -39.22 -23.42 15.16
CA ALA C 308 -38.35 -24.50 15.57
C ALA C 308 -38.57 -25.76 14.74
N GLU C 309 -39.81 -26.19 14.65
CA GLU C 309 -40.08 -27.41 13.90
C GLU C 309 -39.88 -27.16 12.41
N ILE C 310 -40.08 -25.92 11.97
CA ILE C 310 -39.82 -25.54 10.57
C ILE C 310 -38.37 -25.72 10.13
N SER C 311 -37.43 -25.39 11.01
CA SER C 311 -35.99 -25.47 10.72
C SER C 311 -35.47 -26.89 10.81
N ARG C 312 -36.12 -27.67 11.67
CA ARG C 312 -35.79 -29.09 11.87
C ARG C 312 -35.45 -29.77 10.54
N GLU C 313 -34.17 -30.10 10.37
CA GLU C 313 -33.68 -30.81 9.18
C GLU C 313 -34.10 -30.14 7.87
N ILE C 314 -33.48 -28.98 7.62
CA ILE C 314 -33.65 -28.24 6.38
C ILE C 314 -32.32 -28.22 5.63
N GLY C 315 -32.36 -28.44 4.31
CA GLY C 315 -31.14 -28.50 3.51
C GLY C 315 -30.53 -27.16 3.12
N GLU C 316 -29.42 -26.81 3.74
CA GLU C 316 -28.79 -25.48 3.56
C GLU C 316 -27.31 -25.59 3.99
N PRO C 317 -26.70 -24.55 4.61
CA PRO C 317 -27.08 -23.21 5.05
C PRO C 317 -26.64 -22.01 4.18
N MET C 318 -26.16 -22.25 2.96
CA MET C 318 -25.64 -21.18 2.07
C MET C 318 -24.56 -20.29 2.69
N ARG C 319 -23.31 -20.55 2.34
CA ARG C 319 -22.20 -19.74 2.82
C ARG C 319 -22.15 -18.40 2.07
N GLY C 320 -21.75 -17.34 2.77
CA GLY C 320 -21.64 -16.03 2.16
C GLY C 320 -20.43 -15.25 2.64
N GLN C 321 -20.00 -14.25 1.84
CA GLN C 321 -18.80 -13.47 2.16
C GLN C 321 -18.82 -12.85 3.57
N ALA C 322 -17.66 -12.38 4.03
CA ALA C 322 -17.47 -11.93 5.41
C ALA C 322 -17.82 -10.45 5.61
N ASP D 2 -48.32 2.39 40.22
CA ASP D 2 -47.10 2.53 39.42
C ASP D 2 -46.10 1.42 39.76
N LYS D 3 -45.62 1.40 40.99
CA LYS D 3 -44.61 0.43 41.40
C LYS D 3 -45.18 -0.83 42.08
N LEU D 4 -46.34 -1.26 41.60
CA LEU D 4 -46.87 -2.58 41.91
C LEU D 4 -46.59 -3.47 40.69
N LYS D 5 -45.95 -2.87 39.69
CA LYS D 5 -45.70 -3.50 38.39
C LYS D 5 -44.27 -3.97 38.22
N ILE D 6 -43.34 -3.42 38.99
CA ILE D 6 -41.91 -3.68 38.78
C ILE D 6 -41.38 -4.82 39.65
N ILE D 7 -42.27 -5.49 40.37
CA ILE D 7 -41.86 -6.55 41.28
C ILE D 7 -41.97 -7.94 40.64
N MET D 8 -42.85 -8.08 39.65
CA MET D 8 -42.87 -9.29 38.84
C MET D 8 -41.55 -9.37 38.09
N GLU D 9 -41.00 -8.19 37.81
CA GLU D 9 -39.77 -8.06 37.03
C GLU D 9 -38.55 -8.49 37.84
N LYS D 10 -38.31 -7.81 38.96
CA LYS D 10 -37.20 -8.13 39.83
C LYS D 10 -37.23 -9.61 40.16
N GLY D 11 -38.44 -10.18 40.11
CA GLY D 11 -38.68 -11.58 40.37
C GLY D 11 -38.13 -12.50 39.29
N THR D 12 -38.55 -12.28 38.05
CA THR D 12 -38.09 -13.13 36.94
C THR D 12 -36.59 -12.96 36.64
N GLU D 13 -36.11 -11.72 36.74
CA GLU D 13 -34.69 -11.44 36.58
C GLU D 13 -33.82 -12.23 37.57
N ARG D 14 -34.19 -12.20 38.84
CA ARG D 14 -33.45 -12.92 39.86
C ARG D 14 -33.54 -14.43 39.65
N LEU D 15 -34.73 -14.92 39.32
CA LEU D 15 -34.89 -16.33 38.98
C LEU D 15 -33.88 -16.72 37.92
N LYS D 16 -33.68 -15.83 36.94
CA LYS D 16 -32.76 -16.08 35.83
C LYS D 16 -31.31 -16.15 36.29
N ARG D 17 -30.92 -15.16 37.08
CA ARG D 17 -29.54 -15.08 37.59
C ARG D 17 -29.17 -16.32 38.41
N GLY D 18 -30.12 -16.79 39.22
CA GLY D 18 -29.95 -17.98 40.02
C GLY D 18 -29.53 -19.20 39.21
N PHE D 19 -30.04 -19.32 37.98
CA PHE D 19 -29.67 -20.46 37.16
C PHE D 19 -28.16 -20.50 36.84
N ALA D 20 -27.59 -19.34 36.55
CA ALA D 20 -26.17 -19.24 36.26
C ALA D 20 -25.34 -19.60 37.51
N LYS D 21 -25.85 -19.24 38.69
CA LYS D 21 -25.24 -19.65 39.95
C LYS D 21 -24.89 -21.15 39.93
N MET D 22 -25.64 -21.92 39.14
CA MET D 22 -25.45 -23.38 39.08
C MET D 22 -24.17 -23.86 38.41
N VAL D 23 -23.67 -23.13 37.41
CA VAL D 23 -22.50 -23.57 36.65
C VAL D 23 -21.21 -22.98 37.21
N LYS D 24 -21.35 -22.16 38.24
CA LYS D 24 -20.21 -21.51 38.87
C LYS D 24 -19.20 -22.51 39.45
N GLY D 25 -17.92 -22.15 39.37
CA GLY D 25 -16.83 -23.01 39.81
C GLY D 25 -16.53 -24.12 38.81
N GLY D 26 -16.98 -23.92 37.57
CA GLY D 26 -16.93 -24.98 36.60
C GLY D 26 -16.34 -24.62 35.25
N VAL D 27 -16.33 -25.60 34.37
CA VAL D 27 -15.87 -25.40 33.03
C VAL D 27 -16.98 -25.70 32.02
N ILE D 28 -17.29 -24.74 31.16
CA ILE D 28 -18.22 -24.97 30.06
C ILE D 28 -17.40 -25.17 28.78
N MET D 29 -17.68 -26.25 28.06
CA MET D 29 -16.89 -26.64 26.90
C MET D 29 -17.70 -26.58 25.60
N ASP D 30 -17.13 -25.97 24.56
CA ASP D 30 -17.77 -25.95 23.25
C ASP D 30 -17.67 -27.32 22.58
N VAL D 31 -18.81 -27.88 22.16
CA VAL D 31 -18.84 -29.18 21.49
C VAL D 31 -19.57 -29.11 20.15
N THR D 32 -19.27 -30.03 19.24
CA THR D 32 -19.87 -29.94 17.89
C THR D 32 -20.70 -31.14 17.46
N ASN D 33 -20.69 -32.20 18.27
CA ASN D 33 -21.52 -33.37 18.03
C ASN D 33 -21.74 -34.11 19.35
N ALA D 34 -22.27 -35.32 19.27
CA ALA D 34 -22.59 -36.07 20.49
C ALA D 34 -21.34 -36.66 21.15
N GLU D 35 -20.47 -37.30 20.37
CA GLU D 35 -19.28 -37.90 20.95
C GLU D 35 -18.52 -36.86 21.79
N GLN D 36 -18.35 -35.67 21.22
CA GLN D 36 -17.65 -34.59 21.92
C GLN D 36 -18.39 -34.17 23.19
N ALA D 37 -19.70 -33.98 23.08
CA ALA D 37 -20.51 -33.67 24.24
C ALA D 37 -20.27 -34.67 25.37
N ARG D 38 -20.22 -35.94 25.00
CA ARG D 38 -20.10 -37.02 25.98
C ARG D 38 -18.75 -36.95 26.69
N ILE D 39 -17.71 -36.69 25.91
CA ILE D 39 -16.39 -36.46 26.49
C ILE D 39 -16.47 -35.31 27.49
N ALA D 40 -17.09 -34.19 27.10
CA ALA D 40 -17.19 -33.03 27.97
C ALA D 40 -17.80 -33.35 29.32
N GLU D 41 -18.87 -34.14 29.32
CA GLU D 41 -19.56 -34.48 30.57
C GLU D 41 -18.71 -35.44 31.40
N GLU D 42 -17.97 -36.30 30.72
CA GLU D 42 -17.11 -37.28 31.38
C GLU D 42 -15.96 -36.58 32.12
N ALA D 43 -15.42 -35.52 31.53
CA ALA D 43 -14.31 -34.78 32.14
C ALA D 43 -14.71 -33.89 33.32
N GLY D 44 -16.01 -33.64 33.47
CA GLY D 44 -16.49 -32.87 34.61
C GLY D 44 -16.99 -31.47 34.30
N ALA D 45 -17.27 -31.21 33.03
CA ALA D 45 -17.88 -29.94 32.62
C ALA D 45 -19.21 -29.76 33.35
N VAL D 46 -19.48 -28.54 33.81
CA VAL D 46 -20.79 -28.24 34.38
C VAL D 46 -21.79 -27.80 33.32
N ALA D 47 -21.34 -27.77 32.06
CA ALA D 47 -22.22 -27.42 30.94
C ALA D 47 -21.50 -27.49 29.60
N VAL D 48 -22.23 -27.78 28.53
CA VAL D 48 -21.64 -27.69 27.20
C VAL D 48 -22.36 -26.64 26.36
N MET D 49 -21.63 -26.08 25.41
CA MET D 49 -22.18 -25.13 24.45
C MET D 49 -22.25 -25.81 23.09
N ALA D 50 -23.45 -25.83 22.51
CA ALA D 50 -23.68 -26.53 21.26
C ALA D 50 -23.24 -25.71 20.06
N LEU D 51 -22.34 -26.30 19.28
CA LEU D 51 -21.75 -25.59 18.16
C LEU D 51 -21.77 -26.45 16.90
N HIS D 52 -21.83 -25.80 15.74
CA HIS D 52 -21.75 -26.53 14.49
C HIS D 52 -20.44 -26.25 13.76
N LYS D 53 -19.71 -25.24 14.23
CA LYS D 53 -18.42 -24.91 13.64
C LYS D 53 -17.57 -24.13 14.63
N VAL D 54 -16.56 -24.80 15.17
CA VAL D 54 -15.73 -24.25 16.23
C VAL D 54 -15.31 -22.80 15.94
N PRO D 55 -15.06 -22.02 17.01
CA PRO D 55 -14.91 -20.56 16.94
C PRO D 55 -13.97 -20.03 15.84
N ALA D 56 -14.54 -19.17 14.99
CA ALA D 56 -13.79 -18.43 13.97
C ALA D 56 -13.50 -19.23 12.71
N ASP D 57 -14.01 -20.46 12.63
CA ASP D 57 -13.79 -21.30 11.46
C ASP D 57 -14.56 -20.77 10.25
N ILE D 58 -15.82 -20.40 10.47
CA ILE D 58 -16.63 -19.77 9.45
C ILE D 58 -16.05 -18.40 9.14
N ARG D 59 -15.53 -17.75 10.18
CA ARG D 59 -14.78 -16.51 10.02
C ARG D 59 -13.59 -16.75 9.10
N LYS D 60 -12.83 -17.81 9.40
CA LYS D 60 -11.60 -18.14 8.69
C LYS D 60 -11.85 -18.55 7.24
N ALA D 61 -13.09 -18.96 6.95
CA ALA D 61 -13.51 -19.31 5.59
C ALA D 61 -14.34 -18.19 4.95
N GLY D 62 -14.23 -16.99 5.54
CA GLY D 62 -14.90 -15.80 5.06
C GLY D 62 -16.41 -15.95 5.02
N GLY D 63 -16.95 -16.71 5.94
CA GLY D 63 -18.36 -17.03 5.90
C GLY D 63 -19.25 -16.23 6.83
N VAL D 64 -20.54 -16.56 6.79
CA VAL D 64 -21.52 -16.02 7.71
C VAL D 64 -21.82 -17.08 8.79
N ALA D 65 -21.53 -16.74 10.04
CA ALA D 65 -21.73 -17.67 11.12
C ALA D 65 -23.04 -17.38 11.82
N ARG D 66 -23.96 -18.33 11.71
CA ARG D 66 -25.31 -18.21 12.27
C ARG D 66 -25.54 -19.21 13.39
N MET D 67 -26.74 -19.18 13.95
CA MET D 67 -27.23 -20.23 14.84
C MET D 67 -26.95 -21.59 14.22
N ALA D 68 -26.71 -22.59 15.06
CA ALA D 68 -26.45 -23.94 14.57
C ALA D 68 -27.76 -24.63 14.20
N PRO D 69 -27.69 -25.62 13.29
CA PRO D 69 -28.86 -26.40 12.89
C PRO D 69 -29.57 -26.97 14.10
N VAL D 70 -30.89 -26.84 14.13
CA VAL D 70 -31.68 -27.31 15.25
C VAL D 70 -31.48 -28.81 15.45
N GLU D 71 -31.32 -29.53 14.33
CA GLU D 71 -31.13 -30.98 14.40
C GLU D 71 -29.79 -31.38 15.01
N LYS D 72 -28.82 -30.46 15.07
CA LYS D 72 -27.52 -30.77 15.65
C LYS D 72 -27.48 -30.39 17.13
N ILE D 73 -28.32 -29.43 17.50
CA ILE D 73 -28.49 -29.02 18.88
C ILE D 73 -29.34 -30.04 19.64
N GLN D 74 -30.26 -30.69 18.94
CA GLN D 74 -31.10 -31.73 19.54
C GLN D 74 -30.22 -32.95 19.81
N GLU D 75 -29.35 -33.26 18.85
CA GLU D 75 -28.40 -34.34 19.02
C GLU D 75 -27.69 -34.17 20.37
N ILE D 76 -27.11 -33.00 20.56
CA ILE D 76 -26.35 -32.74 21.78
C ILE D 76 -27.20 -32.76 23.05
N MET D 77 -28.38 -32.13 23.02
CA MET D 77 -29.26 -32.10 24.19
C MET D 77 -29.60 -33.49 24.68
N ASP D 78 -29.64 -34.45 23.76
CA ASP D 78 -30.05 -35.79 24.10
C ASP D 78 -28.87 -36.68 24.46
N ALA D 79 -27.65 -36.18 24.23
CA ALA D 79 -26.45 -36.96 24.55
C ALA D 79 -25.83 -36.65 25.92
N VAL D 80 -26.37 -35.69 26.65
CA VAL D 80 -25.82 -35.33 27.95
C VAL D 80 -26.92 -34.99 28.94
N THR D 81 -26.53 -34.76 30.19
CA THR D 81 -27.46 -34.53 31.29
C THR D 81 -27.24 -33.14 31.86
N ILE D 82 -26.01 -32.65 31.73
CA ILE D 82 -25.63 -31.30 32.10
C ILE D 82 -26.26 -30.30 31.13
N PRO D 83 -26.58 -29.09 31.61
CA PRO D 83 -27.19 -28.01 30.83
C PRO D 83 -26.51 -27.78 29.47
N VAL D 84 -27.30 -27.70 28.42
CA VAL D 84 -26.79 -27.43 27.07
C VAL D 84 -27.11 -25.97 26.69
N MET D 85 -26.06 -25.20 26.36
CA MET D 85 -26.20 -23.82 25.92
C MET D 85 -26.10 -23.75 24.41
N ALA D 86 -26.59 -22.68 23.80
CA ALA D 86 -26.39 -22.53 22.36
C ALA D 86 -26.17 -21.08 21.96
N LYS D 87 -25.54 -20.87 20.81
CA LYS D 87 -25.22 -19.51 20.37
C LYS D 87 -26.21 -18.95 19.36
N CYS D 88 -26.52 -17.66 19.53
CA CYS D 88 -27.26 -16.92 18.52
C CYS D 88 -26.51 -15.64 18.07
N ARG D 89 -26.85 -15.14 16.90
CA ARG D 89 -26.22 -13.93 16.39
C ARG D 89 -26.66 -12.74 17.23
N ILE D 90 -25.79 -11.76 17.33
CA ILE D 90 -26.10 -10.59 18.13
C ILE D 90 -27.29 -9.87 17.51
N GLY D 91 -28.32 -9.61 18.32
CA GLY D 91 -29.51 -8.89 17.89
C GLY D 91 -30.54 -9.73 17.14
N HIS D 92 -30.27 -11.01 16.96
CA HIS D 92 -31.16 -11.89 16.22
C HIS D 92 -32.20 -12.54 17.14
N GLU D 93 -33.21 -11.74 17.48
CA GLU D 93 -34.35 -12.17 18.28
C GLU D 93 -34.99 -13.49 17.80
N ALA D 94 -35.23 -13.60 16.49
CA ALA D 94 -35.81 -14.82 15.94
C ALA D 94 -34.96 -16.05 16.28
N GLU D 95 -33.66 -15.97 16.03
CA GLU D 95 -32.81 -17.12 16.33
C GLU D 95 -32.93 -17.49 17.81
N ALA D 96 -33.01 -16.48 18.67
CA ALA D 96 -33.10 -16.71 20.10
C ALA D 96 -34.40 -17.41 20.50
N ARG D 97 -35.53 -16.91 20.02
CA ARG D 97 -36.83 -17.53 20.30
C ARG D 97 -36.90 -18.99 19.86
N ILE D 98 -36.30 -19.33 18.72
CA ILE D 98 -36.18 -20.73 18.35
C ILE D 98 -35.36 -21.52 19.39
N LEU D 99 -34.26 -20.94 19.87
CA LEU D 99 -33.38 -21.63 20.82
C LEU D 99 -34.09 -21.85 22.17
N GLU D 100 -34.79 -20.83 22.63
CA GLU D 100 -35.61 -20.92 23.84
C GLU D 100 -36.69 -21.98 23.67
N ALA D 101 -37.41 -21.90 22.55
CA ALA D 101 -38.50 -22.83 22.29
C ALA D 101 -37.98 -24.26 22.18
N LEU D 102 -36.69 -24.39 21.93
CA LEU D 102 -36.09 -25.70 21.68
C LEU D 102 -35.70 -26.37 22.99
N GLY D 103 -35.75 -25.61 24.08
CA GLY D 103 -35.48 -26.17 25.39
C GLY D 103 -34.06 -26.03 25.90
N VAL D 104 -33.26 -25.19 25.23
CA VAL D 104 -31.88 -24.97 25.68
C VAL D 104 -31.90 -24.25 27.02
N ASP D 105 -30.84 -24.43 27.77
CA ASP D 105 -30.81 -23.94 29.14
C ASP D 105 -30.31 -22.51 29.18
N MET D 106 -29.46 -22.16 28.22
CA MET D 106 -28.91 -20.81 28.12
C MET D 106 -28.55 -20.44 26.68
N ILE D 107 -28.81 -19.17 26.35
CA ILE D 107 -28.49 -18.59 25.06
C ILE D 107 -27.30 -17.63 25.16
N ASP D 108 -26.26 -17.90 24.38
CA ASP D 108 -25.13 -16.99 24.31
C ASP D 108 -25.28 -16.07 23.10
N GLU D 109 -25.74 -14.83 23.34
CA GLU D 109 -25.78 -13.81 22.29
C GLU D 109 -24.35 -13.39 22.06
N SER D 110 -23.76 -13.94 20.99
CA SER D 110 -22.31 -14.10 20.93
C SER D 110 -21.62 -13.35 19.80
N GLU D 111 -20.56 -12.64 20.15
CA GLU D 111 -19.84 -11.82 19.18
C GLU D 111 -18.90 -12.63 18.26
N VAL D 112 -18.87 -13.95 18.42
CA VAL D 112 -18.10 -14.78 17.48
C VAL D 112 -18.97 -15.25 16.30
N LEU D 113 -20.27 -15.10 16.42
CA LEU D 113 -21.18 -15.34 15.32
C LEU D 113 -21.30 -14.03 14.57
N THR D 114 -21.69 -14.07 13.30
CA THR D 114 -21.85 -12.84 12.53
C THR D 114 -22.99 -11.96 13.05
N PRO D 115 -22.68 -10.77 13.57
CA PRO D 115 -23.78 -9.96 14.12
C PRO D 115 -24.89 -9.77 13.08
N ALA D 116 -26.12 -9.56 13.57
CA ALA D 116 -27.30 -9.55 12.74
C ALA D 116 -27.96 -8.17 12.79
N ASP D 117 -27.71 -7.46 13.88
CA ASP D 117 -28.18 -6.09 14.05
C ASP D 117 -26.94 -5.23 14.22
N PRO D 118 -26.87 -4.12 13.48
CA PRO D 118 -25.70 -3.26 13.58
C PRO D 118 -25.80 -2.23 14.70
N PHE D 119 -26.96 -2.12 15.35
CA PHE D 119 -27.17 -1.07 16.35
C PHE D 119 -27.50 -1.61 17.73
N PHE D 120 -28.32 -2.66 17.78
CA PHE D 120 -28.91 -3.13 19.04
C PHE D 120 -28.76 -4.64 19.35
N HIS D 121 -28.49 -4.97 20.61
CA HIS D 121 -28.53 -6.36 21.04
C HIS D 121 -29.97 -6.74 21.34
N ILE D 122 -30.22 -8.04 21.51
CA ILE D 122 -31.55 -8.51 21.85
C ILE D 122 -31.93 -7.98 23.21
N TYR D 123 -33.17 -7.49 23.36
CA TYR D 123 -33.67 -7.03 24.65
C TYR D 123 -34.12 -8.25 25.45
N LYS D 124 -33.22 -8.74 26.30
CA LYS D 124 -33.35 -10.08 26.84
C LYS D 124 -34.39 -10.21 27.95
N LYS D 125 -34.72 -9.08 28.57
CA LYS D 125 -35.72 -9.08 29.64
C LYS D 125 -37.02 -9.76 29.16
N LYS D 126 -37.37 -9.57 27.89
CA LYS D 126 -38.61 -10.13 27.34
C LYS D 126 -38.51 -11.65 27.17
N PHE D 127 -37.36 -12.21 27.51
CA PHE D 127 -37.20 -13.64 27.31
C PHE D 127 -37.39 -14.39 28.61
N THR D 128 -37.73 -15.67 28.50
CA THR D 128 -37.88 -16.47 29.69
C THR D 128 -36.58 -17.23 29.91
N ALA D 129 -36.03 -17.79 28.84
CA ALA D 129 -34.69 -18.37 28.90
C ALA D 129 -33.64 -17.34 29.29
N PRO D 130 -32.63 -17.77 30.05
CA PRO D 130 -31.54 -16.91 30.51
C PRO D 130 -30.46 -16.72 29.44
N PHE D 131 -29.85 -15.54 29.42
CA PHE D 131 -28.82 -15.20 28.43
C PHE D 131 -27.44 -14.99 29.06
N VAL D 132 -26.40 -15.47 28.37
CA VAL D 132 -25.02 -15.04 28.63
C VAL D 132 -24.49 -14.13 27.52
N CYS D 133 -23.83 -13.04 27.92
CA CYS D 133 -23.25 -12.07 26.99
C CYS D 133 -21.79 -11.78 27.30
N GLY D 134 -21.01 -11.52 26.26
CA GLY D 134 -19.61 -11.17 26.42
C GLY D 134 -19.44 -9.70 26.72
N ALA D 135 -18.24 -9.32 27.14
CA ALA D 135 -17.97 -7.94 27.51
C ALA D 135 -16.47 -7.68 27.47
N ARG D 136 -16.06 -6.52 26.98
CA ARG D 136 -14.66 -6.14 26.93
C ARG D 136 -14.27 -5.21 28.07
N ASN D 137 -15.25 -4.55 28.67
CA ASN D 137 -14.99 -3.58 29.74
C ASN D 137 -16.26 -3.37 30.55
N LEU D 138 -16.19 -2.58 31.63
CA LEU D 138 -17.34 -2.43 32.52
C LEU D 138 -18.56 -1.87 31.80
N GLY D 139 -18.34 -0.83 31.00
CA GLY D 139 -19.37 -0.26 30.15
C GLY D 139 -20.17 -1.32 29.40
N GLU D 140 -19.49 -2.13 28.58
CA GLU D 140 -20.15 -3.21 27.86
C GLU D 140 -20.88 -4.19 28.77
N ALA D 141 -20.24 -4.57 29.88
CA ALA D 141 -20.88 -5.47 30.83
C ALA D 141 -22.23 -4.94 31.30
N VAL D 142 -22.22 -3.69 31.75
CA VAL D 142 -23.38 -3.07 32.40
C VAL D 142 -24.51 -2.86 31.42
N ARG D 143 -24.18 -2.54 30.17
CA ARG D 143 -25.17 -2.51 29.09
C ARG D 143 -25.81 -3.87 28.89
N ARG D 144 -24.99 -4.90 28.70
CA ARG D 144 -25.51 -6.26 28.51
C ARG D 144 -26.36 -6.65 29.72
N ILE D 145 -25.95 -6.22 30.90
CA ILE D 145 -26.72 -6.54 32.10
C ILE D 145 -28.07 -5.82 32.07
N TRP D 146 -28.05 -4.51 31.82
CA TRP D 146 -29.29 -3.76 31.77
C TRP D 146 -30.28 -4.35 30.78
N GLU D 147 -29.76 -4.85 29.66
CA GLU D 147 -30.61 -5.45 28.65
C GLU D 147 -31.14 -6.79 29.11
N GLY D 148 -30.57 -7.30 30.20
CA GLY D 148 -31.09 -8.48 30.85
C GLY D 148 -30.20 -9.71 30.84
N ALA D 149 -28.90 -9.52 30.63
CA ALA D 149 -27.97 -10.64 30.68
C ALA D 149 -28.00 -11.25 32.09
N ALA D 150 -28.05 -12.58 32.17
CA ALA D 150 -27.96 -13.28 33.45
C ALA D 150 -26.50 -13.51 33.87
N MET D 151 -25.64 -13.81 32.91
CA MET D 151 -24.20 -13.84 33.18
C MET D 151 -23.36 -13.11 32.12
N ILE D 152 -22.16 -12.72 32.55
CA ILE D 152 -21.19 -12.06 31.70
C ILE D 152 -19.93 -12.93 31.48
N ARG D 153 -19.38 -12.89 30.27
CA ARG D 153 -18.08 -13.47 30.05
C ARG D 153 -17.19 -12.45 29.38
N THR D 154 -15.88 -12.54 29.64
CA THR D 154 -14.93 -11.74 28.90
C THR D 154 -15.03 -12.17 27.45
N LYS D 155 -14.72 -11.27 26.52
CA LYS D 155 -14.82 -11.63 25.14
C LYS D 155 -13.54 -12.34 24.74
N GLY D 156 -12.42 -11.75 25.14
CA GLY D 156 -11.10 -12.19 24.71
C GLY D 156 -11.04 -12.26 23.19
N GLU D 157 -10.23 -13.19 22.68
CA GLU D 157 -10.21 -13.42 21.25
C GLU D 157 -10.40 -14.89 20.95
N ALA D 158 -11.41 -15.16 20.12
CA ALA D 158 -11.85 -16.52 19.86
C ALA D 158 -10.90 -17.27 18.93
N GLY D 159 -10.66 -18.53 19.25
CA GLY D 159 -9.89 -19.42 18.39
C GLY D 159 -8.49 -18.96 18.04
N THR D 160 -7.83 -18.26 18.96
CA THR D 160 -6.43 -17.87 18.78
C THR D 160 -5.52 -18.60 19.75
N GLY D 161 -6.11 -19.15 20.81
CA GLY D 161 -5.36 -19.80 21.87
C GLY D 161 -4.55 -18.82 22.70
N ASN D 162 -4.76 -17.52 22.51
CA ASN D 162 -4.00 -16.53 23.24
C ASN D 162 -4.78 -15.90 24.41
N ILE D 163 -4.37 -16.24 25.63
CA ILE D 163 -5.06 -15.82 26.83
C ILE D 163 -5.05 -14.29 27.04
N ILE D 164 -4.24 -13.57 26.29
CA ILE D 164 -4.00 -12.16 26.63
C ILE D 164 -5.23 -11.25 26.55
N GLU D 165 -6.10 -11.48 25.58
CA GLU D 165 -7.28 -10.63 25.42
C GLU D 165 -8.28 -10.87 26.55
N ALA D 166 -8.36 -12.11 27.05
CA ALA D 166 -9.16 -12.38 28.23
C ALA D 166 -8.67 -11.60 29.45
N VAL D 167 -7.35 -11.53 29.65
CA VAL D 167 -6.77 -10.80 30.78
C VAL D 167 -7.03 -9.29 30.68
N ARG D 168 -6.81 -8.71 29.51
CA ARG D 168 -7.15 -7.31 29.27
C ARG D 168 -8.58 -7.01 29.77
N HIS D 169 -9.52 -7.83 29.32
CA HIS D 169 -10.90 -7.61 29.67
C HIS D 169 -11.19 -7.80 31.17
N VAL D 170 -10.71 -8.88 31.74
CA VAL D 170 -10.87 -9.06 33.17
C VAL D 170 -10.32 -7.85 33.96
N ARG D 171 -9.15 -7.35 33.57
CA ARG D 171 -8.54 -6.24 34.28
C ARG D 171 -9.20 -4.89 34.01
N LEU D 172 -9.77 -4.71 32.82
CA LEU D 172 -10.47 -3.46 32.53
C LEU D 172 -11.76 -3.35 33.36
N VAL D 173 -12.50 -4.44 33.45
CA VAL D 173 -13.66 -4.49 34.32
C VAL D 173 -13.26 -4.34 35.80
N ASN D 174 -12.38 -5.21 36.29
CA ASN D 174 -11.91 -5.10 37.67
C ASN D 174 -11.46 -3.69 38.08
N GLU D 175 -10.54 -3.10 37.32
CA GLU D 175 -10.06 -1.77 37.67
C GLU D 175 -11.21 -0.77 37.65
N ASN D 176 -12.12 -0.92 36.70
CA ASN D 176 -13.25 -0.01 36.60
C ASN D 176 -14.15 -0.14 37.82
N ILE D 177 -14.34 -1.35 38.32
CA ILE D 177 -15.14 -1.58 39.52
C ILE D 177 -14.52 -0.92 40.76
N ARG D 178 -13.20 -1.06 40.92
CA ARG D 178 -12.47 -0.41 42.01
C ARG D 178 -12.58 1.11 41.91
N LEU D 179 -12.55 1.65 40.70
CA LEU D 179 -12.63 3.09 40.54
C LEU D 179 -14.02 3.57 40.95
N ILE D 180 -15.04 2.78 40.64
CA ILE D 180 -16.39 3.08 41.05
C ILE D 180 -16.45 3.20 42.57
N GLN D 181 -15.90 2.19 43.23
CA GLN D 181 -15.93 2.13 44.68
C GLN D 181 -15.19 3.26 45.35
N ARG D 182 -14.43 4.04 44.59
CA ARG D 182 -13.74 5.17 45.19
C ARG D 182 -14.45 6.48 44.84
N MET D 183 -15.69 6.36 44.37
CA MET D 183 -16.36 7.50 43.78
C MET D 183 -17.61 7.96 44.56
N THR D 184 -17.79 9.28 44.61
CA THR D 184 -19.01 9.87 45.16
C THR D 184 -20.16 9.53 44.26
N ASP D 185 -21.27 9.10 44.85
CA ASP D 185 -22.50 8.84 44.09
C ASP D 185 -22.70 9.73 42.86
N GLU D 186 -22.42 11.03 42.98
CA GLU D 186 -22.56 11.94 41.84
C GLU D 186 -21.61 11.60 40.69
N GLU D 187 -20.35 11.42 41.00
CA GLU D 187 -19.36 10.98 40.02
C GLU D 187 -19.88 9.73 39.28
N ILE D 188 -20.37 8.75 40.03
CA ILE D 188 -20.88 7.54 39.43
C ILE D 188 -21.90 7.87 38.35
N TYR D 189 -22.76 8.88 38.61
CA TYR D 189 -23.78 9.31 37.64
C TYR D 189 -23.16 9.69 36.30
N GLY D 190 -22.03 10.39 36.37
CA GLY D 190 -21.32 10.80 35.17
C GLY D 190 -20.77 9.62 34.38
N VAL D 191 -20.43 8.55 35.08
CA VAL D 191 -19.97 7.36 34.39
C VAL D 191 -21.19 6.73 33.71
N ALA D 192 -22.31 6.71 34.40
CA ALA D 192 -23.52 6.11 33.80
C ALA D 192 -23.99 6.89 32.56
N GLU D 193 -23.65 8.16 32.49
CA GLU D 193 -23.97 8.91 31.29
C GLU D 193 -23.14 8.37 30.13
N LYS D 194 -21.86 8.19 30.38
CA LYS D 194 -20.96 7.64 29.39
C LYS D 194 -21.40 6.27 28.88
N PHE D 195 -21.68 5.34 29.80
CA PHE D 195 -22.04 3.97 29.42
C PHE D 195 -23.33 3.92 28.61
N ALA D 196 -24.11 4.98 28.68
CA ALA D 196 -25.39 5.02 27.95
C ALA D 196 -25.27 5.48 26.49
N GLU D 197 -24.18 6.19 26.16
CA GLU D 197 -23.99 6.79 24.83
C GLU D 197 -24.15 5.87 23.62
N PRO D 198 -23.63 4.63 23.69
CA PRO D 198 -23.72 3.80 22.49
C PRO D 198 -25.13 3.57 22.00
N TYR D 199 -26.14 3.83 22.84
CA TYR D 199 -27.54 3.62 22.44
C TYR D 199 -28.04 4.78 21.59
N LEU D 200 -27.24 5.83 21.53
CA LEU D 200 -27.56 6.98 20.68
C LEU D 200 -27.16 6.72 19.23
N ARG D 201 -26.56 5.57 18.96
CA ARG D 201 -25.88 5.39 17.69
C ARG D 201 -26.84 5.53 16.48
N LEU D 202 -27.95 4.80 16.51
CA LEU D 202 -28.94 4.83 15.43
C LEU D 202 -29.63 6.19 15.28
N ALA D 203 -29.97 6.81 16.40
CA ALA D 203 -30.55 8.14 16.39
C ALA D 203 -29.66 9.16 15.66
N PHE D 204 -28.43 9.31 16.13
CA PHE D 204 -27.46 10.20 15.50
C PHE D 204 -27.31 9.90 14.00
N SER D 205 -27.34 8.62 13.64
CA SER D 205 -27.25 8.25 12.23
C SER D 205 -28.36 8.90 11.49
N VAL D 206 -29.58 8.68 11.99
CA VAL D 206 -30.78 9.18 11.32
C VAL D 206 -30.79 10.69 11.26
N LYS D 207 -30.32 11.33 12.33
CA LYS D 207 -30.21 12.77 12.31
C LYS D 207 -29.32 13.27 11.17
N GLU D 208 -28.13 12.69 11.04
CA GLU D 208 -27.17 13.06 9.99
C GLU D 208 -27.76 12.93 8.57
N ILE D 209 -28.51 11.85 8.33
CA ILE D 209 -29.22 11.63 7.08
C ILE D 209 -30.33 12.67 6.84
N SER D 210 -30.88 13.21 7.92
CA SER D 210 -31.99 14.16 7.87
C SER D 210 -31.54 15.62 7.85
N GLY D 211 -30.23 15.87 7.85
CA GLY D 211 -29.72 17.23 7.90
C GLY D 211 -29.75 17.86 9.27
N LEU D 212 -30.18 17.10 10.28
CA LEU D 212 -30.29 17.61 11.65
C LEU D 212 -28.97 17.50 12.41
N PRO D 213 -28.72 18.42 13.33
CA PRO D 213 -27.53 18.32 14.20
C PRO D 213 -27.62 17.10 15.12
N LYS D 214 -26.51 16.42 15.36
CA LYS D 214 -26.52 15.24 16.23
C LYS D 214 -26.65 15.63 17.70
N ARG D 215 -27.86 15.54 18.22
CA ARG D 215 -28.12 15.99 19.59
C ARG D 215 -29.04 15.05 20.33
N VAL D 216 -28.96 15.10 21.66
CA VAL D 216 -29.86 14.31 22.47
C VAL D 216 -31.08 15.13 22.88
N LEU D 217 -32.26 14.55 22.68
CA LEU D 217 -33.48 15.26 23.04
C LEU D 217 -34.22 14.47 24.14
N GLU D 218 -34.50 15.18 25.25
CA GLU D 218 -34.79 14.54 26.53
C GLU D 218 -35.96 13.56 26.54
N ASN D 219 -36.86 13.68 25.57
CA ASN D 219 -38.05 12.84 25.58
C ASN D 219 -38.10 11.74 24.52
N GLU D 220 -37.14 11.70 23.61
CA GLU D 220 -37.24 10.70 22.54
C GLU D 220 -36.89 9.28 22.96
N PRO D 221 -37.84 8.35 22.73
CA PRO D 221 -37.61 6.92 22.92
C PRO D 221 -36.45 6.47 22.02
N ILE D 222 -35.42 5.91 22.65
CA ILE D 222 -34.19 5.58 21.96
C ILE D 222 -34.03 4.09 21.76
N TYR D 223 -34.41 3.29 22.75
CA TYR D 223 -34.27 1.84 22.66
C TYR D 223 -35.35 1.16 23.49
N GLU D 224 -36.18 0.38 22.82
CA GLU D 224 -37.25 -0.35 23.50
C GLU D 224 -38.10 0.54 24.46
N GLY D 225 -38.44 1.73 24.00
CA GLY D 225 -39.35 2.59 24.74
C GLY D 225 -38.68 3.53 25.72
N PHE D 226 -37.44 3.22 26.08
CA PHE D 226 -36.69 4.04 27.02
C PHE D 226 -36.09 5.28 26.38
N THR D 227 -36.19 6.40 27.07
CA THR D 227 -35.52 7.60 26.63
C THR D 227 -34.04 7.39 26.97
N TYR D 228 -33.17 8.26 26.48
CA TYR D 228 -31.78 8.19 26.87
C TYR D 228 -31.64 8.36 28.38
N ARG D 229 -32.31 9.36 28.95
CA ARG D 229 -32.18 9.65 30.38
C ARG D 229 -32.74 8.52 31.25
N GLU D 230 -33.73 7.81 30.74
CA GLU D 230 -34.24 6.69 31.48
C GLU D 230 -33.17 5.62 31.55
N ILE D 231 -32.52 5.34 30.41
CA ILE D 231 -31.38 4.44 30.37
C ILE D 231 -30.29 4.88 31.34
N VAL D 232 -29.84 6.14 31.25
CA VAL D 232 -28.83 6.61 32.19
C VAL D 232 -29.22 6.28 33.63
N GLU D 233 -30.49 6.41 33.93
CA GLU D 233 -30.98 6.20 35.29
C GLU D 233 -30.80 4.75 35.73
N ASP D 234 -31.27 3.82 34.92
CA ASP D 234 -31.15 2.40 35.21
C ASP D 234 -29.69 1.92 35.38
N ILE D 235 -28.79 2.51 34.61
CA ILE D 235 -27.41 2.06 34.60
C ILE D 235 -26.73 2.62 35.84
N TYR D 236 -27.15 3.82 36.22
CA TYR D 236 -26.69 4.43 37.46
C TYR D 236 -27.00 3.48 38.62
N LYS D 237 -28.21 2.93 38.58
CA LYS D 237 -28.65 2.03 39.62
C LYS D 237 -27.78 0.79 39.67
N ILE D 238 -27.53 0.17 38.52
CA ILE D 238 -26.68 -1.02 38.49
C ILE D 238 -25.27 -0.66 38.94
N LEU D 239 -24.79 0.52 38.57
CA LEU D 239 -23.48 0.94 39.07
C LEU D 239 -23.45 0.90 40.60
N LEU D 240 -24.40 1.59 41.24
CA LEU D 240 -24.44 1.66 42.70
C LEU D 240 -24.51 0.29 43.34
N GLU D 241 -25.26 -0.64 42.74
CA GLU D 241 -25.21 -2.04 43.18
C GLU D 241 -23.78 -2.56 43.12
N ILE D 242 -23.07 -2.20 42.06
CA ILE D 242 -21.71 -2.68 41.84
C ILE D 242 -20.76 -2.09 42.88
N LYS D 243 -21.06 -0.86 43.32
CA LYS D 243 -20.31 -0.20 44.38
C LYS D 243 -20.44 -0.95 45.71
N LYS D 244 -21.60 -1.57 45.94
CA LYS D 244 -21.85 -2.33 47.17
C LYS D 244 -21.27 -3.74 47.08
N LEU D 245 -21.59 -4.44 46.00
CA LEU D 245 -21.10 -5.80 45.83
C LEU D 245 -19.58 -5.90 45.74
N GLY D 246 -18.92 -4.94 45.08
CA GLY D 246 -17.50 -5.05 44.82
C GLY D 246 -17.18 -5.94 43.63
N ARG D 247 -18.21 -6.27 42.86
CA ARG D 247 -18.11 -7.15 41.71
C ARG D 247 -19.38 -7.05 40.84
N LEU D 248 -19.48 -7.87 39.80
CA LEU D 248 -20.66 -7.86 38.96
C LEU D 248 -21.79 -8.62 39.62
N PRO D 249 -23.03 -8.12 39.44
CA PRO D 249 -24.25 -8.65 40.08
C PRO D 249 -24.62 -9.98 39.49
N VAL D 250 -23.87 -10.44 38.51
CA VAL D 250 -24.14 -11.71 37.89
C VAL D 250 -22.88 -12.57 37.83
N VAL D 251 -23.07 -13.87 37.60
CA VAL D 251 -21.95 -14.76 37.40
C VAL D 251 -21.11 -14.22 36.24
N ASN D 252 -19.80 -14.30 36.40
CA ASN D 252 -18.87 -13.67 35.48
C ASN D 252 -17.77 -14.68 35.14
N PHE D 253 -17.72 -15.11 33.88
CA PHE D 253 -16.83 -16.18 33.45
C PHE D 253 -15.71 -15.65 32.59
N ALA D 254 -14.68 -16.47 32.39
CA ALA D 254 -13.61 -16.10 31.47
C ALA D 254 -13.81 -16.88 30.18
N ALA D 255 -13.49 -16.25 29.06
CA ALA D 255 -13.66 -16.89 27.77
C ALA D 255 -12.73 -16.26 26.75
N GLY D 256 -12.32 -17.04 25.76
CA GLY D 256 -11.41 -16.58 24.72
C GLY D 256 -9.95 -16.80 25.06
N GLY D 257 -9.34 -17.79 24.42
CA GLY D 257 -7.91 -18.00 24.56
C GLY D 257 -7.46 -18.88 25.70
N VAL D 258 -8.40 -19.59 26.35
CA VAL D 258 -8.00 -20.61 27.35
C VAL D 258 -7.55 -21.89 26.66
N ALA D 259 -6.25 -22.09 26.61
CA ALA D 259 -5.68 -23.17 25.82
C ALA D 259 -5.02 -24.23 26.70
N THR D 260 -4.74 -23.88 27.96
CA THR D 260 -4.03 -24.79 28.85
C THR D 260 -4.53 -24.75 30.31
N PRO D 261 -4.22 -25.80 31.09
CA PRO D 261 -4.62 -25.80 32.49
C PRO D 261 -4.13 -24.56 33.24
N ALA D 262 -2.94 -24.06 32.92
CA ALA D 262 -2.42 -22.89 33.62
C ALA D 262 -3.21 -21.64 33.25
N ASP D 263 -3.51 -21.46 31.97
CA ASP D 263 -4.39 -20.39 31.54
C ASP D 263 -5.65 -20.35 32.41
N ALA D 264 -6.28 -21.52 32.58
CA ALA D 264 -7.52 -21.61 33.35
C ALA D 264 -7.30 -21.22 34.80
N ALA D 265 -6.21 -21.71 35.38
CA ALA D 265 -5.90 -21.40 36.75
C ALA D 265 -5.68 -19.88 36.89
N LEU D 266 -5.01 -19.28 35.92
CA LEU D 266 -4.82 -17.82 35.92
C LEU D 266 -6.13 -17.05 36.08
N MET D 267 -7.16 -17.43 35.33
CA MET D 267 -8.41 -16.69 35.34
C MET D 267 -9.12 -16.84 36.69
N MET D 268 -9.00 -18.02 37.29
CA MET D 268 -9.59 -18.21 38.60
C MET D 268 -8.87 -17.32 39.63
N ALA D 269 -7.55 -17.27 39.52
CA ALA D 269 -6.77 -16.46 40.43
C ALA D 269 -7.04 -14.96 40.23
N MET D 270 -7.75 -14.62 39.16
CA MET D 270 -8.09 -13.21 38.96
C MET D 270 -9.43 -12.82 39.55
N GLY D 271 -10.21 -13.81 39.97
CA GLY D 271 -11.50 -13.55 40.57
C GLY D 271 -12.65 -14.13 39.78
N MET D 272 -12.37 -14.67 38.60
CA MET D 272 -13.42 -15.19 37.74
C MET D 272 -14.13 -16.38 38.40
N ASP D 273 -15.35 -16.68 37.93
CA ASP D 273 -16.19 -17.69 38.55
C ASP D 273 -15.98 -19.04 37.92
N GLY D 274 -15.43 -19.04 36.72
CA GLY D 274 -15.40 -20.25 35.93
C GLY D 274 -14.87 -19.89 34.57
N VAL D 275 -14.81 -20.89 33.70
CA VAL D 275 -14.12 -20.74 32.42
C VAL D 275 -14.86 -21.36 31.24
N PHE D 276 -15.13 -20.57 30.22
CA PHE D 276 -15.54 -21.12 28.93
C PHE D 276 -14.29 -21.56 28.15
N VAL D 277 -14.27 -22.80 27.70
CA VAL D 277 -13.22 -23.23 26.79
C VAL D 277 -13.86 -23.94 25.60
N GLY D 278 -13.20 -23.97 24.46
CA GLY D 278 -13.79 -24.65 23.32
C GLY D 278 -12.77 -25.17 22.36
N SER D 279 -12.20 -24.24 21.59
CA SER D 279 -11.06 -24.51 20.70
C SER D 279 -9.91 -25.10 21.50
N GLY D 280 -9.58 -24.47 22.61
CA GLY D 280 -8.49 -24.91 23.46
C GLY D 280 -8.33 -26.42 23.58
N ILE D 281 -9.48 -27.11 23.71
CA ILE D 281 -9.50 -28.56 23.94
C ILE D 281 -9.55 -29.40 22.68
N PHE D 282 -10.40 -29.03 21.74
CA PHE D 282 -10.59 -29.88 20.57
C PHE D 282 -9.60 -29.59 19.43
N LYS D 283 -9.08 -28.36 19.41
CA LYS D 283 -8.00 -27.99 18.48
C LYS D 283 -6.67 -28.39 19.12
N SER D 284 -6.70 -29.51 19.84
CA SER D 284 -5.59 -29.98 20.65
C SER D 284 -5.30 -31.47 20.36
N SER D 285 -4.02 -31.83 20.27
CA SER D 285 -3.66 -33.21 19.92
C SER D 285 -4.44 -34.26 20.72
N ASN D 286 -4.72 -33.97 21.99
CA ASN D 286 -5.46 -34.91 22.84
C ASN D 286 -6.51 -34.23 23.71
N PRO D 287 -7.75 -34.10 23.19
CA PRO D 287 -8.89 -33.54 23.92
C PRO D 287 -9.27 -34.14 25.29
N PRO D 288 -9.70 -35.42 25.37
CA PRO D 288 -10.32 -35.85 26.63
C PRO D 288 -9.39 -35.65 27.83
N LYS D 289 -8.11 -35.93 27.64
CA LYS D 289 -7.14 -35.75 28.70
C LYS D 289 -7.02 -34.26 29.01
N MET D 290 -6.98 -33.44 27.96
CA MET D 290 -6.86 -31.99 28.11
C MET D 290 -8.10 -31.41 28.75
N ALA D 291 -9.23 -32.09 28.51
CA ALA D 291 -10.52 -31.69 29.06
C ALA D 291 -10.50 -31.89 30.57
N ARG D 292 -10.11 -33.07 31.00
CA ARG D 292 -10.03 -33.36 32.41
C ARG D 292 -9.03 -32.41 33.07
N ALA D 293 -8.03 -31.98 32.33
CA ALA D 293 -7.00 -31.14 32.94
C ALA D 293 -7.51 -29.72 33.22
N ILE D 294 -8.24 -29.14 32.27
CA ILE D 294 -8.82 -27.83 32.47
C ILE D 294 -9.78 -27.86 33.66
N VAL D 295 -10.62 -28.90 33.73
CA VAL D 295 -11.56 -29.03 34.81
C VAL D 295 -10.81 -29.11 36.15
N GLU D 296 -9.90 -30.08 36.24
CA GLU D 296 -9.07 -30.27 37.44
C GLU D 296 -8.40 -28.97 37.83
N ALA D 297 -7.99 -28.21 36.82
CA ALA D 297 -7.29 -26.95 37.01
C ALA D 297 -8.19 -25.85 37.56
N VAL D 298 -9.48 -25.88 37.23
CA VAL D 298 -10.39 -24.90 37.79
C VAL D 298 -10.74 -25.26 39.23
N ASN D 299 -10.82 -26.56 39.50
CA ASN D 299 -11.06 -27.06 40.85
C ASN D 299 -9.86 -26.91 41.80
N HIS D 300 -8.66 -26.74 41.24
CA HIS D 300 -7.48 -26.63 42.08
C HIS D 300 -6.61 -25.45 41.68
N TRP D 301 -7.26 -24.40 41.18
CA TRP D 301 -6.54 -23.23 40.73
C TRP D 301 -5.58 -22.66 41.76
N ASP D 302 -5.77 -22.98 43.04
CA ASP D 302 -4.92 -22.42 44.08
C ASP D 302 -3.84 -23.38 44.63
N GLU D 303 -3.72 -24.56 44.02
CA GLU D 303 -2.75 -25.57 44.44
C GLU D 303 -1.71 -25.87 43.35
N PRO D 304 -0.61 -25.12 43.34
CA PRO D 304 0.50 -25.17 42.38
C PRO D 304 1.10 -26.56 42.24
N ASP D 305 1.27 -27.25 43.36
CA ASP D 305 1.76 -28.62 43.34
C ASP D 305 0.85 -29.49 42.49
N VAL D 306 -0.46 -29.24 42.57
CA VAL D 306 -1.45 -30.03 41.86
C VAL D 306 -1.55 -29.63 40.39
N LEU D 307 -1.37 -28.35 40.09
CA LEU D 307 -1.43 -27.89 38.70
C LEU D 307 -0.33 -28.53 37.89
N ALA D 308 0.86 -28.67 38.50
CA ALA D 308 2.02 -29.31 37.88
C ALA D 308 1.78 -30.76 37.48
N GLU D 309 1.21 -31.54 38.39
CA GLU D 309 0.91 -32.93 38.09
C GLU D 309 -0.15 -32.99 36.99
N ILE D 310 -1.17 -32.16 37.14
CA ILE D 310 -2.25 -32.05 36.17
C ILE D 310 -1.76 -31.70 34.77
N SER D 311 -0.63 -31.00 34.70
CA SER D 311 -0.11 -30.52 33.43
C SER D 311 0.75 -31.56 32.70
N ARG D 312 1.00 -32.68 33.37
CA ARG D 312 1.92 -33.68 32.84
C ARG D 312 1.31 -34.52 31.72
N GLU D 313 2.02 -34.64 30.60
CA GLU D 313 1.62 -35.52 29.51
C GLU D 313 0.23 -35.17 29.01
N ILE D 314 -0.05 -33.89 28.89
CA ILE D 314 -1.42 -33.45 28.66
C ILE D 314 -1.69 -33.24 27.16
N GLY D 315 -0.63 -33.35 26.36
CA GLY D 315 -0.74 -33.20 24.92
C GLY D 315 -0.33 -31.82 24.44
N GLU D 316 -0.22 -31.65 23.13
CA GLU D 316 0.12 -30.34 22.56
C GLU D 316 -1.12 -29.48 22.35
N PRO D 317 -1.07 -28.25 22.90
CA PRO D 317 -2.16 -27.26 22.79
C PRO D 317 -2.23 -26.72 21.37
N MET D 318 -3.39 -26.20 20.97
CA MET D 318 -3.53 -25.52 19.68
C MET D 318 -2.43 -24.46 19.48
N ARG D 319 -1.88 -24.42 18.27
CA ARG D 319 -0.74 -23.55 17.92
C ARG D 319 -0.93 -22.04 18.23
N GLY D 320 -2.15 -21.54 18.00
CA GLY D 320 -2.44 -20.15 18.26
C GLY D 320 -2.09 -19.15 17.17
N GLN D 321 -2.61 -17.94 17.31
CA GLN D 321 -2.27 -16.82 16.43
C GLN D 321 -1.79 -15.62 17.25
N ALA D 322 -0.62 -15.08 16.86
CA ALA D 322 -0.02 -13.96 17.59
C ALA D 322 0.08 -12.67 16.75
N ASP E 2 5.10 -1.73 58.31
CA ASP E 2 5.83 -2.47 59.33
C ASP E 2 7.35 -2.45 59.07
N LYS E 3 8.14 -2.19 60.11
CA LYS E 3 9.59 -2.25 60.01
C LYS E 3 10.02 -3.67 59.68
N LEU E 4 9.45 -4.62 60.41
CA LEU E 4 9.76 -6.02 60.22
C LEU E 4 9.43 -6.52 58.82
N LYS E 5 8.36 -6.00 58.24
CA LYS E 5 7.97 -6.46 56.91
C LYS E 5 8.98 -6.03 55.85
N ILE E 6 9.54 -4.83 56.02
CA ILE E 6 10.62 -4.39 55.14
C ILE E 6 11.85 -5.31 55.24
N ILE E 7 12.09 -5.89 56.41
CA ILE E 7 13.24 -6.77 56.52
C ILE E 7 13.01 -8.19 55.96
N MET E 8 11.78 -8.68 55.90
CA MET E 8 11.53 -9.88 55.10
C MET E 8 11.77 -9.56 53.65
N GLU E 9 11.15 -8.49 53.17
CA GLU E 9 11.38 -8.04 51.81
C GLU E 9 12.88 -8.10 51.58
N LYS E 10 13.64 -7.25 52.27
CA LYS E 10 15.09 -7.12 52.06
C LYS E 10 15.89 -8.42 52.18
N GLY E 11 15.52 -9.27 53.13
CA GLY E 11 16.26 -10.49 53.40
C GLY E 11 16.00 -11.62 52.41
N THR E 12 14.71 -11.83 52.10
CA THR E 12 14.30 -12.73 51.04
C THR E 12 14.95 -12.33 49.73
N GLU E 13 14.99 -11.03 49.48
CA GLU E 13 15.55 -10.52 48.23
C GLU E 13 17.05 -10.81 48.12
N ARG E 14 17.79 -10.48 49.17
CA ARG E 14 19.20 -10.79 49.19
C ARG E 14 19.48 -12.26 48.85
N LEU E 15 18.76 -13.19 49.48
CA LEU E 15 18.96 -14.61 49.20
C LEU E 15 18.79 -14.98 47.71
N LYS E 16 17.73 -14.46 47.10
CA LYS E 16 17.44 -14.67 45.66
C LYS E 16 18.59 -14.19 44.76
N ARG E 17 19.02 -12.94 44.99
CA ARG E 17 20.17 -12.37 44.29
C ARG E 17 21.38 -13.24 44.52
N GLY E 18 21.38 -13.91 45.67
CA GLY E 18 22.46 -14.80 46.03
C GLY E 18 22.57 -15.94 45.06
N PHE E 19 21.43 -16.43 44.56
CA PHE E 19 21.47 -17.48 43.54
C PHE E 19 21.98 -16.96 42.22
N ALA E 20 21.53 -15.77 41.83
CA ALA E 20 21.97 -15.20 40.57
C ALA E 20 23.49 -15.03 40.57
N LYS E 21 24.05 -14.61 41.70
CA LYS E 21 25.49 -14.46 41.81
C LYS E 21 26.27 -15.77 41.57
N MET E 22 25.60 -16.91 41.74
CA MET E 22 26.21 -18.21 41.46
C MET E 22 26.48 -18.50 39.97
N VAL E 23 25.72 -17.86 39.10
CA VAL E 23 25.93 -18.05 37.67
C VAL E 23 26.78 -16.93 37.08
N LYS E 24 27.12 -15.95 37.90
CA LYS E 24 27.94 -14.85 37.42
C LYS E 24 29.26 -15.31 36.79
N GLY E 25 29.57 -14.79 35.61
CA GLY E 25 30.83 -15.05 34.94
C GLY E 25 30.84 -16.16 33.92
N GLY E 26 29.67 -16.74 33.65
CA GLY E 26 29.62 -17.86 32.74
C GLY E 26 28.52 -17.72 31.69
N VAL E 27 28.18 -18.83 31.05
CA VAL E 27 27.28 -18.83 29.90
C VAL E 27 26.07 -19.71 30.15
N ILE E 28 24.87 -19.18 29.89
CA ILE E 28 23.65 -19.95 30.10
C ILE E 28 23.06 -20.27 28.73
N MET E 29 22.88 -21.55 28.47
CA MET E 29 22.47 -21.99 27.15
C MET E 29 21.00 -22.39 27.08
N ASP E 30 20.32 -22.00 26.01
CA ASP E 30 18.96 -22.47 25.78
C ASP E 30 19.01 -23.92 25.30
N VAL E 31 18.15 -24.77 25.85
CA VAL E 31 18.14 -26.17 25.43
C VAL E 31 16.72 -26.66 25.24
N THR E 32 16.55 -27.57 24.29
CA THR E 32 15.22 -28.00 23.91
C THR E 32 14.96 -29.45 24.29
N ASN E 33 16.03 -30.17 24.62
CA ASN E 33 15.90 -31.57 25.03
C ASN E 33 17.09 -32.06 25.85
N ALA E 34 16.98 -33.29 26.36
CA ALA E 34 17.98 -33.84 27.27
C ALA E 34 19.34 -33.90 26.63
N GLU E 35 19.34 -34.07 25.31
CA GLU E 35 20.56 -34.23 24.54
C GLU E 35 21.36 -32.94 24.44
N GLN E 36 20.66 -31.83 24.17
CA GLN E 36 21.29 -30.51 24.18
C GLN E 36 21.68 -30.08 25.59
N ALA E 37 20.84 -30.44 26.56
CA ALA E 37 21.19 -30.21 27.96
C ALA E 37 22.56 -30.79 28.30
N ARG E 38 22.77 -32.07 27.98
CA ARG E 38 24.09 -32.66 28.21
C ARG E 38 25.20 -32.04 27.38
N ILE E 39 24.93 -31.79 26.09
CA ILE E 39 25.92 -31.05 25.31
C ILE E 39 26.30 -29.74 26.02
N ALA E 40 25.30 -28.96 26.45
CA ALA E 40 25.52 -27.68 27.13
C ALA E 40 26.41 -27.81 28.37
N GLU E 41 26.04 -28.73 29.26
CA GLU E 41 26.82 -29.01 30.46
C GLU E 41 28.26 -29.47 30.17
N GLU E 42 28.41 -30.45 29.26
CA GLU E 42 29.75 -30.94 28.94
C GLU E 42 30.62 -29.82 28.36
N ALA E 43 30.01 -28.94 27.57
CA ALA E 43 30.71 -27.80 27.02
C ALA E 43 31.14 -26.75 28.05
N GLY E 44 30.57 -26.80 29.26
CA GLY E 44 30.92 -25.86 30.31
C GLY E 44 29.90 -24.79 30.69
N ALA E 45 28.62 -24.99 30.37
CA ALA E 45 27.56 -24.05 30.81
C ALA E 45 27.47 -23.91 32.34
N VAL E 46 27.04 -22.75 32.84
CA VAL E 46 26.75 -22.59 34.27
C VAL E 46 25.32 -22.97 34.54
N ALA E 47 24.49 -22.90 33.50
CA ALA E 47 23.08 -23.26 33.65
C ALA E 47 22.53 -23.53 32.26
N VAL E 48 21.40 -24.21 32.19
CA VAL E 48 20.65 -24.27 30.96
C VAL E 48 19.27 -23.66 31.15
N MET E 49 18.69 -23.26 30.02
CA MET E 49 17.38 -22.62 29.93
C MET E 49 16.48 -23.53 29.11
N ALA E 50 15.45 -24.08 29.75
CA ALA E 50 14.58 -25.05 29.10
C ALA E 50 13.46 -24.39 28.32
N LEU E 51 13.39 -24.70 27.03
CA LEU E 51 12.23 -24.29 26.24
C LEU E 51 11.73 -25.42 25.33
N HIS E 52 10.53 -25.24 24.79
CA HIS E 52 9.99 -26.31 23.95
C HIS E 52 10.51 -26.22 22.51
N LYS E 53 9.74 -25.58 21.66
CA LYS E 53 10.27 -25.14 20.39
C LYS E 53 11.12 -23.97 20.83
N VAL E 54 12.07 -23.55 20.01
CA VAL E 54 12.55 -22.20 20.13
C VAL E 54 11.34 -21.32 19.75
N PRO E 55 10.95 -20.37 20.62
CA PRO E 55 9.89 -19.45 20.25
C PRO E 55 10.44 -18.45 19.24
N ALA E 56 9.60 -17.56 18.72
CA ALA E 56 10.04 -16.72 17.61
C ALA E 56 10.24 -17.58 16.36
N ASP E 57 10.51 -18.87 16.58
CA ASP E 57 10.33 -19.90 15.58
C ASP E 57 8.85 -20.17 15.63
N ILE E 58 8.30 -20.05 16.83
CA ILE E 58 6.86 -20.09 17.02
C ILE E 58 6.31 -18.80 16.44
N ARG E 59 7.08 -17.73 16.55
CA ARG E 59 6.66 -16.42 16.07
C ARG E 59 6.97 -16.16 14.59
N LYS E 60 7.96 -16.85 14.04
CA LYS E 60 8.11 -16.87 12.58
C LYS E 60 6.78 -17.42 12.06
N ALA E 61 6.40 -18.60 12.57
CA ALA E 61 5.03 -19.09 12.45
C ALA E 61 4.13 -18.04 13.09
N GLY E 62 2.83 -18.09 12.82
CA GLY E 62 1.94 -17.14 13.46
C GLY E 62 1.70 -17.44 14.93
N GLY E 63 2.47 -18.39 15.49
CA GLY E 63 2.16 -19.03 16.75
C GLY E 63 2.12 -18.27 18.07
N VAL E 64 1.44 -18.89 19.04
CA VAL E 64 1.45 -18.49 20.44
C VAL E 64 2.48 -19.32 21.19
N ALA E 65 3.46 -18.65 21.81
CA ALA E 65 4.54 -19.34 22.50
C ALA E 65 4.29 -19.33 24.01
N ARG E 66 4.17 -20.51 24.59
CA ARG E 66 3.86 -20.66 26.01
C ARG E 66 5.02 -21.28 26.79
N MET E 67 4.82 -21.42 28.10
CA MET E 67 5.77 -22.14 28.93
C MET E 67 5.94 -23.51 28.33
N ALA E 68 7.13 -24.09 28.42
CA ALA E 68 7.37 -25.42 27.86
C ALA E 68 6.55 -26.49 28.59
N PRO E 69 6.28 -27.62 27.92
CA PRO E 69 5.59 -28.73 28.59
C PRO E 69 6.34 -29.25 29.83
N VAL E 70 5.58 -29.63 30.86
CA VAL E 70 6.16 -30.09 32.11
C VAL E 70 7.07 -31.33 31.95
N GLU E 71 6.68 -32.25 31.08
CA GLU E 71 7.50 -33.43 30.80
C GLU E 71 8.85 -33.08 30.19
N LYS E 72 8.89 -32.01 29.41
CA LYS E 72 10.15 -31.61 28.78
C LYS E 72 11.05 -30.98 29.83
N ILE E 73 10.52 -30.01 30.58
CA ILE E 73 11.31 -29.36 31.63
C ILE E 73 11.88 -30.40 32.59
N GLN E 74 11.05 -31.38 32.93
CA GLN E 74 11.43 -32.49 33.80
C GLN E 74 12.50 -33.40 33.18
N GLU E 75 12.42 -33.61 31.87
CA GLU E 75 13.43 -34.38 31.17
C GLU E 75 14.79 -33.67 31.22
N ILE E 76 14.77 -32.34 31.21
CA ILE E 76 16.01 -31.56 31.27
C ILE E 76 16.62 -31.51 32.67
N MET E 77 15.80 -31.29 33.70
CA MET E 77 16.30 -31.31 35.06
C MET E 77 16.96 -32.64 35.40
N ASP E 78 16.45 -33.72 34.81
CA ASP E 78 16.96 -35.07 35.07
C ASP E 78 18.16 -35.45 34.18
N ALA E 79 18.73 -34.49 33.46
CA ALA E 79 19.78 -34.78 32.51
C ALA E 79 21.09 -34.09 32.89
N VAL E 80 20.98 -33.10 33.78
CA VAL E 80 22.14 -32.33 34.18
C VAL E 80 22.13 -32.01 35.66
N THR E 81 23.27 -31.54 36.14
CA THR E 81 23.50 -31.23 37.54
C THR E 81 23.49 -29.72 37.74
N ILE E 82 23.94 -29.01 36.70
CA ILE E 82 23.92 -27.56 36.73
C ILE E 82 22.47 -27.10 36.82
N PRO E 83 22.25 -25.88 37.32
CA PRO E 83 20.91 -25.31 37.45
C PRO E 83 20.11 -25.29 36.14
N VAL E 84 18.82 -25.62 36.22
CA VAL E 84 17.94 -25.56 35.07
C VAL E 84 17.01 -24.36 35.21
N MET E 85 16.93 -23.56 34.16
CA MET E 85 16.04 -22.40 34.14
C MET E 85 14.86 -22.65 33.17
N ALA E 86 13.81 -21.87 33.30
CA ALA E 86 12.68 -22.00 32.40
C ALA E 86 11.94 -20.67 32.21
N LYS E 87 11.22 -20.57 31.10
CA LYS E 87 10.52 -19.35 30.71
C LYS E 87 9.04 -19.46 30.99
N CYS E 88 8.43 -18.34 31.36
CA CYS E 88 6.98 -18.22 31.34
C CYS E 88 6.60 -16.94 30.59
N ARG E 89 5.34 -16.85 30.19
CA ARG E 89 4.86 -15.65 29.51
C ARG E 89 4.73 -14.48 30.49
N ILE E 90 5.00 -13.28 29.98
CA ILE E 90 4.90 -12.08 30.79
C ILE E 90 3.54 -11.98 31.48
N GLY E 91 3.56 -11.73 32.78
CA GLY E 91 2.34 -11.67 33.56
C GLY E 91 1.63 -12.98 33.84
N HIS E 92 2.14 -14.09 33.33
CA HIS E 92 1.43 -15.37 33.53
C HIS E 92 1.74 -16.02 34.89
N GLU E 93 1.08 -15.52 35.93
CA GLU E 93 1.42 -15.92 37.29
C GLU E 93 1.20 -17.43 37.53
N ALA E 94 0.19 -18.02 36.88
CA ALA E 94 -0.02 -19.47 37.02
C ALA E 94 1.13 -20.29 36.43
N GLU E 95 1.61 -19.90 35.24
CA GLU E 95 2.74 -20.60 34.65
C GLU E 95 3.96 -20.58 35.57
N ALA E 96 4.25 -19.43 36.16
CA ALA E 96 5.46 -19.34 36.96
C ALA E 96 5.37 -20.15 38.25
N ARG E 97 4.20 -20.16 38.89
CA ARG E 97 3.98 -21.03 40.03
C ARG E 97 4.19 -22.52 39.70
N ILE E 98 3.66 -22.97 38.56
CA ILE E 98 3.90 -24.33 38.10
C ILE E 98 5.40 -24.63 37.95
N LEU E 99 6.13 -23.73 37.32
CA LEU E 99 7.56 -23.88 37.20
C LEU E 99 8.20 -23.99 38.57
N GLU E 100 7.82 -23.09 39.47
CA GLU E 100 8.33 -23.10 40.82
C GLU E 100 8.05 -24.41 41.54
N ALA E 101 6.86 -24.95 41.32
CA ALA E 101 6.44 -26.19 41.94
C ALA E 101 7.17 -27.38 41.35
N LEU E 102 7.70 -27.20 40.15
CA LEU E 102 8.33 -28.28 39.43
C LEU E 102 9.78 -28.44 39.86
N GLY E 103 10.33 -27.39 40.45
CA GLY E 103 11.69 -27.38 40.96
C GLY E 103 12.74 -26.59 40.20
N VAL E 104 12.33 -25.67 39.32
CA VAL E 104 13.35 -24.94 38.55
C VAL E 104 14.09 -23.94 39.42
N ASP E 105 15.33 -23.68 39.11
CA ASP E 105 16.11 -22.83 39.97
C ASP E 105 15.88 -21.34 39.71
N MET E 106 15.32 -21.02 38.55
CA MET E 106 15.09 -19.64 38.21
C MET E 106 14.03 -19.61 37.14
N ILE E 107 13.21 -18.57 37.16
CA ILE E 107 12.17 -18.40 36.17
C ILE E 107 12.50 -17.18 35.34
N ASP E 108 12.38 -17.30 34.03
CA ASP E 108 12.60 -16.18 33.14
C ASP E 108 11.26 -15.74 32.61
N GLU E 109 10.78 -14.61 33.12
CA GLU E 109 9.57 -13.97 32.61
C GLU E 109 9.95 -13.33 31.25
N SER E 110 9.63 -14.02 30.16
CA SER E 110 10.27 -13.75 28.87
C SER E 110 9.42 -12.99 27.86
N GLU E 111 10.02 -11.96 27.25
CA GLU E 111 9.35 -11.25 26.18
C GLU E 111 9.28 -12.09 24.90
N VAL E 112 10.10 -13.13 24.79
CA VAL E 112 10.07 -13.95 23.57
C VAL E 112 8.93 -14.97 23.56
N LEU E 113 8.35 -15.27 24.71
CA LEU E 113 7.07 -15.98 24.69
C LEU E 113 6.01 -14.97 24.36
N THR E 114 4.78 -15.42 24.18
CA THR E 114 3.66 -14.51 23.93
C THR E 114 3.09 -13.93 25.24
N PRO E 115 3.22 -12.62 25.44
CA PRO E 115 2.78 -12.02 26.72
C PRO E 115 1.33 -12.38 27.02
N ALA E 116 1.04 -12.61 28.29
CA ALA E 116 -0.32 -12.98 28.69
C ALA E 116 -1.03 -11.85 29.45
N ASP E 117 -0.30 -10.76 29.67
CA ASP E 117 -0.85 -9.62 30.38
C ASP E 117 -0.44 -8.36 29.63
N PRO E 118 -1.42 -7.54 29.25
CA PRO E 118 -1.09 -6.33 28.47
C PRO E 118 -0.69 -5.14 29.35
N PHE E 119 -0.93 -5.24 30.65
CA PHE E 119 -0.68 -4.11 31.52
C PHE E 119 0.48 -4.35 32.49
N PHE E 120 0.53 -5.53 33.11
CA PHE E 120 1.45 -5.79 34.21
C PHE E 120 2.28 -7.05 34.04
N HIS E 121 3.52 -6.99 34.54
CA HIS E 121 4.34 -8.16 34.78
C HIS E 121 3.99 -8.83 36.11
N ILE E 122 4.57 -9.99 36.36
CA ILE E 122 4.36 -10.72 37.61
C ILE E 122 5.00 -9.96 38.77
N TYR E 123 4.26 -9.82 39.87
CA TYR E 123 4.87 -9.28 41.06
C TYR E 123 5.72 -10.41 41.68
N LYS E 124 7.01 -10.40 41.35
CA LYS E 124 7.92 -11.50 41.66
C LYS E 124 8.37 -11.61 43.14
N LYS E 125 8.25 -10.53 43.88
CA LYS E 125 8.55 -10.55 45.31
C LYS E 125 7.75 -11.62 46.07
N LYS E 126 6.48 -11.80 45.72
CA LYS E 126 5.64 -12.84 46.29
C LYS E 126 6.23 -14.24 46.14
N PHE E 127 7.08 -14.43 45.14
CA PHE E 127 7.55 -15.77 44.83
C PHE E 127 8.75 -16.22 45.68
N THR E 128 8.94 -17.52 45.78
CA THR E 128 10.10 -18.06 46.45
C THR E 128 11.26 -18.35 45.48
N ALA E 129 10.94 -18.77 44.26
CA ALA E 129 11.92 -18.89 43.17
C ALA E 129 12.31 -17.51 42.68
N PRO E 130 13.59 -17.32 42.36
CA PRO E 130 14.02 -16.04 41.81
C PRO E 130 13.77 -15.94 40.28
N PHE E 131 13.52 -14.72 39.81
CA PHE E 131 13.23 -14.45 38.41
C PHE E 131 14.36 -13.73 37.72
N VAL E 132 14.50 -13.98 36.42
CA VAL E 132 15.29 -13.12 35.56
C VAL E 132 14.36 -12.43 34.59
N CYS E 133 14.66 -11.17 34.31
CA CYS E 133 13.87 -10.38 33.39
C CYS E 133 14.77 -9.63 32.42
N GLY E 134 14.26 -9.40 31.23
CA GLY E 134 14.95 -8.60 30.25
C GLY E 134 14.60 -7.13 30.37
N ALA E 135 15.43 -6.30 29.76
CA ALA E 135 15.24 -4.86 29.79
C ALA E 135 15.87 -4.27 28.54
N ARG E 136 15.25 -3.23 27.99
CA ARG E 136 15.76 -2.52 26.82
C ARG E 136 16.49 -1.27 27.26
N ASN E 137 16.15 -0.77 28.45
CA ASN E 137 16.73 0.45 28.97
C ASN E 137 16.67 0.56 30.50
N LEU E 138 17.31 1.59 31.07
CA LEU E 138 17.36 1.66 32.52
C LEU E 138 15.94 1.71 33.09
N GLY E 139 15.06 2.45 32.42
CA GLY E 139 13.67 2.54 32.84
C GLY E 139 13.09 1.15 33.07
N GLU E 140 13.29 0.27 32.11
CA GLU E 140 12.80 -1.10 32.23
C GLU E 140 13.52 -1.93 33.31
N ALA E 141 14.85 -1.82 33.39
CA ALA E 141 15.61 -2.64 34.33
C ALA E 141 15.12 -2.36 35.74
N VAL E 142 15.05 -1.07 36.04
CA VAL E 142 14.63 -0.60 37.33
C VAL E 142 13.24 -1.12 37.69
N ARG E 143 12.31 -1.02 36.76
CA ARG E 143 10.95 -1.50 36.96
C ARG E 143 10.93 -3.00 37.25
N ARG E 144 11.70 -3.77 36.49
CA ARG E 144 11.77 -5.21 36.72
C ARG E 144 12.41 -5.51 38.08
N ILE E 145 13.51 -4.83 38.37
CA ILE E 145 14.12 -4.96 39.67
C ILE E 145 13.07 -4.66 40.74
N TRP E 146 12.45 -3.47 40.68
CA TRP E 146 11.45 -3.11 41.68
C TRP E 146 10.41 -4.19 41.90
N GLU E 147 9.94 -4.79 40.81
CA GLU E 147 8.92 -5.83 40.87
C GLU E 147 9.48 -7.15 41.42
N GLY E 148 10.80 -7.22 41.59
CA GLY E 148 11.41 -8.38 42.22
C GLY E 148 12.36 -9.22 41.39
N ALA E 149 12.77 -8.76 40.22
CA ALA E 149 13.75 -9.51 39.45
C ALA E 149 15.05 -9.70 40.27
N ALA E 150 15.61 -10.91 40.25
CA ALA E 150 16.85 -11.17 40.95
C ALA E 150 18.01 -10.96 39.99
N MET E 151 17.66 -10.78 38.72
CA MET E 151 18.67 -10.80 37.67
C MET E 151 18.11 -10.11 36.42
N ILE E 152 18.97 -9.42 35.69
CA ILE E 152 18.51 -8.66 34.52
C ILE E 152 19.36 -9.03 33.34
N ARG E 153 18.74 -9.19 32.18
CA ARG E 153 19.50 -9.36 30.94
C ARG E 153 19.00 -8.40 29.86
N THR E 154 19.89 -8.05 28.93
CA THR E 154 19.46 -7.30 27.76
C THR E 154 18.37 -8.08 27.06
N LYS E 155 17.51 -7.36 26.37
CA LYS E 155 16.50 -8.01 25.59
C LYS E 155 17.10 -8.39 24.26
N GLY E 156 17.88 -7.47 23.68
CA GLY E 156 18.45 -7.69 22.37
C GLY E 156 17.37 -8.06 21.36
N GLU E 157 17.70 -8.97 20.44
CA GLU E 157 16.81 -9.32 19.34
C GLU E 157 16.83 -10.83 19.12
N ALA E 158 15.86 -11.50 19.74
CA ALA E 158 15.85 -12.97 19.82
C ALA E 158 15.79 -13.71 18.48
N GLY E 159 16.68 -14.69 18.32
CA GLY E 159 16.69 -15.59 17.18
C GLY E 159 17.01 -14.99 15.81
N THR E 160 17.84 -13.95 15.80
CA THR E 160 18.24 -13.34 14.54
C THR E 160 19.72 -13.60 14.32
N GLY E 161 20.46 -13.75 15.41
CA GLY E 161 21.89 -13.93 15.34
C GLY E 161 22.64 -12.61 15.29
N ASN E 162 21.87 -11.53 15.27
CA ASN E 162 22.44 -10.20 15.17
C ASN E 162 22.67 -9.61 16.56
N ILE E 163 23.90 -9.20 16.84
CA ILE E 163 24.28 -8.72 18.17
C ILE E 163 23.87 -7.27 18.45
N ILE E 164 23.55 -6.52 17.41
CA ILE E 164 23.30 -5.09 17.53
C ILE E 164 22.24 -4.70 18.59
N GLU E 165 21.14 -5.42 18.67
CA GLU E 165 20.14 -5.01 19.63
C GLU E 165 20.61 -5.16 21.09
N ALA E 166 21.40 -6.21 21.37
CA ALA E 166 22.03 -6.33 22.70
C ALA E 166 22.96 -5.17 22.92
N VAL E 167 23.80 -4.87 21.95
CA VAL E 167 24.70 -3.75 22.12
C VAL E 167 23.93 -2.45 22.32
N ARG E 168 22.80 -2.31 21.64
CA ARG E 168 21.94 -1.14 21.85
C ARG E 168 21.47 -1.01 23.32
N HIS E 169 20.96 -2.09 23.88
CA HIS E 169 20.37 -2.03 25.20
C HIS E 169 21.41 -1.85 26.31
N VAL E 170 22.59 -2.43 26.14
CA VAL E 170 23.65 -2.24 27.10
C VAL E 170 24.02 -0.77 27.14
N ARG E 171 24.20 -0.19 25.95
CA ARG E 171 24.67 1.18 25.88
C ARG E 171 23.63 2.15 26.37
N LEU E 172 22.36 1.80 26.21
CA LEU E 172 21.27 2.64 26.68
C LEU E 172 21.27 2.68 28.20
N VAL E 173 21.34 1.50 28.80
CA VAL E 173 21.40 1.34 30.24
C VAL E 173 22.63 1.99 30.89
N ASN E 174 23.82 1.71 30.35
CA ASN E 174 25.04 2.35 30.85
C ASN E 174 25.03 3.88 30.76
N GLU E 175 24.69 4.40 29.59
CA GLU E 175 24.64 5.85 29.39
C GLU E 175 23.64 6.50 30.32
N ASN E 176 22.51 5.83 30.53
CA ASN E 176 21.50 6.32 31.45
C ASN E 176 22.04 6.29 32.89
N ILE E 177 22.90 5.32 33.21
CA ILE E 177 23.52 5.29 34.53
C ILE E 177 24.50 6.47 34.71
N ARG E 178 25.40 6.68 33.77
CA ARG E 178 26.26 7.85 33.86
C ARG E 178 25.44 9.13 33.94
N LEU E 179 24.23 9.13 33.38
CA LEU E 179 23.38 10.33 33.43
C LEU E 179 22.89 10.61 34.85
N ILE E 180 22.29 9.60 35.48
CA ILE E 180 21.98 9.66 36.91
C ILE E 180 23.14 10.26 37.71
N GLN E 181 24.35 9.70 37.54
CA GLN E 181 25.52 10.10 38.34
C GLN E 181 25.95 11.57 38.20
N ARG E 182 25.53 12.23 37.13
CA ARG E 182 25.85 13.64 36.96
C ARG E 182 24.67 14.50 37.37
N MET E 183 23.80 13.90 38.17
CA MET E 183 22.53 14.52 38.53
C MET E 183 22.37 14.71 40.04
N THR E 184 21.46 15.59 40.41
CA THR E 184 21.13 15.88 41.80
C THR E 184 19.96 15.01 42.23
N ASP E 185 19.85 14.74 43.52
CA ASP E 185 18.75 13.94 44.04
C ASP E 185 17.39 14.47 43.59
N GLU E 186 17.26 15.79 43.48
CA GLU E 186 16.03 16.41 42.98
C GLU E 186 15.77 16.02 41.52
N GLU E 187 16.78 16.21 40.67
CA GLU E 187 16.70 15.75 39.28
C GLU E 187 16.33 14.27 39.23
N ILE E 188 17.15 13.41 39.85
CA ILE E 188 16.90 11.97 39.82
C ILE E 188 15.44 11.63 40.14
N TYR E 189 14.84 12.38 41.07
CA TYR E 189 13.44 12.14 41.45
C TYR E 189 12.54 12.25 40.23
N GLY E 190 12.81 13.22 39.37
CA GLY E 190 12.02 13.42 38.18
C GLY E 190 12.12 12.22 37.25
N VAL E 191 13.32 11.66 37.14
CA VAL E 191 13.51 10.48 36.31
C VAL E 191 12.69 9.32 36.87
N ALA E 192 12.62 9.21 38.20
CA ALA E 192 11.79 8.16 38.81
C ALA E 192 10.32 8.33 38.44
N GLU E 193 9.87 9.56 38.34
CA GLU E 193 8.48 9.77 37.99
C GLU E 193 8.25 9.31 36.57
N LYS E 194 9.17 9.65 35.68
CA LYS E 194 9.09 9.17 34.31
C LYS E 194 9.12 7.63 34.31
N PHE E 195 10.00 7.06 35.12
CA PHE E 195 10.16 5.62 35.14
C PHE E 195 9.00 4.85 35.77
N ALA E 196 7.99 5.54 36.26
CA ALA E 196 6.87 4.82 36.87
C ALA E 196 5.60 5.01 36.08
N GLU E 197 5.68 5.79 35.01
CA GLU E 197 4.50 6.09 34.20
C GLU E 197 3.80 4.86 33.63
N PRO E 198 4.56 3.82 33.25
CA PRO E 198 3.90 2.66 32.66
C PRO E 198 2.95 1.89 33.58
N TYR E 199 3.07 2.00 34.90
CA TYR E 199 2.07 1.36 35.78
C TYR E 199 0.71 2.06 35.72
N LEU E 200 0.69 3.27 35.15
CA LEU E 200 -0.55 4.00 34.92
C LEU E 200 -1.37 3.55 33.70
N ARG E 201 -0.82 2.66 32.88
CA ARG E 201 -1.46 2.28 31.63
C ARG E 201 -2.90 1.78 31.84
N LEU E 202 -3.10 0.83 32.77
CA LEU E 202 -4.44 0.32 33.04
C LEU E 202 -5.36 1.39 33.65
N ALA E 203 -4.86 2.18 34.60
CA ALA E 203 -5.70 3.20 35.21
C ALA E 203 -6.25 4.22 34.19
N PHE E 204 -5.37 4.79 33.36
CA PHE E 204 -5.77 5.73 32.30
C PHE E 204 -6.75 5.15 31.29
N SER E 205 -6.56 3.90 30.92
CA SER E 205 -7.47 3.30 29.96
C SER E 205 -8.87 3.26 30.53
N VAL E 206 -8.99 2.87 31.80
CA VAL E 206 -10.29 2.75 32.45
C VAL E 206 -10.92 4.12 32.66
N LYS E 207 -10.09 5.10 32.99
CA LYS E 207 -10.54 6.49 32.97
C LYS E 207 -11.21 6.80 31.63
N GLU E 208 -10.48 6.66 30.53
CA GLU E 208 -11.02 6.96 29.21
C GLU E 208 -12.34 6.22 28.89
N ILE E 209 -12.42 4.94 29.21
CA ILE E 209 -13.66 4.17 29.08
C ILE E 209 -14.80 4.75 29.93
N SER E 210 -14.44 5.34 31.06
CA SER E 210 -15.41 5.92 32.00
C SER E 210 -15.78 7.39 31.73
N GLY E 211 -15.05 8.06 30.84
CA GLY E 211 -15.34 9.45 30.52
C GLY E 211 -14.62 10.48 31.37
N LEU E 212 -13.73 10.02 32.25
CA LEU E 212 -13.01 10.95 33.12
C LEU E 212 -11.65 11.32 32.52
N PRO E 213 -11.10 12.47 32.93
CA PRO E 213 -9.77 12.81 32.42
C PRO E 213 -8.70 11.81 32.89
N LYS E 214 -7.70 11.58 32.05
CA LYS E 214 -6.59 10.70 32.42
C LYS E 214 -5.60 11.41 33.34
N ARG E 215 -5.90 11.45 34.63
CA ARG E 215 -5.03 12.07 35.63
C ARG E 215 -4.74 11.15 36.80
N VAL E 216 -3.59 11.37 37.43
CA VAL E 216 -3.20 10.65 38.63
C VAL E 216 -3.91 11.21 39.87
N LEU E 217 -4.44 10.31 40.70
CA LEU E 217 -5.01 10.67 42.00
C LEU E 217 -4.09 10.15 43.10
N GLU E 218 -3.82 10.99 44.09
CA GLU E 218 -2.72 10.75 45.03
C GLU E 218 -2.84 9.49 45.93
N ASN E 219 -4.07 9.03 46.17
CA ASN E 219 -4.28 7.80 46.96
C ASN E 219 -4.99 6.71 46.18
N GLU E 220 -4.77 6.67 44.88
CA GLU E 220 -5.36 5.67 44.00
C GLU E 220 -4.40 4.48 43.85
N PRO E 221 -4.79 3.29 44.33
CA PRO E 221 -3.91 2.12 44.21
C PRO E 221 -3.94 1.53 42.80
N ILE E 222 -2.74 1.35 42.24
CA ILE E 222 -2.55 1.19 40.80
C ILE E 222 -1.94 -0.17 40.44
N TYR E 223 -1.15 -0.73 41.35
CA TYR E 223 -0.52 -2.02 41.09
C TYR E 223 -0.20 -2.72 42.41
N GLU E 224 -0.75 -3.92 42.59
CA GLU E 224 -0.44 -4.69 43.77
C GLU E 224 -0.60 -3.82 45.04
N GLY E 225 -1.59 -2.94 45.04
CA GLY E 225 -1.88 -2.10 46.19
C GLY E 225 -1.03 -0.85 46.32
N PHE E 226 0.03 -0.77 45.54
CA PHE E 226 0.86 0.42 45.52
C PHE E 226 0.24 1.56 44.72
N THR E 227 0.44 2.78 45.20
CA THR E 227 -0.05 3.96 44.49
C THR E 227 1.06 4.46 43.57
N TYR E 228 0.72 5.33 42.63
CA TYR E 228 1.73 5.88 41.74
C TYR E 228 2.87 6.47 42.56
N ARG E 229 2.51 7.36 43.50
CA ARG E 229 3.51 8.03 44.31
C ARG E 229 4.35 7.01 45.04
N GLU E 230 3.71 6.06 45.68
CA GLU E 230 4.45 5.02 46.42
C GLU E 230 5.46 4.27 45.56
N ILE E 231 5.14 4.07 44.28
CA ILE E 231 6.03 3.39 43.34
C ILE E 231 7.21 4.28 42.94
N VAL E 232 6.92 5.55 42.67
CA VAL E 232 7.95 6.53 42.40
C VAL E 232 8.95 6.55 43.54
N GLU E 233 8.48 6.42 44.77
CA GLU E 233 9.37 6.44 45.92
C GLU E 233 10.31 5.22 45.88
N ASP E 234 9.75 4.03 45.78
CA ASP E 234 10.56 2.83 45.68
C ASP E 234 11.55 2.91 44.50
N ILE E 235 11.06 3.27 43.32
CA ILE E 235 11.93 3.43 42.16
C ILE E 235 13.05 4.45 42.43
N TYR E 236 12.66 5.59 43.00
CA TYR E 236 13.62 6.65 43.38
C TYR E 236 14.76 6.17 44.28
N LYS E 237 14.46 5.38 45.31
CA LYS E 237 15.53 4.79 46.12
C LYS E 237 16.45 3.86 45.28
N ILE E 238 15.87 3.02 44.46
CA ILE E 238 16.66 2.20 43.56
C ILE E 238 17.61 3.03 42.69
N LEU E 239 17.15 4.18 42.19
CA LEU E 239 18.02 5.03 41.38
C LEU E 239 19.22 5.59 42.16
N LEU E 240 18.98 6.03 43.40
CA LEU E 240 20.07 6.52 44.25
C LEU E 240 21.09 5.41 44.45
N GLU E 241 20.60 4.22 44.73
CA GLU E 241 21.46 3.07 44.83
C GLU E 241 22.32 2.91 43.57
N ILE E 242 21.71 3.04 42.38
CA ILE E 242 22.48 2.83 41.14
C ILE E 242 23.48 3.96 40.87
N LYS E 243 23.10 5.17 41.28
CA LYS E 243 24.02 6.31 41.31
C LYS E 243 25.36 5.96 42.02
N LYS E 244 25.25 5.53 43.27
CA LYS E 244 26.42 5.13 44.04
C LYS E 244 27.17 3.92 43.43
N LEU E 245 26.44 2.89 43.01
CA LEU E 245 27.11 1.68 42.53
C LEU E 245 27.75 1.84 41.16
N GLY E 246 27.09 2.59 40.27
CA GLY E 246 27.58 2.76 38.92
C GLY E 246 27.32 1.54 38.07
N ARG E 247 26.29 0.78 38.45
CA ARG E 247 25.89 -0.42 37.73
C ARG E 247 24.54 -0.83 38.31
N LEU E 248 23.95 -1.90 37.79
CA LEU E 248 22.73 -2.42 38.40
C LEU E 248 23.04 -3.16 39.68
N PRO E 249 22.14 -3.06 40.66
CA PRO E 249 22.28 -3.74 41.96
C PRO E 249 22.17 -5.26 41.85
N VAL E 250 21.99 -5.77 40.64
CA VAL E 250 21.82 -7.20 40.48
C VAL E 250 22.69 -7.71 39.35
N VAL E 251 22.89 -9.03 39.31
CA VAL E 251 23.63 -9.65 38.21
C VAL E 251 23.04 -9.24 36.85
N ASN E 252 23.89 -8.99 35.86
CA ASN E 252 23.47 -8.39 34.60
C ASN E 252 24.11 -9.06 33.36
N PHE E 253 23.30 -9.83 32.62
CA PHE E 253 23.78 -10.64 31.48
C PHE E 253 23.33 -10.07 30.15
N ALA E 254 24.14 -10.24 29.11
CA ALA E 254 23.68 -9.95 27.75
C ALA E 254 22.95 -11.16 27.22
N ALA E 255 22.01 -10.91 26.32
CA ALA E 255 21.23 -11.95 25.68
C ALA E 255 20.60 -11.37 24.41
N GLY E 256 20.46 -12.21 23.37
CA GLY E 256 19.91 -11.77 22.11
C GLY E 256 20.97 -11.59 21.03
N GLY E 257 21.05 -12.55 20.12
CA GLY E 257 21.93 -12.41 18.98
C GLY E 257 23.38 -12.77 19.18
N VAL E 258 23.74 -13.27 20.37
CA VAL E 258 25.09 -13.81 20.57
C VAL E 258 25.30 -15.07 19.71
N ALA E 259 26.14 -14.97 18.70
CA ALA E 259 26.22 -16.02 17.68
C ALA E 259 27.62 -16.58 17.48
N THR E 260 28.60 -16.00 18.15
CA THR E 260 29.99 -16.36 17.95
C THR E 260 30.80 -16.00 19.19
N PRO E 261 31.97 -16.63 19.35
CA PRO E 261 32.81 -16.28 20.50
C PRO E 261 33.09 -14.78 20.54
N ALA E 262 33.33 -14.16 19.40
CA ALA E 262 33.61 -12.71 19.40
C ALA E 262 32.43 -11.90 19.98
N ASP E 263 31.20 -12.30 19.65
CA ASP E 263 30.03 -11.65 20.25
C ASP E 263 30.11 -11.74 21.76
N ALA E 264 30.48 -12.91 22.27
CA ALA E 264 30.51 -13.11 23.72
C ALA E 264 31.58 -12.23 24.33
N ALA E 265 32.77 -12.25 23.72
CA ALA E 265 33.86 -11.43 24.20
C ALA E 265 33.44 -9.97 24.27
N LEU E 266 32.75 -9.53 23.22
CA LEU E 266 32.28 -8.14 23.10
C LEU E 266 31.42 -7.72 24.28
N MET E 267 30.45 -8.54 24.63
CA MET E 267 29.54 -8.24 25.73
C MET E 267 30.30 -8.14 27.05
N MET E 268 31.18 -9.08 27.31
CA MET E 268 31.99 -8.99 28.53
C MET E 268 32.79 -7.68 28.54
N ALA E 269 33.35 -7.30 27.40
CA ALA E 269 34.19 -6.11 27.32
C ALA E 269 33.36 -4.88 27.60
N MET E 270 32.04 -5.04 27.55
CA MET E 270 31.14 -3.94 27.85
C MET E 270 30.69 -3.91 29.29
N GLY E 271 31.27 -4.79 30.10
CA GLY E 271 31.01 -4.84 31.52
C GLY E 271 29.81 -5.69 31.89
N MET E 272 29.37 -6.56 30.99
CA MET E 272 28.31 -7.50 31.33
C MET E 272 28.85 -8.61 32.24
N ASP E 273 27.94 -9.32 32.90
CA ASP E 273 28.35 -10.30 33.89
C ASP E 273 28.46 -11.68 33.28
N GLY E 274 27.63 -11.93 32.28
CA GLY E 274 27.62 -13.22 31.61
C GLY E 274 26.79 -13.14 30.34
N VAL E 275 26.46 -14.30 29.81
CA VAL E 275 25.84 -14.35 28.50
C VAL E 275 24.84 -15.49 28.41
N PHE E 276 23.62 -15.17 27.99
CA PHE E 276 22.69 -16.18 27.50
C PHE E 276 23.01 -16.44 26.04
N VAL E 277 22.89 -17.68 25.59
CA VAL E 277 23.01 -17.96 24.16
C VAL E 277 22.02 -19.05 23.80
N GLY E 278 21.20 -18.82 22.79
CA GLY E 278 20.14 -19.75 22.46
C GLY E 278 20.32 -20.39 21.09
N SER E 279 19.61 -19.81 20.12
CA SER E 279 19.71 -20.22 18.72
C SER E 279 21.17 -20.32 18.25
N GLY E 280 21.99 -19.38 18.69
CA GLY E 280 23.38 -19.28 18.25
C GLY E 280 24.19 -20.56 18.21
N ILE E 281 23.77 -21.55 18.99
CA ILE E 281 24.56 -22.76 19.18
C ILE E 281 24.00 -23.96 18.42
N PHE E 282 22.69 -24.15 18.52
CA PHE E 282 22.06 -25.36 18.01
C PHE E 282 21.41 -25.11 16.66
N LYS E 283 21.58 -23.89 16.17
CA LYS E 283 21.18 -23.54 14.81
C LYS E 283 22.43 -23.52 13.94
N SER E 284 23.60 -23.51 14.59
CA SER E 284 24.85 -23.67 13.87
C SER E 284 25.01 -25.15 13.50
N SER E 285 26.05 -25.43 12.72
CA SER E 285 26.23 -26.76 12.13
C SER E 285 26.94 -27.74 13.07
N ASN E 286 27.84 -27.22 13.90
CA ASN E 286 28.59 -28.05 14.85
C ASN E 286 28.39 -27.59 16.31
N PRO E 287 27.18 -27.82 16.85
CA PRO E 287 26.84 -27.32 18.19
C PRO E 287 27.84 -27.61 19.30
N PRO E 288 28.22 -28.87 19.53
CA PRO E 288 29.19 -29.08 20.64
C PRO E 288 30.42 -28.16 20.62
N LYS E 289 30.95 -27.86 19.44
CA LYS E 289 32.15 -27.04 19.33
C LYS E 289 31.90 -25.55 19.51
N MET E 290 30.79 -25.08 18.96
CA MET E 290 30.39 -23.68 19.13
C MET E 290 30.25 -23.41 20.63
N ALA E 291 29.55 -24.32 21.31
CA ALA E 291 29.24 -24.19 22.73
C ALA E 291 30.46 -24.04 23.63
N ARG E 292 31.51 -24.82 23.41
CA ARG E 292 32.68 -24.68 24.25
C ARG E 292 33.45 -23.39 23.93
N ALA E 293 33.51 -23.07 22.64
CA ALA E 293 34.23 -21.88 22.22
C ALA E 293 33.66 -20.64 22.89
N ILE E 294 32.32 -20.52 22.90
CA ILE E 294 31.65 -19.39 23.58
C ILE E 294 31.95 -19.36 25.08
N VAL E 295 31.73 -20.49 25.75
CA VAL E 295 32.15 -20.64 27.14
C VAL E 295 33.61 -20.16 27.37
N GLU E 296 34.54 -20.58 26.50
CA GLU E 296 35.93 -20.19 26.72
C GLU E 296 36.19 -18.73 26.37
N ALA E 297 35.39 -18.22 25.42
CA ALA E 297 35.38 -16.82 25.06
C ALA E 297 35.01 -15.94 26.28
N VAL E 298 33.97 -16.32 26.98
CA VAL E 298 33.59 -15.55 28.15
C VAL E 298 34.72 -15.55 29.20
N ASN E 299 35.37 -16.70 29.39
CA ASN E 299 36.45 -16.82 30.36
C ASN E 299 37.70 -16.04 29.97
N HIS E 300 37.99 -15.96 28.67
CA HIS E 300 39.19 -15.25 28.24
C HIS E 300 38.93 -14.03 27.36
N TRP E 301 37.86 -13.32 27.66
CA TRP E 301 37.41 -12.23 26.80
C TRP E 301 38.39 -11.07 26.66
N ASP E 302 39.26 -10.89 27.63
CA ASP E 302 40.27 -9.84 27.55
C ASP E 302 41.62 -10.36 27.02
N GLU E 303 41.60 -11.50 26.33
CA GLU E 303 42.84 -12.10 25.80
C GLU E 303 42.69 -12.48 24.32
N PRO E 304 42.91 -11.50 23.42
CA PRO E 304 42.62 -11.68 21.99
C PRO E 304 43.33 -12.87 21.36
N ASP E 305 44.54 -13.17 21.81
CA ASP E 305 45.26 -14.29 21.23
C ASP E 305 44.54 -15.61 21.49
N VAL E 306 43.94 -15.72 22.65
CA VAL E 306 43.15 -16.89 22.99
C VAL E 306 41.84 -16.89 22.21
N LEU E 307 41.19 -15.72 22.09
CA LEU E 307 39.95 -15.61 21.31
C LEU E 307 40.15 -16.04 19.86
N ALA E 308 41.33 -15.75 19.32
CA ALA E 308 41.63 -16.15 17.95
C ALA E 308 41.76 -17.67 17.81
N GLU E 309 42.51 -18.30 18.70
CA GLU E 309 42.64 -19.74 18.62
C GLU E 309 41.26 -20.37 18.90
N ILE E 310 40.58 -19.84 19.90
CA ILE E 310 39.24 -20.29 20.23
C ILE E 310 38.28 -20.22 19.03
N SER E 311 38.52 -19.27 18.13
CA SER E 311 37.65 -19.10 16.97
C SER E 311 37.98 -20.00 15.77
N ARG E 312 39.16 -20.61 15.78
CA ARG E 312 39.54 -21.52 14.69
C ARG E 312 38.63 -22.74 14.57
N GLU E 313 38.13 -22.97 13.37
CA GLU E 313 37.30 -24.14 13.02
C GLU E 313 36.23 -24.50 14.05
N ILE E 314 35.16 -23.72 14.09
CA ILE E 314 34.09 -24.01 15.03
C ILE E 314 32.77 -24.33 14.33
N GLY E 315 32.77 -24.27 13.00
CA GLY E 315 31.58 -24.56 12.23
C GLY E 315 30.92 -23.31 11.67
N GLU E 316 29.86 -23.49 10.89
CA GLU E 316 29.14 -22.35 10.34
C GLU E 316 28.12 -21.82 11.34
N PRO E 317 28.27 -20.55 11.74
CA PRO E 317 27.32 -19.83 12.60
C PRO E 317 25.92 -19.94 12.03
N MET E 318 24.92 -19.48 12.79
CA MET E 318 23.55 -19.42 12.28
C MET E 318 23.40 -18.29 11.24
N ARG E 319 22.39 -18.41 10.38
CA ARG E 319 22.24 -17.50 9.24
C ARG E 319 22.51 -15.99 9.51
N GLY E 320 21.59 -15.22 10.08
CA GLY E 320 20.23 -15.63 10.37
C GLY E 320 19.24 -14.69 9.68
N GLN E 321 18.80 -13.65 10.41
CA GLN E 321 17.61 -12.88 10.02
C GLN E 321 17.76 -11.36 9.95
N ALA E 322 16.82 -10.73 9.23
CA ALA E 322 16.73 -9.27 9.07
C ALA E 322 18.08 -8.56 9.16
N ASP F 2 49.90 16.83 26.87
CA ASP F 2 50.96 17.57 27.54
C ASP F 2 52.27 17.55 26.74
N LYS F 3 53.41 17.58 27.43
CA LYS F 3 54.71 17.63 26.77
C LYS F 3 54.97 16.46 25.81
N LEU F 4 55.38 15.31 26.35
CA LEU F 4 55.61 14.12 25.54
C LEU F 4 54.30 13.56 24.96
N LYS F 5 53.17 14.04 25.47
CA LYS F 5 51.85 13.59 25.06
C LYS F 5 51.47 13.98 23.63
N ILE F 6 51.73 15.24 23.27
CA ILE F 6 51.40 15.74 21.93
C ILE F 6 52.17 15.00 20.82
N ILE F 7 53.39 14.58 21.13
CA ILE F 7 54.24 13.89 20.15
C ILE F 7 53.85 12.43 19.94
N MET F 8 53.35 11.78 21.01
CA MET F 8 53.01 10.36 21.00
C MET F 8 52.10 9.90 19.89
N GLU F 9 50.90 10.48 19.78
CA GLU F 9 49.95 10.06 18.75
C GLU F 9 50.20 10.76 17.42
N LYS F 10 50.86 11.92 17.47
CA LYS F 10 51.32 12.55 16.23
C LYS F 10 52.24 11.55 15.54
N GLY F 11 53.11 10.94 16.33
CA GLY F 11 54.07 9.96 15.83
C GLY F 11 53.47 8.57 15.72
N THR F 12 52.49 8.28 16.57
CA THR F 12 51.74 7.03 16.49
C THR F 12 50.93 6.97 15.20
N GLU F 13 50.30 8.09 14.85
CA GLU F 13 49.46 8.17 13.65
C GLU F 13 50.27 8.28 12.36
N ARG F 14 51.32 9.12 12.38
CA ARG F 14 52.20 9.19 11.23
C ARG F 14 52.61 7.77 10.86
N LEU F 15 52.72 6.93 11.89
CA LEU F 15 53.23 5.59 11.73
C LEU F 15 52.22 4.64 11.10
N LYS F 16 50.95 4.81 11.50
CA LYS F 16 49.85 4.01 10.95
C LYS F 16 49.51 4.46 9.53
N ARG F 17 49.28 5.77 9.35
CA ARG F 17 49.05 6.36 8.03
C ARG F 17 50.18 5.98 7.09
N GLY F 18 51.38 5.89 7.65
CA GLY F 18 52.55 5.46 6.92
C GLY F 18 52.35 4.12 6.22
N PHE F 19 51.67 3.19 6.87
CA PHE F 19 51.44 1.89 6.24
C PHE F 19 50.60 2.03 4.98
N ALA F 20 49.59 2.89 5.06
CA ALA F 20 48.70 3.09 3.94
C ALA F 20 49.47 3.56 2.71
N LYS F 21 50.34 4.57 2.90
CA LYS F 21 51.12 5.13 1.80
C LYS F 21 51.73 3.98 0.99
N MET F 22 51.83 2.82 1.62
CA MET F 22 52.46 1.66 1.02
C MET F 22 51.58 0.88 0.05
N VAL F 23 50.36 1.35 -0.20
CA VAL F 23 49.53 0.73 -1.25
C VAL F 23 48.91 1.74 -2.20
N LYS F 24 49.05 3.02 -1.87
CA LYS F 24 48.54 4.07 -2.73
C LYS F 24 49.07 3.93 -4.15
N GLY F 25 48.16 3.83 -5.13
CA GLY F 25 48.53 3.81 -6.52
C GLY F 25 48.16 2.52 -7.23
N GLY F 26 47.63 1.55 -6.50
CA GLY F 26 47.24 0.28 -7.10
C GLY F 26 45.86 -0.20 -6.69
N VAL F 27 45.54 -1.43 -7.10
CA VAL F 27 44.25 -2.03 -6.82
C VAL F 27 44.29 -3.01 -5.62
N ILE F 28 43.23 -3.05 -4.81
CA ILE F 28 43.06 -4.04 -3.76
C ILE F 28 41.86 -4.93 -4.07
N MET F 29 42.07 -6.23 -4.24
CA MET F 29 40.99 -7.13 -4.66
C MET F 29 40.35 -7.95 -3.53
N ASP F 30 39.08 -8.32 -3.73
CA ASP F 30 38.36 -9.12 -2.74
C ASP F 30 38.42 -10.59 -3.13
N VAL F 31 38.93 -11.41 -2.22
CA VAL F 31 39.18 -12.83 -2.47
C VAL F 31 38.47 -13.72 -1.47
N THR F 32 37.72 -14.71 -1.96
CA THR F 32 36.98 -15.59 -1.07
C THR F 32 37.71 -16.91 -0.74
N ASN F 33 38.91 -17.09 -1.27
CA ASN F 33 39.68 -18.31 -1.04
C ASN F 33 41.17 -18.08 -1.33
N ALA F 34 41.95 -19.16 -1.43
CA ALA F 34 43.37 -19.00 -1.70
C ALA F 34 43.63 -19.07 -3.19
N GLU F 35 42.74 -19.77 -3.88
CA GLU F 35 42.88 -19.92 -5.31
C GLU F 35 42.58 -18.56 -6.00
N GLN F 36 41.76 -17.73 -5.35
CA GLN F 36 41.46 -16.39 -5.83
C GLN F 36 42.51 -15.39 -5.36
N ALA F 37 42.99 -15.55 -4.14
CA ALA F 37 44.08 -14.70 -3.67
C ALA F 37 45.32 -14.90 -4.55
N ARG F 38 45.43 -16.08 -5.15
CA ARG F 38 46.59 -16.42 -5.99
C ARG F 38 46.48 -15.71 -7.34
N ILE F 39 45.32 -15.92 -7.97
CA ILE F 39 44.95 -15.23 -9.19
C ILE F 39 45.12 -13.71 -9.11
N ALA F 40 44.81 -13.14 -7.94
CA ALA F 40 44.83 -11.70 -7.70
C ALA F 40 46.25 -11.13 -7.67
N GLU F 41 47.16 -11.85 -7.03
CA GLU F 41 48.56 -11.43 -6.92
C GLU F 41 49.22 -11.47 -8.32
N GLU F 42 48.69 -12.31 -9.18
CA GLU F 42 49.20 -12.45 -10.54
C GLU F 42 48.71 -11.34 -11.45
N ALA F 43 47.95 -10.42 -10.90
CA ALA F 43 47.46 -9.30 -11.70
C ALA F 43 48.07 -7.99 -11.25
N GLY F 44 48.73 -7.99 -10.10
CA GLY F 44 49.46 -6.83 -9.65
C GLY F 44 48.89 -6.22 -8.40
N ALA F 45 47.80 -6.81 -7.90
CA ALA F 45 47.05 -6.25 -6.78
C ALA F 45 48.01 -5.86 -5.70
N VAL F 46 47.93 -4.63 -5.21
CA VAL F 46 48.87 -4.18 -4.20
C VAL F 46 48.53 -4.76 -2.84
N ALA F 47 47.37 -5.40 -2.75
CA ALA F 47 46.89 -6.00 -1.52
C ALA F 47 45.63 -6.78 -1.81
N VAL F 48 45.14 -7.53 -0.82
CA VAL F 48 43.89 -8.26 -0.99
C VAL F 48 43.04 -8.17 0.26
N MET F 49 41.74 -8.38 0.09
CA MET F 49 40.80 -8.36 1.20
C MET F 49 40.20 -9.74 1.29
N ALA F 50 40.36 -10.35 2.46
CA ALA F 50 39.92 -11.72 2.67
C ALA F 50 38.41 -11.85 2.96
N LEU F 51 37.76 -12.78 2.28
CA LEU F 51 36.33 -12.95 2.41
C LEU F 51 35.94 -14.44 2.46
N HIS F 52 35.04 -14.80 3.36
CA HIS F 52 34.46 -16.13 3.33
C HIS F 52 33.35 -16.12 2.31
N LYS F 53 32.24 -15.48 2.68
CA LYS F 53 31.13 -15.26 1.77
C LYS F 53 31.06 -13.77 1.45
N VAL F 54 30.28 -13.44 0.43
CA VAL F 54 30.16 -12.07 0.00
C VAL F 54 29.09 -11.37 0.83
N PRO F 55 29.51 -10.41 1.66
CA PRO F 55 28.59 -9.63 2.49
C PRO F 55 27.33 -9.23 1.71
N ALA F 56 27.57 -8.60 0.56
CA ALA F 56 26.49 -8.22 -0.35
C ALA F 56 25.49 -9.37 -0.55
N ASP F 57 26.00 -10.58 -0.66
CA ASP F 57 25.15 -11.73 -0.97
C ASP F 57 24.40 -12.24 0.25
N ILE F 58 25.06 -12.19 1.41
CA ILE F 58 24.39 -12.47 2.68
C ILE F 58 23.30 -11.43 2.93
N ARG F 59 23.62 -10.17 2.66
CA ARG F 59 22.64 -9.10 2.85
C ARG F 59 21.43 -9.28 1.92
N LYS F 60 21.67 -9.53 0.63
CA LYS F 60 20.58 -9.81 -0.30
C LYS F 60 19.77 -11.03 0.18
N ALA F 61 20.43 -11.91 0.93
CA ALA F 61 19.81 -13.12 1.46
C ALA F 61 18.94 -12.88 2.71
N GLY F 62 19.07 -11.70 3.31
CA GLY F 62 18.32 -11.35 4.51
C GLY F 62 19.06 -11.75 5.79
N GLY F 63 20.35 -12.05 5.65
CA GLY F 63 21.16 -12.57 6.73
C GLY F 63 22.11 -11.58 7.38
N VAL F 64 22.84 -12.07 8.38
CA VAL F 64 23.79 -11.28 9.15
C VAL F 64 25.19 -11.54 8.64
N ALA F 65 25.92 -10.48 8.30
CA ALA F 65 27.27 -10.66 7.78
C ALA F 65 28.36 -10.24 8.79
N ARG F 66 29.13 -11.23 9.24
CA ARG F 66 30.10 -11.02 10.31
C ARG F 66 31.50 -11.08 9.73
N MET F 67 32.50 -10.90 10.58
CA MET F 67 33.89 -11.11 10.18
C MET F 67 34.07 -12.55 9.69
N ALA F 68 35.05 -12.79 8.83
CA ALA F 68 35.21 -14.10 8.20
C ALA F 68 35.78 -15.10 9.21
N PRO F 69 35.59 -16.41 8.96
CA PRO F 69 36.21 -17.51 9.72
C PRO F 69 37.72 -17.37 9.76
N VAL F 70 38.31 -17.27 10.95
CA VAL F 70 39.75 -17.21 11.08
C VAL F 70 40.49 -18.20 10.15
N GLU F 71 40.00 -19.44 10.08
CA GLU F 71 40.62 -20.43 9.20
C GLU F 71 40.60 -19.96 7.72
N LYS F 72 39.53 -19.29 7.32
CA LYS F 72 39.42 -18.79 5.95
C LYS F 72 40.34 -17.61 5.73
N ILE F 73 40.54 -16.82 6.77
CA ILE F 73 41.48 -15.72 6.72
C ILE F 73 42.89 -16.26 6.66
N GLN F 74 43.15 -17.36 7.37
CA GLN F 74 44.48 -17.98 7.38
C GLN F 74 44.89 -18.46 5.99
N GLU F 75 44.06 -19.35 5.44
CA GLU F 75 44.24 -19.89 4.11
C GLU F 75 44.47 -18.80 3.07
N ILE F 76 44.22 -17.55 3.43
CA ILE F 76 44.49 -16.45 2.53
C ILE F 76 45.86 -15.83 2.82
N MET F 77 46.14 -15.51 4.08
CA MET F 77 47.44 -14.92 4.42
C MET F 77 48.57 -15.93 4.18
N ASP F 78 48.18 -17.17 3.95
CA ASP F 78 49.14 -18.23 3.68
C ASP F 78 48.99 -18.64 2.22
N ALA F 79 48.78 -17.65 1.36
CA ALA F 79 48.66 -17.89 -0.08
C ALA F 79 49.37 -16.81 -0.89
N VAL F 80 49.65 -15.67 -0.26
CA VAL F 80 50.26 -14.55 -0.97
C VAL F 80 51.28 -13.82 -0.10
N THR F 81 52.10 -13.00 -0.75
CA THR F 81 53.15 -12.22 -0.09
C THR F 81 52.67 -10.80 0.22
N ILE F 82 51.78 -10.28 -0.64
CA ILE F 82 51.24 -8.93 -0.51
C ILE F 82 50.34 -8.80 0.71
N PRO F 83 50.22 -7.58 1.27
CA PRO F 83 49.43 -7.35 2.48
C PRO F 83 48.01 -7.93 2.40
N VAL F 84 47.48 -8.30 3.56
CA VAL F 84 46.14 -8.87 3.63
C VAL F 84 45.31 -8.08 4.61
N MET F 85 44.07 -7.78 4.19
CA MET F 85 43.13 -7.02 4.97
C MET F 85 41.86 -7.82 5.21
N ALA F 86 41.14 -7.47 6.28
CA ALA F 86 39.92 -8.17 6.61
C ALA F 86 38.88 -7.21 7.15
N LYS F 87 37.61 -7.55 6.93
CA LYS F 87 36.49 -6.71 7.34
C LYS F 87 36.00 -7.11 8.75
N CYS F 88 35.68 -6.12 9.58
CA CYS F 88 34.92 -6.39 10.80
C CYS F 88 33.64 -5.56 10.80
N ARG F 89 32.62 -6.07 11.50
CA ARG F 89 31.38 -5.32 11.66
C ARG F 89 31.60 -4.00 12.40
N ILE F 90 30.91 -2.94 11.98
CA ILE F 90 31.06 -1.65 12.66
C ILE F 90 30.89 -1.73 14.20
N GLY F 91 31.82 -1.14 14.92
CA GLY F 91 31.74 -1.11 16.37
C GLY F 91 32.22 -2.36 17.10
N HIS F 92 32.43 -3.46 16.35
CA HIS F 92 32.74 -4.76 16.95
C HIS F 92 34.20 -4.88 17.43
N GLU F 93 34.52 -4.22 18.53
CA GLU F 93 35.87 -4.17 19.06
C GLU F 93 36.53 -5.55 19.19
N ALA F 94 35.75 -6.55 19.63
CA ALA F 94 36.27 -7.91 19.78
C ALA F 94 36.62 -8.57 18.46
N GLU F 95 35.83 -8.35 17.41
CA GLU F 95 36.17 -8.87 16.09
C GLU F 95 37.48 -8.23 15.58
N ALA F 96 37.66 -6.93 15.81
CA ALA F 96 38.87 -6.27 15.35
C ALA F 96 40.12 -6.79 16.10
N ARG F 97 40.04 -6.92 17.42
CA ARG F 97 41.13 -7.53 18.20
C ARG F 97 41.54 -8.93 17.69
N ILE F 98 40.58 -9.80 17.48
CA ILE F 98 40.83 -11.12 16.92
C ILE F 98 41.58 -11.04 15.58
N LEU F 99 41.41 -9.95 14.84
CA LEU F 99 42.05 -9.84 13.53
C LEU F 99 43.45 -9.27 13.68
N GLU F 100 43.57 -8.30 14.59
CA GLU F 100 44.84 -7.71 14.89
C GLU F 100 45.74 -8.82 15.46
N ALA F 101 45.27 -9.48 16.52
CA ALA F 101 46.00 -10.59 17.10
C ALA F 101 46.33 -11.66 16.04
N LEU F 102 45.45 -11.82 15.07
CA LEU F 102 45.63 -12.84 14.07
C LEU F 102 46.67 -12.39 13.05
N GLY F 103 47.16 -11.17 13.20
CA GLY F 103 48.26 -10.67 12.39
C GLY F 103 47.94 -9.72 11.25
N VAL F 104 46.77 -9.90 10.63
CA VAL F 104 46.37 -9.19 9.41
C VAL F 104 46.85 -7.74 9.36
N ASP F 105 47.13 -7.27 8.15
CA ASP F 105 47.86 -6.02 7.95
C ASP F 105 47.04 -4.75 8.22
N MET F 106 45.73 -4.86 8.01
CA MET F 106 44.83 -3.74 8.22
C MET F 106 43.40 -4.23 8.23
N ILE F 107 42.64 -3.70 9.19
CA ILE F 107 41.24 -4.04 9.34
C ILE F 107 40.33 -3.03 8.60
N ASP F 108 39.39 -3.54 7.82
CA ASP F 108 38.34 -2.70 7.27
C ASP F 108 37.13 -2.72 8.17
N GLU F 109 36.92 -1.66 8.96
CA GLU F 109 35.64 -1.45 9.67
C GLU F 109 34.54 -1.06 8.68
N SER F 110 33.78 -2.04 8.21
CA SER F 110 33.01 -1.88 6.97
C SER F 110 31.49 -1.95 7.14
N GLU F 111 30.79 -1.11 6.40
CA GLU F 111 29.35 -1.01 6.52
C GLU F 111 28.63 -2.02 5.66
N VAL F 112 29.39 -2.76 4.85
CA VAL F 112 28.83 -3.87 4.10
C VAL F 112 28.51 -5.03 5.03
N LEU F 113 29.30 -5.16 6.09
CA LEU F 113 29.00 -6.12 7.15
C LEU F 113 27.85 -5.60 8.00
N THR F 114 27.08 -6.51 8.60
CA THR F 114 25.98 -6.08 9.47
C THR F 114 26.56 -5.32 10.66
N PRO F 115 26.11 -4.08 10.86
CA PRO F 115 26.63 -3.23 11.93
C PRO F 115 26.32 -3.81 13.31
N ALA F 116 27.27 -3.71 14.23
CA ALA F 116 27.10 -4.31 15.56
C ALA F 116 26.85 -3.29 16.67
N ASP F 117 26.99 -2.01 16.35
CA ASP F 117 26.75 -0.94 17.31
C ASP F 117 25.90 0.15 16.67
N PRO F 118 24.76 0.47 17.28
CA PRO F 118 23.89 1.47 16.64
C PRO F 118 24.39 2.90 16.83
N PHE F 119 25.33 3.10 17.74
CA PHE F 119 25.74 4.45 18.14
C PHE F 119 27.16 4.82 17.73
N PHE F 120 28.11 3.98 18.12
CA PHE F 120 29.51 4.34 17.99
C PHE F 120 30.25 3.39 17.10
N HIS F 121 31.26 3.93 16.43
CA HIS F 121 32.27 3.14 15.76
C HIS F 121 33.40 2.75 16.74
N ILE F 122 34.24 1.81 16.33
CA ILE F 122 35.39 1.45 17.13
C ILE F 122 36.30 2.65 17.28
N TYR F 123 36.74 2.91 18.51
CA TYR F 123 37.78 3.89 18.74
C TYR F 123 39.07 3.22 18.29
N LYS F 124 39.57 3.61 17.13
CA LYS F 124 40.61 2.85 16.46
C LYS F 124 42.00 3.25 16.98
N LYS F 125 42.07 4.37 17.68
CA LYS F 125 43.34 4.88 18.15
C LYS F 125 44.01 3.96 19.16
N LYS F 126 43.20 3.15 19.84
CA LYS F 126 43.67 2.23 20.88
C LYS F 126 44.15 0.91 20.29
N PHE F 127 44.24 0.85 18.97
CA PHE F 127 44.67 -0.37 18.29
C PHE F 127 46.05 -0.24 17.69
N THR F 128 46.62 -1.38 17.31
CA THR F 128 47.93 -1.45 16.71
C THR F 128 47.80 -1.61 15.20
N ALA F 129 46.93 -2.52 14.78
CA ALA F 129 46.60 -2.63 13.37
C ALA F 129 46.06 -1.30 12.80
N PRO F 130 46.43 -1.01 11.54
CA PRO F 130 45.87 0.17 10.87
C PRO F 130 44.46 -0.15 10.39
N PHE F 131 43.60 0.87 10.36
CA PHE F 131 42.21 0.76 9.92
C PHE F 131 41.85 1.53 8.63
N VAL F 132 41.01 0.93 7.80
CA VAL F 132 40.33 1.68 6.76
C VAL F 132 38.82 1.76 7.04
N CYS F 133 38.26 2.96 7.00
CA CYS F 133 36.83 3.17 7.16
C CYS F 133 36.25 3.80 5.93
N GLY F 134 34.95 3.58 5.68
CA GLY F 134 34.27 4.20 4.57
C GLY F 134 33.78 5.60 4.93
N ALA F 135 33.43 6.39 3.93
CA ALA F 135 32.86 7.72 4.16
C ALA F 135 31.95 8.03 2.99
N ARG F 136 30.81 8.65 3.26
CA ARG F 136 29.98 9.09 2.14
C ARG F 136 30.07 10.61 1.91
N ASN F 137 30.59 11.34 2.89
CA ASN F 137 30.88 12.75 2.72
C ASN F 137 31.99 13.21 3.65
N LEU F 138 32.37 14.48 3.57
CA LEU F 138 33.48 14.96 4.40
C LEU F 138 33.23 14.73 5.89
N GLY F 139 32.00 14.99 6.32
CA GLY F 139 31.66 14.86 7.71
C GLY F 139 31.98 13.46 8.19
N GLU F 140 31.66 12.46 7.36
CA GLU F 140 31.91 11.09 7.75
C GLU F 140 33.41 10.83 7.78
N ALA F 141 34.13 11.26 6.75
CA ALA F 141 35.58 11.03 6.70
C ALA F 141 36.30 11.68 7.88
N VAL F 142 35.97 12.93 8.17
CA VAL F 142 36.58 13.59 9.31
C VAL F 142 36.32 12.80 10.59
N ARG F 143 35.07 12.43 10.83
CA ARG F 143 34.71 11.60 11.98
C ARG F 143 35.52 10.30 12.07
N ARG F 144 35.63 9.55 10.97
CA ARG F 144 36.44 8.34 10.99
C ARG F 144 37.91 8.63 11.30
N ILE F 145 38.46 9.65 10.65
CA ILE F 145 39.86 10.02 10.89
C ILE F 145 40.08 10.40 12.35
N TRP F 146 39.19 11.20 12.92
CA TRP F 146 39.33 11.56 14.33
C TRP F 146 39.36 10.33 15.22
N GLU F 147 38.55 9.34 14.88
CA GLU F 147 38.49 8.11 15.63
C GLU F 147 39.78 7.29 15.47
N GLY F 148 40.62 7.71 14.53
CA GLY F 148 41.90 7.07 14.32
C GLY F 148 42.09 6.24 13.06
N ALA F 149 41.21 6.39 12.08
CA ALA F 149 41.36 5.61 10.86
C ALA F 149 42.65 6.00 10.13
N ALA F 150 43.31 5.01 9.54
CA ALA F 150 44.59 5.23 8.89
C ALA F 150 44.38 5.49 7.42
N MET F 151 43.21 5.14 6.94
CA MET F 151 42.92 5.20 5.52
C MET F 151 41.40 5.33 5.27
N ILE F 152 41.04 6.19 4.33
CA ILE F 152 39.63 6.44 4.05
C ILE F 152 39.28 5.97 2.65
N ARG F 153 38.12 5.33 2.51
CA ARG F 153 37.61 4.98 1.19
C ARG F 153 36.15 5.45 1.02
N THR F 154 35.68 5.51 -0.22
CA THR F 154 34.28 5.88 -0.45
C THR F 154 33.41 4.68 -0.13
N LYS F 155 32.19 4.91 0.32
CA LYS F 155 31.32 3.78 0.59
C LYS F 155 30.81 3.20 -0.72
N GLY F 156 30.41 4.09 -1.63
CA GLY F 156 29.85 3.63 -2.89
C GLY F 156 28.64 2.77 -2.60
N GLU F 157 28.26 1.95 -3.56
CA GLU F 157 27.14 1.04 -3.40
C GLU F 157 27.67 -0.37 -3.64
N ALA F 158 27.77 -1.14 -2.56
CA ALA F 158 28.35 -2.48 -2.62
C ALA F 158 27.45 -3.52 -3.32
N GLY F 159 28.08 -4.38 -4.13
CA GLY F 159 27.38 -5.45 -4.81
C GLY F 159 26.58 -5.08 -6.04
N THR F 160 26.46 -3.79 -6.35
CA THR F 160 25.66 -3.35 -7.51
C THR F 160 26.41 -3.32 -8.82
N GLY F 161 27.71 -3.08 -8.79
CA GLY F 161 28.46 -2.86 -10.00
C GLY F 161 28.08 -1.52 -10.62
N ASN F 162 27.45 -0.67 -9.83
CA ASN F 162 27.05 0.65 -10.28
C ASN F 162 27.93 1.67 -9.62
N ILE F 163 28.83 2.26 -10.40
CA ILE F 163 29.87 3.14 -9.87
C ILE F 163 29.34 4.50 -9.37
N ILE F 164 28.07 4.81 -9.69
CA ILE F 164 27.53 6.14 -9.40
C ILE F 164 27.63 6.58 -7.93
N GLU F 165 27.41 5.66 -6.98
CA GLU F 165 27.50 6.03 -5.56
C GLU F 165 28.91 6.44 -5.18
N ALA F 166 29.89 5.69 -5.67
CA ALA F 166 31.29 6.09 -5.54
C ALA F 166 31.49 7.52 -6.03
N VAL F 167 31.05 7.81 -7.26
CA VAL F 167 31.24 9.15 -7.82
C VAL F 167 30.64 10.19 -6.89
N ARG F 168 29.40 9.95 -6.46
CA ARG F 168 28.75 10.90 -5.55
C ARG F 168 29.58 11.19 -4.31
N HIS F 169 30.10 10.14 -3.70
CA HIS F 169 30.83 10.32 -2.46
C HIS F 169 32.15 11.07 -2.67
N VAL F 170 32.81 10.86 -3.81
CA VAL F 170 34.03 11.61 -4.10
C VAL F 170 33.75 13.10 -4.31
N ARG F 171 32.70 13.40 -5.08
CA ARG F 171 32.32 14.78 -5.33
C ARG F 171 31.85 15.49 -4.07
N LEU F 172 31.14 14.78 -3.19
CA LEU F 172 30.71 15.38 -1.93
C LEU F 172 31.91 15.71 -1.09
N VAL F 173 32.91 14.82 -1.10
CA VAL F 173 34.09 15.05 -0.27
C VAL F 173 34.93 16.15 -0.87
N ASN F 174 35.23 16.02 -2.16
CA ASN F 174 36.06 17.01 -2.85
C ASN F 174 35.48 18.42 -2.81
N GLU F 175 34.19 18.57 -3.08
CA GLU F 175 33.56 19.89 -3.04
C GLU F 175 33.55 20.48 -1.63
N ASN F 176 33.29 19.64 -0.63
CA ASN F 176 33.30 20.07 0.78
C ASN F 176 34.69 20.60 1.18
N ILE F 177 35.73 19.97 0.65
CA ILE F 177 37.10 20.45 0.88
C ILE F 177 37.35 21.83 0.23
N ARG F 178 37.00 21.98 -1.04
CA ARG F 178 37.12 23.29 -1.69
C ARG F 178 36.34 24.38 -0.95
N LEU F 179 35.18 24.02 -0.41
CA LEU F 179 34.42 24.99 0.37
C LEU F 179 35.20 25.42 1.60
N ILE F 180 35.91 24.47 2.19
CA ILE F 180 36.70 24.70 3.41
C ILE F 180 37.82 25.66 3.07
N GLN F 181 38.53 25.39 1.98
CA GLN F 181 39.62 26.25 1.55
C GLN F 181 39.17 27.70 1.33
N ARG F 182 37.87 27.92 1.26
CA ARG F 182 37.37 29.26 1.02
C ARG F 182 36.77 29.90 2.27
N MET F 183 37.02 29.32 3.44
CA MET F 183 36.34 29.80 4.66
C MET F 183 37.27 30.43 5.68
N THR F 184 36.73 31.33 6.49
CA THR F 184 37.47 31.85 7.64
C THR F 184 37.42 30.83 8.76
N ASP F 185 38.41 30.89 9.64
CA ASP F 185 38.46 30.01 10.80
C ASP F 185 37.20 30.09 11.66
N GLU F 186 36.61 31.28 11.85
CA GLU F 186 35.38 31.33 12.64
C GLU F 186 34.41 30.38 11.99
N GLU F 187 34.38 30.42 10.66
CA GLU F 187 33.39 29.69 9.88
C GLU F 187 33.59 28.17 9.89
N ILE F 188 34.85 27.74 9.77
CA ILE F 188 35.19 26.32 9.81
C ILE F 188 34.81 25.71 11.16
N TYR F 189 34.89 26.52 12.22
CA TYR F 189 34.56 26.04 13.55
C TYR F 189 33.08 25.61 13.56
N GLY F 190 32.27 26.34 12.78
CA GLY F 190 30.87 26.02 12.64
C GLY F 190 30.67 24.68 11.98
N VAL F 191 31.43 24.42 10.93
CA VAL F 191 31.35 23.14 10.26
C VAL F 191 31.75 22.04 11.24
N ALA F 192 32.74 22.35 12.07
CA ALA F 192 33.18 21.45 13.13
C ALA F 192 32.02 21.14 14.07
N GLU F 193 31.33 22.16 14.53
CA GLU F 193 30.20 21.92 15.40
C GLU F 193 29.25 20.95 14.70
N LYS F 194 28.91 21.25 13.45
CA LYS F 194 28.05 20.38 12.67
C LYS F 194 28.56 18.95 12.64
N PHE F 195 29.82 18.79 12.28
CA PHE F 195 30.40 17.46 12.08
C PHE F 195 30.46 16.54 13.31
N ALA F 196 30.32 17.12 14.50
CA ALA F 196 30.43 16.36 15.75
C ALA F 196 29.09 15.95 16.34
N GLU F 197 28.01 16.43 15.75
CA GLU F 197 26.65 16.18 16.25
C GLU F 197 26.26 14.71 16.33
N PRO F 198 26.62 13.90 15.32
CA PRO F 198 26.27 12.48 15.38
C PRO F 198 26.71 11.76 16.66
N TYR F 199 27.67 12.32 17.40
CA TYR F 199 28.17 11.69 18.60
C TYR F 199 27.16 11.83 19.73
N LEU F 200 26.21 12.73 19.53
CA LEU F 200 25.23 13.05 20.53
C LEU F 200 24.05 12.09 20.51
N ARG F 201 24.05 11.14 19.58
CA ARG F 201 22.83 10.36 19.40
C ARG F 201 22.44 9.57 20.66
N LEU F 202 23.39 8.84 21.26
CA LEU F 202 23.11 8.02 22.45
C LEU F 202 22.67 8.85 23.67
N ALA F 203 23.39 9.94 23.94
CA ALA F 203 23.00 10.90 24.97
C ALA F 203 21.57 11.44 24.77
N PHE F 204 21.23 11.79 23.54
CA PHE F 204 19.87 12.28 23.23
C PHE F 204 18.79 11.21 23.40
N SER F 205 19.07 9.97 23.03
CA SER F 205 18.10 8.89 23.23
C SER F 205 17.88 8.64 24.70
N VAL F 206 18.95 8.66 25.48
CA VAL F 206 18.82 8.49 26.92
C VAL F 206 18.03 9.63 27.58
N LYS F 207 18.37 10.88 27.27
CA LYS F 207 17.58 12.02 27.78
C LYS F 207 16.12 11.84 27.50
N GLU F 208 15.79 11.34 26.30
CA GLU F 208 14.38 11.12 25.96
C GLU F 208 13.71 10.05 26.85
N ILE F 209 14.39 8.91 27.04
CA ILE F 209 13.92 7.83 27.90
C ILE F 209 13.73 8.31 29.33
N SER F 210 14.55 9.27 29.76
CA SER F 210 14.52 9.77 31.15
C SER F 210 13.61 10.97 31.40
N GLY F 211 12.76 11.32 30.44
CA GLY F 211 11.83 12.42 30.60
C GLY F 211 12.47 13.80 30.46
N LEU F 212 13.67 13.86 29.91
CA LEU F 212 14.42 15.11 29.80
C LEU F 212 14.43 15.74 28.39
N PRO F 213 14.75 17.03 28.32
CA PRO F 213 14.94 17.76 27.06
C PRO F 213 16.21 17.33 26.32
N LYS F 214 16.12 17.15 25.00
CA LYS F 214 17.27 16.74 24.22
C LYS F 214 18.22 17.90 23.95
N ARG F 215 19.19 18.09 24.84
CA ARG F 215 20.17 19.18 24.70
C ARG F 215 21.56 18.83 25.21
N VAL F 216 22.54 19.62 24.77
CA VAL F 216 23.93 19.41 25.11
C VAL F 216 24.32 20.12 26.40
N LEU F 217 25.12 19.44 27.22
CA LEU F 217 25.68 20.07 28.42
C LEU F 217 27.21 20.13 28.37
N GLU F 218 27.79 21.10 29.07
CA GLU F 218 29.19 21.43 28.88
C GLU F 218 30.21 20.35 29.25
N ASN F 219 29.85 19.53 30.24
CA ASN F 219 30.77 18.52 30.76
C ASN F 219 30.28 17.08 30.63
N GLU F 220 29.37 16.84 29.70
CA GLU F 220 28.92 15.47 29.47
C GLU F 220 29.89 14.69 28.58
N PRO F 221 30.71 13.83 29.19
CA PRO F 221 31.51 12.92 28.37
C PRO F 221 30.57 12.08 27.53
N ILE F 222 30.91 11.89 26.26
CA ILE F 222 29.96 11.46 25.25
C ILE F 222 30.45 10.21 24.55
N TYR F 223 31.75 10.13 24.32
CA TYR F 223 32.33 9.01 23.60
C TYR F 223 33.78 8.87 23.99
N GLU F 224 34.16 7.65 24.38
CA GLU F 224 35.52 7.35 24.78
C GLU F 224 36.14 8.48 25.61
N GLY F 225 35.33 9.14 26.45
CA GLY F 225 35.84 10.16 27.36
C GLY F 225 35.59 11.63 27.02
N PHE F 226 35.47 11.94 25.74
CA PHE F 226 35.40 13.32 25.27
C PHE F 226 34.03 13.93 25.39
N THR F 227 33.96 15.22 25.66
CA THR F 227 32.69 15.96 25.58
C THR F 227 32.41 16.35 24.13
N TYR F 228 31.22 16.89 23.91
CA TYR F 228 30.90 17.41 22.59
C TYR F 228 31.95 18.45 22.19
N ARG F 229 32.16 19.42 23.09
CA ARG F 229 33.12 20.48 22.85
C ARG F 229 34.52 19.98 22.50
N GLU F 230 34.95 18.92 23.18
CA GLU F 230 36.31 18.42 23.00
C GLU F 230 36.42 17.76 21.65
N ILE F 231 35.33 17.15 21.19
CA ILE F 231 35.30 16.64 19.83
C ILE F 231 35.31 17.77 18.80
N VAL F 232 34.44 18.76 18.99
CA VAL F 232 34.45 19.92 18.11
C VAL F 232 35.89 20.40 17.85
N GLU F 233 36.66 20.67 18.91
CA GLU F 233 38.03 21.23 18.77
C GLU F 233 38.97 20.33 17.99
N ASP F 234 38.96 19.03 18.28
CA ASP F 234 39.83 18.13 17.55
C ASP F 234 39.43 18.10 16.09
N ILE F 235 38.17 17.84 15.80
CA ILE F 235 37.70 17.81 14.42
C ILE F 235 38.09 19.12 13.74
N TYR F 236 37.82 20.23 14.43
CA TYR F 236 38.21 21.54 13.95
C TYR F 236 39.69 21.61 13.54
N LYS F 237 40.57 21.08 14.39
CA LYS F 237 41.99 20.99 14.03
C LYS F 237 42.20 20.11 12.82
N ILE F 238 41.40 19.05 12.67
CA ILE F 238 41.57 18.15 11.51
C ILE F 238 41.07 18.84 10.26
N LEU F 239 40.16 19.79 10.45
CA LEU F 239 39.67 20.59 9.35
C LEU F 239 40.76 21.54 8.83
N LEU F 240 41.30 22.38 9.72
CA LEU F 240 42.40 23.28 9.37
C LEU F 240 43.53 22.55 8.65
N GLU F 241 43.89 21.38 9.14
CA GLU F 241 44.90 20.58 8.47
C GLU F 241 44.46 20.31 7.02
N ILE F 242 43.18 20.00 6.84
CA ILE F 242 42.65 19.69 5.51
C ILE F 242 42.67 20.89 4.59
N LYS F 243 42.35 22.05 5.15
CA LYS F 243 42.48 23.31 4.43
C LYS F 243 43.88 23.48 3.84
N LYS F 244 44.92 23.29 4.65
CA LYS F 244 46.31 23.42 4.19
C LYS F 244 46.72 22.47 3.05
N LEU F 245 46.16 21.28 3.01
CA LEU F 245 46.54 20.30 1.99
C LEU F 245 45.60 20.24 0.79
N GLY F 246 44.35 20.66 0.97
CA GLY F 246 43.37 20.54 -0.09
C GLY F 246 43.08 19.09 -0.44
N ARG F 247 43.09 18.23 0.58
CA ARG F 247 42.80 16.82 0.40
C ARG F 247 42.77 16.22 1.79
N LEU F 248 42.57 14.91 1.88
CA LEU F 248 42.55 14.25 3.19
C LEU F 248 43.95 13.91 3.68
N PRO F 249 44.18 14.06 4.99
CA PRO F 249 45.48 13.81 5.62
C PRO F 249 45.81 12.34 5.63
N VAL F 250 45.06 11.54 4.89
CA VAL F 250 45.31 10.11 4.84
C VAL F 250 45.04 9.64 3.44
N VAL F 251 45.53 8.46 3.12
CA VAL F 251 45.28 7.86 1.83
C VAL F 251 43.79 7.68 1.66
N ASN F 252 43.31 7.91 0.43
CA ASN F 252 41.89 7.98 0.12
C ASN F 252 41.55 7.19 -1.15
N PHE F 253 40.95 6.00 -1.00
CA PHE F 253 40.64 5.14 -2.15
C PHE F 253 39.19 5.19 -2.57
N ALA F 254 38.88 4.45 -3.62
CA ALA F 254 37.52 4.38 -4.14
C ALA F 254 37.05 2.95 -4.08
N ALA F 255 35.87 2.75 -3.48
CA ALA F 255 35.34 1.42 -3.34
C ALA F 255 33.89 1.45 -3.76
N GLY F 256 33.35 0.29 -4.11
CA GLY F 256 31.94 0.19 -4.42
C GLY F 256 31.60 0.59 -5.84
N GLY F 257 31.32 -0.39 -6.67
CA GLY F 257 30.88 -0.09 -8.01
C GLY F 257 31.88 -0.27 -9.13
N VAL F 258 33.18 -0.29 -8.82
CA VAL F 258 34.15 -0.46 -9.90
C VAL F 258 34.05 -1.79 -10.62
N ALA F 259 33.48 -1.80 -11.81
CA ALA F 259 33.19 -3.04 -12.49
C ALA F 259 34.02 -3.26 -13.77
N THR F 260 34.72 -2.20 -14.20
CA THR F 260 35.45 -2.19 -15.48
C THR F 260 36.69 -1.33 -15.39
N PRO F 261 37.59 -1.46 -16.36
CA PRO F 261 38.78 -0.61 -16.35
C PRO F 261 38.43 0.86 -16.62
N ALA F 262 37.38 1.11 -17.38
CA ALA F 262 36.97 2.50 -17.56
C ALA F 262 36.57 3.11 -16.21
N ASP F 263 35.85 2.33 -15.40
CA ASP F 263 35.47 2.76 -14.04
C ASP F 263 36.67 3.07 -13.15
N ALA F 264 37.69 2.20 -13.19
CA ALA F 264 38.90 2.46 -12.40
C ALA F 264 39.60 3.74 -12.88
N ALA F 265 39.77 3.84 -14.19
CA ALA F 265 40.36 5.02 -14.81
C ALA F 265 39.68 6.29 -14.29
N LEU F 266 38.35 6.24 -14.31
CA LEU F 266 37.55 7.41 -13.95
C LEU F 266 37.87 7.91 -12.55
N MET F 267 37.93 6.99 -11.58
CA MET F 267 38.21 7.35 -10.18
C MET F 267 39.61 7.93 -10.01
N MET F 268 40.60 7.39 -10.72
CA MET F 268 41.95 7.95 -10.61
C MET F 268 41.91 9.38 -11.10
N ALA F 269 41.15 9.59 -12.18
CA ALA F 269 41.09 10.89 -12.83
C ALA F 269 40.37 11.88 -11.94
N MET F 270 39.62 11.35 -10.98
CA MET F 270 38.95 12.23 -10.03
C MET F 270 39.81 12.48 -8.79
N GLY F 271 41.03 11.95 -8.81
CA GLY F 271 42.00 12.26 -7.76
C GLY F 271 42.09 11.25 -6.64
N MET F 272 41.64 10.01 -6.90
CA MET F 272 41.72 8.96 -5.90
C MET F 272 43.09 8.27 -5.88
N ASP F 273 43.65 8.20 -4.67
CA ASP F 273 44.89 7.51 -4.41
C ASP F 273 44.92 6.08 -5.01
N GLY F 274 43.77 5.40 -5.06
CA GLY F 274 43.71 4.05 -5.60
C GLY F 274 42.30 3.50 -5.63
N VAL F 275 42.15 2.21 -5.91
CA VAL F 275 40.82 1.63 -6.09
C VAL F 275 40.59 0.26 -5.41
N PHE F 276 39.40 0.06 -4.83
CA PHE F 276 39.00 -1.24 -4.25
C PHE F 276 38.08 -1.91 -5.26
N VAL F 277 38.25 -3.20 -5.52
CA VAL F 277 37.28 -3.91 -6.36
C VAL F 277 36.94 -5.25 -5.73
N GLY F 278 35.72 -5.72 -5.98
CA GLY F 278 35.21 -6.84 -5.22
C GLY F 278 34.33 -7.79 -5.97
N SER F 279 34.83 -9.03 -6.13
CA SER F 279 34.07 -10.18 -6.64
C SER F 279 33.43 -9.96 -8.01
N GLY F 280 33.41 -8.73 -8.49
CA GLY F 280 33.05 -8.47 -9.87
C GLY F 280 33.99 -9.32 -10.71
N ILE F 281 35.17 -9.58 -10.16
CA ILE F 281 36.14 -10.44 -10.81
C ILE F 281 35.78 -11.93 -10.69
N PHE F 282 35.13 -12.32 -9.59
CA PHE F 282 34.64 -13.69 -9.41
C PHE F 282 33.98 -14.14 -10.71
N LYS F 283 32.70 -13.75 -10.89
CA LYS F 283 32.01 -13.98 -12.16
C LYS F 283 32.40 -12.88 -13.15
N SER F 284 33.28 -13.21 -14.09
CA SER F 284 33.96 -12.18 -14.87
C SER F 284 33.51 -11.96 -16.32
N SER F 285 33.42 -13.01 -17.14
CA SER F 285 33.58 -14.41 -16.76
C SER F 285 35.03 -14.88 -16.66
N ASN F 286 35.95 -14.18 -17.34
CA ASN F 286 37.37 -14.50 -17.30
C ASN F 286 38.13 -13.65 -16.27
N PRO F 287 38.32 -14.19 -15.05
CA PRO F 287 38.89 -13.50 -13.89
C PRO F 287 40.37 -13.11 -14.00
N PRO F 288 41.24 -14.03 -14.42
CA PRO F 288 42.64 -13.63 -14.42
C PRO F 288 42.85 -12.45 -15.37
N LYS F 289 42.10 -12.45 -16.46
CA LYS F 289 42.20 -11.39 -17.45
C LYS F 289 41.60 -10.11 -16.90
N MET F 290 40.33 -10.19 -16.52
CA MET F 290 39.59 -9.03 -16.07
C MET F 290 40.34 -8.32 -14.94
N ALA F 291 41.05 -9.09 -14.14
CA ALA F 291 41.81 -8.53 -13.01
C ALA F 291 43.05 -7.74 -13.44
N ARG F 292 43.64 -8.12 -14.57
CA ARG F 292 44.84 -7.45 -15.06
C ARG F 292 44.47 -6.10 -15.69
N ALA F 293 43.36 -6.14 -16.42
CA ALA F 293 42.80 -4.94 -17.00
C ALA F 293 42.61 -3.83 -15.96
N ILE F 294 42.06 -4.20 -14.80
CA ILE F 294 41.78 -3.20 -13.77
C ILE F 294 43.08 -2.59 -13.32
N VAL F 295 44.10 -3.43 -13.25
CA VAL F 295 45.37 -3.04 -12.65
C VAL F 295 46.10 -2.15 -13.62
N GLU F 296 46.07 -2.50 -14.89
CA GLU F 296 46.72 -1.68 -15.90
C GLU F 296 46.04 -0.33 -15.94
N ALA F 297 44.71 -0.37 -16.00
CA ALA F 297 43.91 0.84 -16.09
C ALA F 297 44.23 1.85 -14.99
N VAL F 298 44.52 1.35 -13.79
CA VAL F 298 44.89 2.24 -12.69
C VAL F 298 46.30 2.75 -12.91
N ASN F 299 47.13 1.94 -13.57
CA ASN F 299 48.52 2.30 -13.84
C ASN F 299 48.71 3.34 -14.92
N HIS F 300 47.96 3.19 -16.01
CA HIS F 300 47.97 4.16 -17.11
C HIS F 300 46.62 4.87 -17.20
N TRP F 301 46.22 5.57 -16.16
CA TRP F 301 44.86 6.12 -16.16
C TRP F 301 44.68 7.33 -17.06
N ASP F 302 45.76 8.08 -17.30
CA ASP F 302 45.71 9.25 -18.21
C ASP F 302 46.02 8.91 -19.68
N GLU F 303 45.86 7.65 -20.07
CA GLU F 303 46.26 7.21 -21.40
C GLU F 303 45.15 6.47 -22.13
N PRO F 304 44.22 7.24 -22.72
CA PRO F 304 43.01 6.71 -23.35
C PRO F 304 43.28 5.65 -24.41
N ASP F 305 44.42 5.72 -25.07
CA ASP F 305 44.75 4.74 -26.12
C ASP F 305 45.11 3.40 -25.50
N VAL F 306 45.82 3.44 -24.38
CA VAL F 306 46.13 2.25 -23.59
C VAL F 306 44.85 1.64 -22.98
N LEU F 307 44.04 2.48 -22.34
CA LEU F 307 42.74 2.04 -21.80
C LEU F 307 41.89 1.33 -22.86
N ALA F 308 41.94 1.82 -24.08
CA ALA F 308 41.22 1.21 -25.18
C ALA F 308 41.69 -0.22 -25.42
N GLU F 309 43.01 -0.41 -25.41
CA GLU F 309 43.58 -1.73 -25.67
C GLU F 309 43.29 -2.66 -24.51
N ILE F 310 43.52 -2.17 -23.30
CA ILE F 310 43.27 -2.95 -22.11
C ILE F 310 41.84 -3.47 -22.09
N SER F 311 40.91 -2.68 -22.62
CA SER F 311 39.51 -3.05 -22.60
C SER F 311 39.18 -4.04 -23.70
N ARG F 312 40.14 -4.26 -24.59
CA ARG F 312 39.96 -5.12 -25.78
C ARG F 312 39.01 -6.28 -25.54
N GLU F 313 39.35 -7.21 -24.64
CA GLU F 313 38.43 -8.30 -24.36
C GLU F 313 38.36 -8.70 -22.89
N ILE F 314 37.19 -9.15 -22.48
CA ILE F 314 36.99 -9.66 -21.13
C ILE F 314 35.66 -10.40 -21.14
N GLY F 315 35.32 -11.08 -20.04
CA GLY F 315 34.05 -11.78 -19.94
C GLY F 315 32.90 -10.78 -19.82
N GLU F 316 31.74 -11.25 -19.37
CA GLU F 316 30.63 -10.36 -19.06
C GLU F 316 30.68 -9.97 -17.58
N PRO F 317 31.03 -8.70 -17.30
CA PRO F 317 31.50 -8.20 -16.01
C PRO F 317 30.43 -7.84 -14.95
N MET F 318 29.66 -8.82 -14.48
CA MET F 318 28.68 -8.59 -13.41
C MET F 318 27.56 -7.64 -13.83
N ARG F 319 26.34 -8.17 -13.88
CA ARG F 319 25.19 -7.43 -14.43
C ARG F 319 24.85 -6.16 -13.66
N GLY F 320 25.07 -6.20 -12.35
CA GLY F 320 24.75 -5.09 -11.47
C GLY F 320 23.29 -4.96 -11.04
N GLN F 321 23.03 -4.03 -10.13
CA GLN F 321 21.67 -3.59 -9.81
C GLN F 321 21.47 -2.07 -9.99
N ALA F 322 20.74 -1.70 -11.04
CA ALA F 322 20.50 -0.29 -11.40
C ALA F 322 19.74 0.47 -10.31
#